data_7DW9
#
_entry.id   7DW9
#
loop_
_entity.id
_entity.type
_entity.pdbx_description
1 polymer 'Vasopressin V2 receptor'
2 polymer 'Guanine nucleotide-binding protein G(s) subunit alpha isoforms short'
3 polymer 'Guanine nucleotide-binding protein G(I)/G(S)/G(T) subunit beta-1'
4 polymer 'Guanine nucleotide-binding protein G(I)/G(S)/G(O) subunit gamma-2'
5 polymer Nanobody35
6 polymer scFv16
7 polymer CYS-TYR-PHE-GLN-ASN-CYS-PRO-ARG-GLY-NH2
8 non-polymer CHOLESTEROL
#
loop_
_entity_poly.entity_id
_entity_poly.type
_entity_poly.pdbx_seq_one_letter_code
_entity_poly.pdbx_strand_id
1 'polypeptide(L)'
;HHHHHHHHHHADLEDNWETLNDNLKVIEKADNAAQVKDALTKMRAAALDAQKATPPKLEDKSPDSPEMKDFRHGFDILVG
QIDDALKLANEGKVKEAQAAAEQLKTTRNAYIQKYLMLMASTTSAVPGHPSLPSLPSNSSQERPLDTRDPLLARAELALL
SIVFVAVALSNGLVLAALARRGRRGHWAPIHVFIGHLCLADLAVALFQVLPQLAWKATDRFRGPDALCRAVKYLQMVGMY
ASSYMILAMTLDRHRAICRPMLAYRHGSGAHWNRPVLVAWAFSLLLSLPQLFIFAQRNVEGGSGVTDCWACFAEPWGRRT
YVTWIALMVFVAPTLGIAACQVLIFREIHASLVPGPSERPGGRRRGRRTGSPGEGAHVSAAVAKTVRMTLVIVVVYVLCW
APFFLVQLWAAWDPEAPLEGAPFVLLMLLASLNSCTNPWIYASFSSSVSSELRSLLCCARGRTPPSLGPQDESCTTASSS
LAKDTSSVFTLEDFVGDWEQTAAYNLDQVLEQGGVSSLLQNLAVSVTPIQRIVRSGENALKIDIHVIIPYEGLSADQMAQ
IEEVFKVVYPVDDHHFKVILPYGTLVIDGVTPNMLNYFGRPYEGIAVFDGKKITVTGTLWNGNKIIDERLITPDGSMLFR
VTINS
;
R
2 'polypeptide(L)'
;MGCTLSAEDKAAVERSKMIEKQLQKDKQVYRATHRLLLLGADNSGKSTIVKQMRIYHVNGYSEEECKQYKAVVYSNTIQS
IIAIIRAMGRLKIDFGDSARADDARQLFVLAGAAEEGFMTAELAGVIKRLWKDSGVQACFNRSREYQLNDSAAYYLNDLD
RIAQPNYIPTQQDVLRTRVKTSGIFETKFQVDKVNFHMFDVGAQRDERRKWIQCFNDVTAIIFVVDSSDYNRLQEALNDF
KSIWNNRWLRTISVILFLNKQDLLAEKVLAGKSKIEDYFPEFARYTTPEDATPEPGEDPRVTRAKYFIRDEFLRISTASG
DGRHYCYPHFTCSVDTENARRIFNDCRDIIQRMHLRQYELL
;
A
3 'polypeptide(L)'
;MGSLLQSELDQLRQEAEQLKNQIRDARKACADATLSQITNNIDPVGRIQMRTRRTLRGHLAKIYAMHWGTDSRLLVSASQ
DGKLIIWDSYTTNKVHAIPLRSSWVMTCAYAPSGNYVACGGLDNICSIYNLKTREGNVRVSRELAGHTGYLSCCRFLDDN
QIVTSSGDTTCALWDIETGQQTTTFTGHTGDVMSLSLAPDTRLFVSGACDASAKLWDVREGMCRQTFTGHESDINAICFF
PNGNAFATGSDDATCRLFDLRADQELMTYSHDNIICGITSVSFSKSGRLLLAGYDDFNCNVWDALKADRAGVLAGHDNRV
SCLGVTDDGMAVATGSWDSFLKIWNGSSGGGGSGGGGSSGVSGWRLFKKIS
;
B
4 'polypeptide(L)' MASNNTASIAQARKLVEQLKMEANIDRIKVSKAAADLMAYCEAHAKEDPLLTPVPASENPFREKKFFCAIL Y
5 'polypeptide(L)'
;MAQVQLQESGGGLVQPGGSLRLSCAASGFTFSNYKMNWVRQAPGKGLEWVSDISQSGASISYTGSVKGRFTISRDNAKNT
LYLQMNSLKPEDTAVYYCARCPAPFTRDCFDVTSTTYAYRGQGTQVTVSSHHHHHHEPEA
;
N
6 'polypeptide(L)'
;VQLVESGGGLVQPGGSRKLSCSASGFAFSSFGMHWVRQAPEKGLEWVAYISSGSGTIYYADTVKGRFTISRDDPKNTLFL
QMTSLRSEDTAMYYCVRSIYYYGSSPFDFWGQGTTLTVSAGGGGSGGGGSGGGGSADIVMTQATSSVPVTPGESVSISCR
SSKSLLHSNGNTYLYWFLQRPGQSPQLLIYRMSNLASGVPDRFSGSGSGTAFTLTISRLEAEDVGVYYCMQHLEYPLTFG
AGTKLEL
;
S
7 'polypeptide(L)' CYFQNCPRG(NH2) C
#
# COMPACT_ATOMS: atom_id res chain seq x y z
N THR A 147 9.49 -62.34 28.60
CA THR A 147 8.06 -62.45 28.23
C THR A 147 7.20 -61.44 29.00
N ARG A 148 5.99 -61.21 28.52
CA ARG A 148 5.09 -60.23 29.12
C ARG A 148 3.67 -60.78 29.10
N ASP A 149 2.87 -60.36 30.07
CA ASP A 149 1.46 -60.74 30.09
C ASP A 149 0.65 -59.81 29.21
N PRO A 150 -0.13 -60.34 28.26
CA PRO A 150 -1.07 -59.48 27.51
C PRO A 150 -2.05 -58.75 28.39
N LEU A 151 -2.32 -59.25 29.59
CA LEU A 151 -3.24 -58.60 30.51
C LEU A 151 -2.79 -57.19 30.88
N LEU A 152 -1.49 -56.94 30.93
CA LEU A 152 -1.00 -55.57 31.05
C LEU A 152 -0.63 -54.94 29.71
N ALA A 153 -0.08 -55.73 28.78
CA ALA A 153 0.32 -55.16 27.49
C ALA A 153 -0.86 -54.54 26.76
N ARG A 154 -2.04 -55.15 26.88
CA ARG A 154 -3.26 -54.56 26.33
C ARG A 154 -3.52 -53.16 26.86
N ALA A 155 -3.19 -52.90 28.12
CA ALA A 155 -3.38 -51.55 28.65
C ALA A 155 -2.41 -50.55 28.02
N GLU A 156 -1.16 -50.95 27.81
CA GLU A 156 -0.22 -50.08 27.11
C GLU A 156 -0.71 -49.76 25.70
N LEU A 157 -1.16 -50.78 24.96
CA LEU A 157 -1.67 -50.54 23.62
C LEU A 157 -2.91 -49.66 23.63
N ALA A 158 -3.82 -49.88 24.57
CA ALA A 158 -4.99 -49.01 24.68
C ALA A 158 -4.62 -47.58 25.01
N LEU A 159 -3.77 -47.39 26.02
CA LEU A 159 -3.32 -46.06 26.40
C LEU A 159 -2.73 -45.29 25.23
N LEU A 160 -1.80 -45.90 24.51
CA LEU A 160 -1.18 -45.25 23.36
C LEU A 160 -2.20 -44.97 22.25
N SER A 161 -3.16 -45.87 22.04
CA SER A 161 -4.19 -45.63 21.04
C SER A 161 -5.04 -44.42 21.39
N ILE A 162 -5.45 -44.29 22.65
CA ILE A 162 -6.23 -43.13 23.08
C ILE A 162 -5.43 -41.85 22.92
N VAL A 163 -4.20 -41.84 23.42
CA VAL A 163 -3.35 -40.65 23.31
C VAL A 163 -3.07 -40.30 21.85
N PHE A 164 -2.84 -41.31 21.01
CA PHE A 164 -2.59 -41.04 19.60
C PHE A 164 -3.73 -40.25 18.95
N VAL A 165 -4.97 -40.74 19.10
CA VAL A 165 -6.10 -40.05 18.49
C VAL A 165 -6.32 -38.67 19.14
N ALA A 166 -6.14 -38.57 20.45
CA ALA A 166 -6.32 -37.29 21.12
C ALA A 166 -5.40 -36.21 20.56
N VAL A 167 -4.11 -36.53 20.40
CA VAL A 167 -3.18 -35.58 19.78
C VAL A 167 -3.58 -35.29 18.34
N ALA A 168 -3.77 -36.33 17.54
CA ALA A 168 -4.00 -36.14 16.11
C ALA A 168 -5.26 -35.33 15.85
N LEU A 169 -6.36 -35.69 16.51
CA LEU A 169 -7.61 -34.94 16.33
C LEU A 169 -7.49 -33.49 16.78
N SER A 170 -7.02 -33.27 18.01
CA SER A 170 -7.04 -31.93 18.58
C SER A 170 -6.14 -30.95 17.81
N ASN A 171 -4.94 -31.38 17.44
CA ASN A 171 -4.06 -30.51 16.67
C ASN A 171 -4.54 -30.31 15.24
N GLY A 172 -5.04 -31.36 14.61
CA GLY A 172 -5.60 -31.21 13.27
C GLY A 172 -6.78 -30.26 13.23
N LEU A 173 -7.69 -30.38 14.19
CA LEU A 173 -8.86 -29.51 14.25
C LEU A 173 -8.46 -28.03 14.37
N VAL A 174 -7.61 -27.70 15.35
CA VAL A 174 -7.21 -26.31 15.54
C VAL A 174 -6.40 -25.80 14.35
N LEU A 175 -5.50 -26.64 13.83
CA LEU A 175 -4.73 -26.24 12.65
C LEU A 175 -5.63 -26.00 11.44
N ALA A 176 -6.68 -26.81 11.28
CA ALA A 176 -7.63 -26.59 10.19
C ALA A 176 -8.40 -25.28 10.38
N ALA A 177 -8.95 -25.05 11.57
CA ALA A 177 -9.65 -23.79 11.83
C ALA A 177 -8.73 -22.59 11.63
N LEU A 178 -7.49 -22.68 12.12
CA LEU A 178 -6.52 -21.62 11.88
C LEU A 178 -6.34 -21.35 10.39
N ALA A 179 -6.17 -22.42 9.60
CA ALA A 179 -6.08 -22.25 8.15
C ALA A 179 -7.37 -21.74 7.53
N ARG A 180 -8.52 -22.18 8.05
CA ARG A 180 -9.80 -21.69 7.56
C ARG A 180 -9.92 -20.18 7.74
N ARG A 181 -9.37 -19.65 8.84
CA ARG A 181 -9.17 -18.20 8.94
C ARG A 181 -8.01 -17.73 8.07
N GLY A 182 -6.90 -18.46 8.10
CA GLY A 182 -5.69 -18.02 7.42
C GLY A 182 -5.82 -17.85 5.92
N ARG A 183 -6.83 -18.47 5.31
CA ARG A 183 -7.12 -18.18 3.91
C ARG A 183 -7.67 -16.77 3.74
N ARG A 184 -8.13 -16.16 4.82
CA ARG A 184 -8.57 -14.77 4.81
C ARG A 184 -7.36 -13.86 4.99
N GLY A 185 -7.62 -12.57 5.21
CA GLY A 185 -6.61 -11.64 5.68
C GLY A 185 -6.31 -11.78 7.15
N HIS A 186 -5.64 -10.75 7.69
CA HIS A 186 -5.42 -10.60 9.12
C HIS A 186 -4.67 -11.79 9.74
N TRP A 187 -3.68 -12.30 9.01
CA TRP A 187 -2.86 -13.41 9.50
C TRP A 187 -1.82 -12.82 10.45
N ALA A 188 -2.20 -12.73 11.73
CA ALA A 188 -1.39 -12.04 12.74
C ALA A 188 -0.22 -12.89 13.21
N PRO A 189 0.83 -12.24 13.76
CA PRO A 189 1.99 -13.00 14.21
C PRO A 189 1.70 -14.01 15.30
N ILE A 190 0.71 -13.75 16.17
CA ILE A 190 0.27 -14.76 17.13
C ILE A 190 -0.13 -16.04 16.42
N HIS A 191 -0.75 -15.93 15.26
CA HIS A 191 -1.18 -17.11 14.51
C HIS A 191 -0.01 -17.93 13.99
N VAL A 192 1.11 -17.29 13.66
CA VAL A 192 2.27 -18.04 13.20
C VAL A 192 2.77 -18.97 14.29
N PHE A 193 2.88 -18.48 15.53
CA PHE A 193 3.32 -19.33 16.62
C PHE A 193 2.31 -20.41 16.97
N ILE A 194 1.02 -20.09 16.96
CA ILE A 194 0.01 -21.12 17.21
C ILE A 194 0.06 -22.20 16.14
N GLY A 195 0.29 -21.81 14.89
CA GLY A 195 0.45 -22.77 13.82
C GLY A 195 1.61 -23.73 13.99
N HIS A 196 2.81 -23.19 14.09
CA HIS A 196 4.01 -24.01 14.24
C HIS A 196 4.00 -24.85 15.50
N LEU A 197 3.32 -24.38 16.55
CA LEU A 197 3.12 -25.24 17.72
C LEU A 197 2.32 -26.48 17.38
N CYS A 198 1.21 -26.33 16.65
CA CYS A 198 0.43 -27.50 16.24
C CYS A 198 1.21 -28.46 15.33
N LEU A 199 2.07 -27.93 14.45
CA LEU A 199 2.91 -28.81 13.65
C LEU A 199 3.87 -29.63 14.51
N ALA A 200 4.52 -28.99 15.48
CA ALA A 200 5.37 -29.71 16.40
C ALA A 200 4.61 -30.78 17.17
N ASP A 201 3.35 -30.51 17.52
CA ASP A 201 2.56 -31.49 18.23
C ASP A 201 2.07 -32.65 17.34
N LEU A 202 1.79 -32.40 16.07
CA LEU A 202 1.57 -33.52 15.14
C LEU A 202 2.80 -34.38 14.94
N ALA A 203 3.98 -33.77 14.87
CA ALA A 203 5.20 -34.56 14.80
C ALA A 203 5.36 -35.46 16.01
N VAL A 204 4.90 -35.03 17.19
CA VAL A 204 4.84 -35.92 18.34
C VAL A 204 3.94 -37.12 18.07
N ALA A 205 2.74 -36.87 17.52
CA ALA A 205 1.83 -37.96 17.19
C ALA A 205 2.42 -38.93 16.18
N LEU A 206 2.91 -38.41 15.05
CA LEU A 206 3.32 -39.28 13.95
C LEU A 206 4.65 -39.99 14.17
N PHE A 207 5.56 -39.42 14.96
CA PHE A 207 6.91 -39.95 15.07
C PHE A 207 7.36 -40.32 16.48
N GLN A 208 6.67 -39.86 17.52
CA GLN A 208 6.90 -40.40 18.85
C GLN A 208 5.90 -41.50 19.20
N VAL A 209 4.60 -41.19 19.18
CA VAL A 209 3.62 -42.12 19.72
C VAL A 209 3.39 -43.30 18.77
N LEU A 210 3.17 -43.01 17.49
CA LEU A 210 2.81 -44.08 16.55
C LEU A 210 3.90 -45.14 16.42
N PRO A 211 5.17 -44.81 16.27
CA PRO A 211 6.19 -45.87 16.27
C PRO A 211 6.29 -46.64 17.57
N GLN A 212 6.02 -45.98 18.70
CA GLN A 212 6.01 -46.70 19.97
C GLN A 212 4.86 -47.70 20.03
N LEU A 213 3.68 -47.31 19.55
CA LEU A 213 2.55 -48.23 19.51
C LEU A 213 2.78 -49.37 18.55
N ALA A 214 3.22 -49.06 17.32
CA ALA A 214 3.53 -50.11 16.35
C ALA A 214 4.61 -51.04 16.86
N TRP A 215 5.61 -50.51 17.56
CA TRP A 215 6.57 -51.36 18.25
C TRP A 215 5.85 -52.16 19.33
N LYS A 216 5.33 -51.50 20.35
CA LYS A 216 4.89 -52.23 21.53
C LYS A 216 3.70 -53.13 21.24
N ALA A 217 2.97 -52.90 20.15
CA ALA A 217 1.98 -53.89 19.74
C ALA A 217 2.62 -55.21 19.35
N THR A 218 3.83 -55.16 18.80
CA THR A 218 4.67 -56.35 18.65
C THR A 218 5.57 -56.47 19.87
N ASP A 219 6.17 -57.65 20.04
CA ASP A 219 6.99 -57.91 21.21
C ASP A 219 8.40 -57.36 21.06
N ARG A 220 8.86 -57.12 19.83
CA ARG A 220 10.25 -56.72 19.60
C ARG A 220 10.29 -55.82 18.38
N PHE A 221 11.35 -55.01 18.30
CA PHE A 221 11.55 -54.13 17.15
C PHE A 221 11.93 -55.00 15.96
N ARG A 222 10.98 -55.23 15.06
CA ARG A 222 11.15 -56.11 13.91
C ARG A 222 11.82 -55.37 12.74
N GLY A 223 13.10 -55.01 12.95
CA GLY A 223 13.85 -54.36 11.90
C GLY A 223 15.31 -54.12 12.24
N PRO A 224 16.10 -53.76 11.23
CA PRO A 224 17.54 -53.61 11.43
C PRO A 224 17.93 -52.41 12.29
N ASP A 225 19.15 -52.47 12.80
CA ASP A 225 19.71 -51.37 13.58
C ASP A 225 19.75 -50.07 12.78
N ALA A 226 20.07 -50.15 11.50
CA ALA A 226 20.06 -48.96 10.64
C ALA A 226 18.69 -48.33 10.54
N LEU A 227 17.61 -49.11 10.71
CA LEU A 227 16.30 -48.51 10.87
C LEU A 227 16.07 -47.95 12.28
N CYS A 228 16.33 -48.76 13.31
CA CYS A 228 15.94 -48.36 14.66
C CYS A 228 16.61 -47.05 15.07
N ARG A 229 17.89 -46.89 14.77
CA ARG A 229 18.57 -45.64 15.11
C ARG A 229 17.84 -44.42 14.59
N ALA A 230 17.35 -44.47 13.35
CA ALA A 230 16.54 -43.37 12.84
C ALA A 230 15.24 -43.17 13.62
N VAL A 231 14.56 -44.26 13.96
CA VAL A 231 13.33 -44.14 14.74
C VAL A 231 13.61 -43.56 16.13
N LYS A 232 14.61 -44.10 16.83
CA LYS A 232 14.93 -43.61 18.16
C LYS A 232 15.34 -42.14 18.13
N TYR A 233 16.01 -41.71 17.07
CA TYR A 233 16.27 -40.28 16.87
C TYR A 233 14.99 -39.48 16.71
N LEU A 234 14.13 -39.86 15.77
CA LEU A 234 12.91 -39.11 15.51
C LEU A 234 11.92 -39.12 16.66
N GLN A 235 11.91 -40.16 17.49
CA GLN A 235 11.10 -40.11 18.70
C GLN A 235 11.46 -38.94 19.61
N MET A 236 12.74 -38.56 19.64
CA MET A 236 13.18 -37.54 20.58
C MET A 236 12.92 -36.12 20.08
N VAL A 237 12.94 -35.91 18.76
CA VAL A 237 12.75 -34.57 18.19
C VAL A 237 11.42 -33.97 18.65
N GLY A 238 10.37 -34.79 18.71
CA GLY A 238 9.07 -34.25 19.10
C GLY A 238 9.05 -33.58 20.46
N MET A 239 9.80 -34.12 21.43
CA MET A 239 9.86 -33.49 22.74
C MET A 239 10.44 -32.08 22.68
N TYR A 240 11.64 -31.93 22.15
CA TYR A 240 12.28 -30.61 22.12
C TYR A 240 11.50 -29.59 21.29
N ALA A 241 10.94 -30.00 20.16
CA ALA A 241 10.16 -29.06 19.36
C ALA A 241 8.93 -28.56 20.11
N SER A 242 8.13 -29.47 20.65
CA SER A 242 6.92 -29.07 21.37
C SER A 242 7.22 -28.18 22.56
N SER A 243 8.30 -28.46 23.29
CA SER A 243 8.67 -27.62 24.43
C SER A 243 9.11 -26.22 24.01
N TYR A 244 10.12 -26.12 23.16
CA TYR A 244 10.69 -24.81 22.84
C TYR A 244 9.80 -23.94 21.96
N MET A 245 8.81 -24.50 21.27
CA MET A 245 7.83 -23.64 20.63
C MET A 245 7.07 -22.79 21.66
N ILE A 246 6.75 -23.37 22.82
CA ILE A 246 6.08 -22.60 23.85
C ILE A 246 6.99 -21.52 24.40
N LEU A 247 8.26 -21.85 24.64
CA LEU A 247 9.20 -20.86 25.14
C LEU A 247 9.39 -19.71 24.15
N ALA A 248 9.58 -20.04 22.87
CA ALA A 248 9.73 -19.01 21.85
C ALA A 248 8.51 -18.10 21.76
N MET A 249 7.31 -18.69 21.76
CA MET A 249 6.09 -17.88 21.75
C MET A 249 5.99 -16.96 22.95
N THR A 250 6.39 -17.42 24.13
CA THR A 250 6.30 -16.60 25.32
C THR A 250 7.32 -15.45 25.31
N LEU A 251 8.54 -15.71 24.86
CA LEU A 251 9.52 -14.63 24.75
C LEU A 251 9.09 -13.57 23.76
N ASP A 252 8.45 -13.97 22.67
CA ASP A 252 7.96 -12.99 21.70
C ASP A 252 6.85 -12.12 22.28
N ARG A 253 5.92 -12.72 23.01
CA ARG A 253 4.91 -11.94 23.71
C ARG A 253 5.53 -10.96 24.70
N HIS A 254 6.53 -11.40 25.45
CA HIS A 254 7.22 -10.49 26.37
C HIS A 254 7.89 -9.35 25.62
N ARG A 255 8.63 -9.66 24.57
CA ARG A 255 9.29 -8.62 23.78
C ARG A 255 8.29 -7.63 23.22
N ALA A 256 7.16 -8.12 22.70
CA ALA A 256 6.16 -7.22 22.12
C ALA A 256 5.54 -6.25 23.11
N ILE A 257 5.46 -6.61 24.39
CA ILE A 257 4.75 -5.81 25.38
C ILE A 257 5.70 -5.11 26.35
N CYS A 258 6.78 -5.76 26.74
CA CYS A 258 7.71 -5.13 27.67
C CYS A 258 8.78 -4.28 27.01
N ARG A 259 8.98 -4.40 25.70
CA ARG A 259 9.87 -3.50 24.97
C ARG A 259 9.21 -3.00 23.69
N PRO A 260 8.14 -2.22 23.82
CA PRO A 260 7.31 -1.92 22.64
C PRO A 260 8.03 -1.17 21.55
N MET A 261 9.00 -0.33 21.90
CA MET A 261 9.69 0.49 20.91
C MET A 261 10.78 -0.27 20.16
N LEU A 262 11.19 -1.43 20.65
CA LEU A 262 12.28 -2.19 20.03
C LEU A 262 11.73 -2.84 18.77
N ALA A 263 12.04 -2.27 17.62
CA ALA A 263 11.67 -2.82 16.32
C ALA A 263 12.72 -3.83 15.86
N TYR A 264 12.28 -5.07 15.66
CA TYR A 264 13.19 -6.13 15.24
C TYR A 264 13.68 -5.90 13.81
N ARG A 265 15.00 -6.01 13.62
CA ARG A 265 15.62 -5.59 12.38
C ARG A 265 15.39 -6.56 11.23
N HIS A 266 15.33 -7.86 11.51
CA HIS A 266 15.33 -8.86 10.44
C HIS A 266 13.93 -9.17 9.92
N GLY A 267 13.89 -9.63 8.68
CA GLY A 267 12.64 -9.92 7.99
C GLY A 267 11.93 -11.16 8.51
N SER A 268 10.73 -11.34 7.97
CA SER A 268 9.87 -12.47 8.30
C SER A 268 9.05 -12.82 7.06
N GLY A 269 8.68 -14.09 6.94
CA GLY A 269 7.63 -14.49 6.04
C GLY A 269 6.26 -14.26 6.63
N ALA A 270 5.24 -14.63 5.84
CA ALA A 270 3.89 -14.74 6.38
C ALA A 270 3.73 -15.98 7.26
N HIS A 271 4.49 -17.04 7.00
CA HIS A 271 4.29 -18.32 7.67
C HIS A 271 5.52 -18.78 8.45
N TRP A 272 6.55 -17.95 8.59
CA TRP A 272 7.72 -18.36 9.34
C TRP A 272 8.38 -17.16 9.99
N ASN A 273 9.07 -17.41 11.11
CA ASN A 273 9.88 -16.41 11.77
C ASN A 273 11.18 -17.05 12.21
N ARG A 274 12.22 -16.24 12.36
CA ARG A 274 13.49 -16.79 12.82
C ARG A 274 13.38 -17.47 14.19
N PRO A 275 12.62 -16.95 15.15
CA PRO A 275 12.42 -17.69 16.41
C PRO A 275 11.92 -19.12 16.25
N VAL A 276 10.96 -19.34 15.36
CA VAL A 276 10.46 -20.69 15.09
C VAL A 276 11.55 -21.57 14.52
N LEU A 277 12.31 -21.05 13.55
CA LEU A 277 13.36 -21.85 12.93
C LEU A 277 14.46 -22.24 13.91
N VAL A 278 14.79 -21.36 14.84
CA VAL A 278 15.76 -21.73 15.89
C VAL A 278 15.22 -22.85 16.76
N ALA A 279 13.92 -22.81 17.10
CA ALA A 279 13.33 -23.89 17.89
C ALA A 279 13.38 -25.24 17.17
N TRP A 280 13.05 -25.28 15.89
CA TRP A 280 13.23 -26.51 15.11
C TRP A 280 14.69 -26.93 15.02
N ALA A 281 15.58 -25.99 14.72
CA ALA A 281 16.99 -26.33 14.56
C ALA A 281 17.57 -27.00 15.80
N PHE A 282 17.32 -26.45 16.98
CA PHE A 282 17.78 -27.10 18.21
C PHE A 282 17.10 -28.44 18.46
N SER A 283 15.83 -28.59 18.08
CA SER A 283 15.16 -29.88 18.28
C SER A 283 15.82 -30.99 17.47
N LEU A 284 16.27 -30.68 16.25
CA LEU A 284 17.01 -31.65 15.45
C LEU A 284 18.41 -31.91 16.01
N LEU A 285 19.13 -30.86 16.39
CA LEU A 285 20.49 -31.04 16.87
C LEU A 285 20.54 -31.87 18.16
N LEU A 286 19.73 -31.51 19.15
CA LEU A 286 19.81 -32.17 20.45
C LEU A 286 19.39 -33.64 20.40
N SER A 287 18.60 -34.05 19.41
CA SER A 287 18.19 -35.45 19.28
C SER A 287 19.31 -36.37 18.80
N LEU A 288 20.42 -35.83 18.30
CA LEU A 288 21.44 -36.65 17.68
C LEU A 288 21.99 -37.77 18.56
N PRO A 289 22.22 -37.58 19.86
CA PRO A 289 22.82 -38.66 20.67
C PRO A 289 22.04 -39.96 20.64
N GLN A 290 20.75 -39.95 20.31
CA GLN A 290 20.02 -41.19 20.14
C GLN A 290 20.70 -42.16 19.18
N LEU A 291 21.39 -41.64 18.16
CA LEU A 291 22.10 -42.49 17.22
C LEU A 291 23.28 -43.23 17.85
N PHE A 292 23.90 -42.66 18.87
CA PHE A 292 24.95 -43.37 19.60
C PHE A 292 24.40 -44.30 20.67
N ILE A 293 23.31 -43.90 21.34
CA ILE A 293 22.78 -44.69 22.44
C ILE A 293 22.23 -46.02 21.95
N PHE A 294 21.45 -46.02 20.88
CA PHE A 294 20.68 -47.21 20.52
C PHE A 294 21.31 -48.00 19.39
N ALA A 295 21.17 -49.32 19.48
CA ALA A 295 21.54 -50.25 18.42
C ALA A 295 20.72 -51.53 18.65
N GLN A 296 20.68 -52.38 17.62
CA GLN A 296 20.33 -53.78 17.83
C GLN A 296 21.44 -54.48 18.59
N ARG A 297 21.10 -55.09 19.72
CA ARG A 297 22.09 -55.72 20.58
C ARG A 297 21.56 -57.07 21.05
N ASN A 298 22.50 -57.95 21.39
CA ASN A 298 22.19 -59.29 21.89
C ASN A 298 21.76 -59.26 23.36
N VAL A 299 20.67 -58.52 23.61
CA VAL A 299 19.91 -58.75 24.83
C VAL A 299 19.20 -60.09 24.72
N GLU A 300 19.42 -60.95 25.71
CA GLU A 300 18.91 -62.31 25.67
C GLU A 300 18.89 -62.92 27.07
N VAL A 305 16.45 -62.87 21.29
CA VAL A 305 17.86 -63.06 21.01
C VAL A 305 18.51 -61.71 20.74
N THR A 306 17.73 -60.78 20.19
CA THR A 306 18.18 -59.41 20.01
C THR A 306 16.99 -58.48 20.16
N ASP A 307 17.31 -57.23 20.50
CA ASP A 307 16.34 -56.14 20.40
C ASP A 307 17.10 -54.84 20.21
N CYS A 308 16.37 -53.82 19.76
CA CYS A 308 16.90 -52.47 19.74
C CYS A 308 17.00 -51.96 21.18
N TRP A 309 18.21 -51.62 21.60
CA TRP A 309 18.53 -51.57 23.02
C TRP A 309 19.57 -50.48 23.26
N ALA A 310 19.52 -49.88 24.44
CA ALA A 310 20.43 -48.83 24.85
C ALA A 310 21.49 -49.37 25.80
N CYS A 311 22.73 -48.91 25.62
CA CYS A 311 23.81 -49.20 26.55
C CYS A 311 24.57 -47.92 26.86
N PHE A 312 24.99 -47.79 28.12
CA PHE A 312 25.62 -46.58 28.65
C PHE A 312 26.93 -46.94 29.32
N ALA A 313 27.94 -46.10 29.11
CA ALA A 313 29.14 -46.17 29.93
C ALA A 313 28.79 -45.94 31.40
N GLU A 314 29.24 -46.86 32.25
CA GLU A 314 28.64 -47.08 33.56
C GLU A 314 28.81 -45.90 34.51
N PRO A 315 29.97 -45.21 34.54
CA PRO A 315 30.12 -44.10 35.49
C PRO A 315 29.18 -42.96 35.17
N TRP A 316 29.11 -42.57 33.90
CA TRP A 316 28.17 -41.55 33.49
C TRP A 316 26.75 -42.12 33.49
N GLY A 317 26.61 -43.33 32.95
CA GLY A 317 25.40 -44.10 33.00
C GLY A 317 24.19 -43.41 32.39
N ARG A 318 23.04 -44.02 32.69
CA ARG A 318 21.76 -43.38 32.48
C ARG A 318 21.62 -42.09 33.28
N ARG A 319 22.24 -42.03 34.46
CA ARG A 319 22.11 -40.87 35.32
C ARG A 319 22.40 -39.56 34.59
N THR A 320 23.56 -39.47 33.94
CA THR A 320 23.96 -38.22 33.31
C THR A 320 23.03 -37.84 32.15
N TYR A 321 22.74 -38.80 31.26
CA TYR A 321 21.89 -38.51 30.12
C TYR A 321 20.46 -38.16 30.54
N VAL A 322 19.83 -39.01 31.36
CA VAL A 322 18.43 -38.79 31.71
C VAL A 322 18.23 -37.50 32.48
N THR A 323 19.14 -37.19 33.41
CA THR A 323 19.05 -35.90 34.11
C THR A 323 19.21 -34.72 33.16
N TRP A 324 20.09 -34.84 32.18
CA TRP A 324 20.22 -33.77 31.19
C TRP A 324 18.92 -33.54 30.41
N ILE A 325 18.23 -34.61 30.01
CA ILE A 325 16.93 -34.43 29.37
C ILE A 325 15.95 -33.71 30.29
N ALA A 326 15.87 -34.12 31.54
CA ALA A 326 14.93 -33.48 32.46
C ALA A 326 15.22 -31.99 32.62
N LEU A 327 16.49 -31.62 32.73
CA LEU A 327 16.84 -30.21 32.77
C LEU A 327 16.46 -29.49 31.48
N MET A 328 16.74 -30.09 30.34
CA MET A 328 16.55 -29.40 29.07
C MET A 328 15.07 -29.27 28.69
N VAL A 329 14.28 -30.31 28.92
CA VAL A 329 12.90 -30.35 28.45
C VAL A 329 11.91 -29.87 29.50
N PHE A 330 12.10 -30.22 30.77
CA PHE A 330 11.11 -29.91 31.79
C PHE A 330 11.46 -28.67 32.59
N VAL A 331 12.63 -28.66 33.25
CA VAL A 331 12.92 -27.63 34.23
C VAL A 331 13.11 -26.27 33.58
N ALA A 332 14.12 -26.14 32.72
CA ALA A 332 14.45 -24.82 32.18
C ALA A 332 13.32 -24.16 31.41
N PRO A 333 12.56 -24.84 30.56
CA PRO A 333 11.40 -24.18 29.95
C PRO A 333 10.37 -23.67 30.94
N THR A 334 10.11 -24.41 32.03
CA THR A 334 9.16 -23.93 33.02
C THR A 334 9.61 -22.63 33.65
N LEU A 335 10.88 -22.55 34.04
CA LEU A 335 11.40 -21.29 34.58
C LEU A 335 11.29 -20.16 33.58
N GLY A 336 11.70 -20.41 32.33
CA GLY A 336 11.63 -19.37 31.32
C GLY A 336 10.22 -18.90 31.05
N ILE A 337 9.26 -19.82 30.97
CA ILE A 337 7.87 -19.44 30.77
C ILE A 337 7.34 -18.65 31.96
N ALA A 338 7.60 -19.12 33.17
CA ALA A 338 7.12 -18.41 34.35
C ALA A 338 7.72 -17.01 34.46
N ALA A 339 9.03 -16.89 34.28
CA ALA A 339 9.67 -15.58 34.37
C ALA A 339 9.08 -14.56 33.40
N CYS A 340 8.95 -14.93 32.13
CA CYS A 340 8.38 -14.00 31.16
C CYS A 340 6.95 -13.61 31.49
N GLN A 341 6.11 -14.56 31.91
CA GLN A 341 4.73 -14.24 32.25
C GLN A 341 4.62 -13.35 33.48
N VAL A 342 5.49 -13.53 34.47
CA VAL A 342 5.52 -12.62 35.60
C VAL A 342 5.89 -11.21 35.19
N LEU A 343 6.90 -11.06 34.34
CA LEU A 343 7.31 -9.73 33.87
C LEU A 343 6.22 -9.05 33.06
N ILE A 344 5.50 -9.79 32.23
CA ILE A 344 4.37 -9.21 31.51
C ILE A 344 3.31 -8.69 32.48
N PHE A 345 2.97 -9.48 33.50
CA PHE A 345 2.01 -9.02 34.49
C PHE A 345 2.46 -7.72 35.16
N ARG A 346 3.71 -7.67 35.60
CA ARG A 346 4.21 -6.45 36.25
C ARG A 346 4.11 -5.25 35.33
N GLU A 347 4.51 -5.39 34.08
CA GLU A 347 4.45 -4.28 33.13
C GLU A 347 3.03 -3.79 32.90
N ILE A 348 2.09 -4.70 32.66
CA ILE A 348 0.71 -4.28 32.45
C ILE A 348 0.13 -3.65 33.70
N HIS A 349 0.39 -4.27 34.86
CA HIS A 349 -0.14 -3.73 36.10
C HIS A 349 0.40 -2.34 36.40
N ALA A 350 1.66 -2.08 36.04
CA ALA A 350 2.21 -0.73 36.21
C ALA A 350 1.63 0.30 35.26
N SER A 351 0.95 -0.10 34.20
CA SER A 351 0.40 0.87 33.26
C SER A 351 -0.72 1.66 33.92
N SER A 379 -8.11 -4.41 35.77
CA SER A 379 -8.11 -4.25 34.32
C SER A 379 -8.27 -5.61 33.64
N ALA A 380 -9.08 -5.64 32.58
CA ALA A 380 -9.33 -6.90 31.88
C ALA A 380 -8.04 -7.51 31.33
N ALA A 381 -7.10 -6.67 30.89
CA ALA A 381 -5.82 -7.17 30.44
C ALA A 381 -5.00 -7.77 31.58
N VAL A 382 -5.11 -7.20 32.78
CA VAL A 382 -4.50 -7.82 33.95
C VAL A 382 -5.22 -9.13 34.28
N ALA A 383 -6.54 -9.11 34.31
CA ALA A 383 -7.31 -10.31 34.61
C ALA A 383 -6.99 -11.45 33.65
N LYS A 384 -7.00 -11.19 32.34
CA LYS A 384 -6.67 -12.24 31.38
C LYS A 384 -5.24 -12.72 31.52
N THR A 385 -4.31 -11.82 31.84
CA THR A 385 -2.94 -12.25 32.11
C THR A 385 -2.87 -13.18 33.32
N VAL A 386 -3.57 -12.85 34.40
CA VAL A 386 -3.60 -13.71 35.58
C VAL A 386 -4.20 -15.07 35.28
N ARG A 387 -5.30 -15.12 34.54
CA ARG A 387 -5.85 -16.42 34.14
C ARG A 387 -4.86 -17.26 33.35
N MET A 388 -4.30 -16.73 32.28
CA MET A 388 -3.46 -17.56 31.41
C MET A 388 -2.14 -17.96 32.06
N THR A 389 -1.54 -17.09 32.87
CA THR A 389 -0.29 -17.48 33.52
C THR A 389 -0.47 -18.68 34.45
N LEU A 390 -1.57 -18.72 35.20
CA LEU A 390 -1.83 -19.86 36.07
C LEU A 390 -2.09 -21.13 35.27
N VAL A 391 -2.96 -21.06 34.27
CA VAL A 391 -3.25 -22.23 33.44
C VAL A 391 -1.99 -22.78 32.82
N ILE A 392 -1.18 -21.93 32.19
CA ILE A 392 -0.02 -22.42 31.46
C ILE A 392 0.97 -23.11 32.39
N VAL A 393 1.38 -22.44 33.47
CA VAL A 393 2.41 -23.01 34.32
C VAL A 393 1.89 -24.21 35.10
N VAL A 394 0.63 -24.21 35.52
CA VAL A 394 0.06 -25.38 36.18
C VAL A 394 -0.02 -26.57 35.23
N VAL A 395 -0.68 -26.39 34.08
CA VAL A 395 -0.91 -27.52 33.19
C VAL A 395 0.40 -28.09 32.67
N TYR A 396 1.36 -27.22 32.38
CA TYR A 396 2.68 -27.68 31.92
C TYR A 396 3.35 -28.58 32.95
N VAL A 397 3.33 -28.20 34.22
CA VAL A 397 3.92 -29.02 35.26
C VAL A 397 3.17 -30.34 35.44
N LEU A 398 1.84 -30.29 35.48
CA LEU A 398 1.07 -31.51 35.67
C LEU A 398 1.25 -32.53 34.56
N CYS A 399 1.51 -32.10 33.33
CA CYS A 399 1.79 -33.06 32.27
C CYS A 399 3.18 -33.67 32.41
N TRP A 400 4.19 -32.86 32.63
CA TRP A 400 5.56 -33.37 32.60
C TRP A 400 6.02 -34.00 33.90
N ALA A 401 5.55 -33.50 35.05
CA ALA A 401 6.13 -33.96 36.31
C ALA A 401 5.93 -35.45 36.55
N PRO A 402 4.79 -36.06 36.23
CA PRO A 402 4.66 -37.51 36.45
C PRO A 402 5.61 -38.35 35.61
N PHE A 403 5.71 -38.06 34.32
CA PHE A 403 6.63 -38.79 33.44
C PHE A 403 8.08 -38.67 33.90
N PHE A 404 8.59 -37.46 34.05
CA PHE A 404 9.99 -37.28 34.43
C PHE A 404 10.29 -37.81 35.83
N LEU A 405 9.33 -37.76 36.75
CA LEU A 405 9.57 -38.34 38.07
C LEU A 405 9.88 -39.84 37.95
N VAL A 406 9.07 -40.58 37.21
CA VAL A 406 9.29 -42.01 37.05
C VAL A 406 10.56 -42.29 36.24
N GLN A 407 10.80 -41.54 35.18
CA GLN A 407 12.02 -41.71 34.39
C GLN A 407 13.28 -41.48 35.21
N LEU A 408 13.32 -40.43 36.01
CA LEU A 408 14.49 -40.20 36.85
C LEU A 408 14.66 -41.27 37.91
N TRP A 409 13.57 -41.67 38.56
CA TRP A 409 13.63 -42.73 39.55
C TRP A 409 14.17 -44.03 38.97
N ALA A 410 13.65 -44.45 37.82
CA ALA A 410 14.19 -45.64 37.16
C ALA A 410 15.67 -45.49 36.83
N ALA A 411 16.10 -44.29 36.47
CA ALA A 411 17.50 -44.06 36.14
C ALA A 411 18.40 -44.02 37.37
N TRP A 412 17.90 -43.54 38.49
CA TRP A 412 18.70 -43.38 39.70
C TRP A 412 18.60 -44.54 40.66
N ASP A 413 17.45 -45.22 40.73
CA ASP A 413 17.27 -46.32 41.66
C ASP A 413 17.41 -47.63 40.90
N PRO A 414 18.42 -48.45 41.18
CA PRO A 414 18.59 -49.72 40.46
C PRO A 414 17.55 -50.76 40.81
N GLU A 415 16.71 -50.53 41.82
CA GLU A 415 15.72 -51.48 42.29
C GLU A 415 14.35 -50.84 42.43
N ALA A 416 14.08 -49.81 41.63
CA ALA A 416 12.73 -49.31 41.46
C ALA A 416 11.79 -50.42 40.99
N PRO A 417 10.49 -50.29 41.26
CA PRO A 417 9.51 -51.32 40.86
C PRO A 417 9.16 -51.25 39.38
N LEU A 418 10.21 -51.38 38.54
CA LEU A 418 10.07 -51.13 37.11
C LEU A 418 8.94 -51.93 36.50
N GLU A 419 8.73 -53.16 36.97
CA GLU A 419 7.68 -54.02 36.45
C GLU A 419 6.29 -53.64 36.95
N GLY A 420 6.17 -52.74 37.91
CA GLY A 420 4.87 -52.42 38.46
C GLY A 420 4.00 -51.72 37.43
N ALA A 421 2.74 -52.15 37.35
CA ALA A 421 1.81 -51.66 36.32
C ALA A 421 1.75 -50.14 36.20
N PRO A 422 1.56 -49.37 37.27
CA PRO A 422 1.55 -47.90 37.09
C PRO A 422 2.89 -47.36 36.66
N PHE A 423 3.99 -47.93 37.15
CA PHE A 423 5.32 -47.51 36.72
C PHE A 423 5.50 -47.72 35.22
N VAL A 424 5.14 -48.91 34.73
CA VAL A 424 5.19 -49.18 33.29
C VAL A 424 4.32 -48.22 32.50
N LEU A 425 3.14 -47.88 33.01
CA LEU A 425 2.24 -46.98 32.28
C LEU A 425 2.71 -45.53 32.31
N LEU A 426 3.13 -45.04 33.47
CA LEU A 426 3.63 -43.67 33.54
C LEU A 426 4.87 -43.44 32.70
N MET A 427 5.71 -44.45 32.55
CA MET A 427 6.87 -44.36 31.65
C MET A 427 6.48 -43.99 30.22
N LEU A 428 5.24 -44.23 29.80
CA LEU A 428 4.82 -43.96 28.42
C LEU A 428 4.25 -42.56 28.21
N LEU A 429 3.84 -41.87 29.27
CA LEU A 429 2.81 -40.83 29.21
C LEU A 429 3.32 -39.50 28.67
N ALA A 430 4.59 -39.41 28.28
CA ALA A 430 5.21 -38.12 27.95
C ALA A 430 4.34 -37.24 27.04
N SER A 431 3.69 -37.82 26.04
CA SER A 431 2.98 -37.01 25.05
C SER A 431 1.70 -36.36 25.56
N LEU A 432 1.35 -36.54 26.83
CA LEU A 432 0.12 -35.96 27.36
C LEU A 432 0.06 -34.45 27.17
N ASN A 433 1.19 -33.76 27.39
CA ASN A 433 1.22 -32.32 27.21
C ASN A 433 0.84 -31.88 25.79
N SER A 434 1.20 -32.67 24.79
CA SER A 434 0.87 -32.35 23.41
C SER A 434 -0.62 -32.37 23.12
N CYS A 435 -1.42 -33.00 23.97
CA CYS A 435 -2.88 -32.93 23.85
C CYS A 435 -3.47 -31.61 24.33
N THR A 436 -3.00 -31.08 25.47
CA THR A 436 -3.65 -29.91 26.05
C THR A 436 -3.21 -28.59 25.41
N ASN A 437 -1.99 -28.51 24.87
CA ASN A 437 -1.51 -27.26 24.30
C ASN A 437 -2.51 -26.56 23.39
N PRO A 438 -3.11 -27.21 22.39
CA PRO A 438 -3.93 -26.44 21.43
C PRO A 438 -5.20 -25.84 22.03
N TRP A 439 -5.88 -26.56 22.92
CA TRP A 439 -7.10 -26.04 23.51
C TRP A 439 -6.84 -24.79 24.35
N ILE A 440 -5.69 -24.73 25.03
CA ILE A 440 -5.36 -23.55 25.82
C ILE A 440 -5.27 -22.31 24.94
N TYR A 441 -4.37 -22.33 23.97
CA TYR A 441 -4.13 -21.14 23.16
C TYR A 441 -5.28 -20.87 22.20
N ALA A 442 -5.97 -21.91 21.75
CA ALA A 442 -7.21 -21.70 21.01
C ALA A 442 -8.32 -21.11 21.87
N SER A 443 -8.27 -21.32 23.18
CA SER A 443 -9.23 -20.66 24.07
C SER A 443 -8.93 -19.17 24.23
N PHE A 444 -7.67 -18.82 24.46
CA PHE A 444 -7.32 -17.41 24.69
C PHE A 444 -7.30 -16.58 23.41
N SER A 445 -6.88 -17.16 22.29
CA SER A 445 -6.94 -16.43 21.03
C SER A 445 -8.39 -16.35 20.55
N SER A 446 -8.98 -15.17 20.72
CA SER A 446 -10.36 -14.94 20.30
C SER A 446 -10.54 -15.17 18.81
N SER A 447 -9.55 -14.80 18.00
CA SER A 447 -9.62 -15.07 16.57
C SER A 447 -9.65 -16.57 16.26
N VAL A 448 -9.07 -17.40 17.11
CA VAL A 448 -9.20 -18.85 16.94
C VAL A 448 -10.43 -19.39 17.67
N SER A 449 -10.72 -18.89 18.86
CA SER A 449 -11.90 -19.35 19.60
C SER A 449 -13.17 -19.21 18.78
N SER A 450 -13.40 -18.02 18.21
CA SER A 450 -14.54 -17.83 17.33
C SER A 450 -14.49 -18.71 16.08
N GLU A 451 -13.30 -19.07 15.63
CA GLU A 451 -13.18 -19.98 14.48
C GLU A 451 -13.57 -21.41 14.82
N LEU A 452 -13.29 -21.88 16.04
CA LEU A 452 -13.80 -23.17 16.47
C LEU A 452 -15.31 -23.14 16.70
N ARG A 453 -15.83 -22.08 17.32
CA ARG A 453 -17.28 -21.98 17.48
C ARG A 453 -18.01 -21.95 16.14
N SER A 454 -17.40 -21.37 15.11
CA SER A 454 -17.95 -21.45 13.77
C SER A 454 -17.43 -22.64 12.99
N LEU A 455 -16.87 -23.65 13.66
CA LEU A 455 -16.37 -24.84 13.01
C LEU A 455 -15.43 -24.50 11.85
N CYS B 3 11.13 -24.25 -16.78
CA CYS B 3 10.49 -25.18 -17.76
C CYS B 3 10.04 -24.42 -19.00
N THR B 4 8.89 -23.78 -18.91
CA THR B 4 8.24 -23.21 -20.08
C THR B 4 8.71 -21.79 -20.41
N LEU B 5 9.44 -21.14 -19.51
CA LEU B 5 9.87 -19.77 -19.74
C LEU B 5 11.00 -19.72 -20.75
N SER B 6 11.02 -18.66 -21.55
CA SER B 6 12.17 -18.39 -22.41
C SER B 6 13.36 -17.92 -21.57
N ALA B 7 14.52 -17.84 -22.21
CA ALA B 7 15.71 -17.32 -21.55
C ALA B 7 15.51 -15.90 -21.05
N GLU B 8 14.94 -15.03 -21.87
CA GLU B 8 14.67 -13.66 -21.43
C GLU B 8 13.62 -13.58 -20.35
N ASP B 9 12.60 -14.44 -20.40
CA ASP B 9 11.60 -14.44 -19.33
C ASP B 9 12.19 -14.83 -17.99
N LYS B 10 13.09 -15.81 -17.97
CA LYS B 10 13.76 -16.14 -16.72
C LYS B 10 14.59 -14.97 -16.21
N ALA B 11 15.26 -14.25 -17.10
CA ALA B 11 16.02 -13.08 -16.68
C ALA B 11 15.12 -11.96 -16.15
N ALA B 12 13.96 -11.77 -16.76
CA ALA B 12 13.00 -10.80 -16.23
C ALA B 12 12.48 -11.17 -14.85
N VAL B 13 12.23 -12.44 -14.60
CA VAL B 13 11.83 -12.88 -13.26
C VAL B 13 12.95 -12.64 -12.25
N GLU B 14 14.18 -12.91 -12.63
CA GLU B 14 15.30 -12.65 -11.73
C GLU B 14 15.41 -11.18 -11.35
N ARG B 15 15.20 -10.27 -12.30
CA ARG B 15 15.12 -8.85 -11.98
C ARG B 15 14.00 -8.55 -11.00
N SER B 16 12.80 -9.08 -11.26
CA SER B 16 11.68 -8.83 -10.36
C SER B 16 11.97 -9.28 -8.93
N LYS B 17 12.66 -10.40 -8.76
CA LYS B 17 13.03 -10.84 -7.41
C LYS B 17 14.08 -9.96 -6.75
N MET B 18 15.00 -9.36 -7.50
CA MET B 18 15.90 -8.39 -6.87
C MET B 18 15.20 -7.11 -6.43
N ILE B 19 14.18 -6.67 -7.16
CA ILE B 19 13.40 -5.54 -6.70
C ILE B 19 12.69 -5.87 -5.38
N GLU B 20 12.08 -7.05 -5.31
CA GLU B 20 11.44 -7.46 -4.06
C GLU B 20 12.45 -7.53 -2.92
N LYS B 21 13.65 -8.01 -3.19
CA LYS B 21 14.70 -8.02 -2.18
C LYS B 21 15.03 -6.63 -1.68
N GLN B 22 14.94 -5.61 -2.53
CA GLN B 22 15.13 -4.23 -2.08
C GLN B 22 13.93 -3.71 -1.28
N LEU B 23 12.71 -4.00 -1.74
CA LEU B 23 11.53 -3.60 -0.99
C LEU B 23 11.49 -4.20 0.41
N GLN B 24 11.89 -5.47 0.55
CA GLN B 24 11.96 -6.09 1.86
C GLN B 24 13.00 -5.45 2.76
N LYS B 25 14.00 -4.79 2.20
CA LYS B 25 15.01 -4.14 3.03
C LYS B 25 14.48 -2.85 3.63
N ASP B 26 14.00 -1.94 2.80
CA ASP B 26 13.53 -0.64 3.29
C ASP B 26 12.16 -0.72 3.96
N LYS B 27 11.44 -1.83 3.82
CA LYS B 27 10.35 -2.12 4.76
C LYS B 27 10.80 -2.05 6.21
N GLN B 28 12.03 -2.49 6.51
CA GLN B 28 12.50 -2.43 7.90
C GLN B 28 12.71 -1.00 8.35
N VAL B 29 13.21 -0.14 7.48
CA VAL B 29 13.33 1.28 7.81
C VAL B 29 11.96 1.92 7.99
N TYR B 30 11.01 1.58 7.13
CA TYR B 30 9.68 2.17 7.22
C TYR B 30 8.98 1.83 8.53
N ARG B 31 9.03 0.58 8.96
CA ARG B 31 8.40 0.20 10.22
C ARG B 31 9.14 0.69 11.44
N ALA B 32 10.46 0.81 11.38
CA ALA B 32 11.23 1.29 12.52
C ALA B 32 11.17 2.81 12.70
N THR B 33 10.26 3.52 12.03
CA THR B 33 10.19 4.97 12.12
C THR B 33 8.76 5.36 12.44
N HIS B 34 8.59 6.30 13.36
CA HIS B 34 7.28 6.76 13.78
C HIS B 34 6.97 8.12 13.17
N ARG B 35 5.80 8.24 12.57
CA ARG B 35 5.38 9.43 11.86
C ARG B 35 4.36 10.22 12.69
N LEU B 36 4.55 11.52 12.77
CA LEU B 36 3.74 12.40 13.60
C LEU B 36 3.25 13.57 12.76
N LEU B 37 1.98 13.93 12.93
CA LEU B 37 1.43 15.13 12.33
C LEU B 37 1.34 16.22 13.39
N LEU B 38 1.83 17.41 13.07
CA LEU B 38 1.79 18.56 13.96
C LEU B 38 0.74 19.56 13.49
N LEU B 39 -0.22 19.88 14.36
CA LEU B 39 -1.31 20.80 14.05
C LEU B 39 -1.33 21.94 15.06
N GLY B 40 -1.84 23.09 14.63
CA GLY B 40 -2.03 24.21 15.52
C GLY B 40 -2.23 25.51 14.76
N ALA B 41 -3.02 26.43 15.31
CA ALA B 41 -3.24 27.69 14.62
C ALA B 41 -1.99 28.57 14.65
N ASP B 42 -2.06 29.66 13.88
CA ASP B 42 -0.96 30.60 13.75
C ASP B 42 -0.48 31.16 15.08
N ASN B 43 -1.42 31.42 16.01
CA ASN B 43 -1.03 31.92 17.32
C ASN B 43 -0.35 30.88 18.19
N SER B 44 -0.52 29.60 17.88
CA SER B 44 0.10 28.56 18.70
C SER B 44 1.62 28.63 18.51
N GLY B 45 2.34 28.15 19.50
CA GLY B 45 3.78 28.19 19.43
C GLY B 45 4.45 27.12 18.61
N LYS B 46 3.69 26.38 17.79
CA LYS B 46 4.21 25.15 17.20
C LYS B 46 5.50 25.40 16.45
N SER B 47 5.66 26.57 15.83
CA SER B 47 6.91 26.90 15.15
C SER B 47 8.09 26.86 16.10
N THR B 48 7.93 27.40 17.31
CA THR B 48 9.02 27.35 18.29
C THR B 48 9.32 25.92 18.73
N ILE B 49 8.31 25.06 18.79
CA ILE B 49 8.55 23.66 19.17
C ILE B 49 9.42 22.97 18.14
N VAL B 50 9.05 23.05 16.87
CA VAL B 50 9.86 22.40 15.83
C VAL B 50 11.25 23.02 15.77
N LYS B 51 11.34 24.34 15.89
CA LYS B 51 12.64 25.00 15.84
C LYS B 51 13.52 24.56 17.00
N GLN B 52 13.00 24.60 18.22
CA GLN B 52 13.76 24.12 19.37
C GLN B 52 14.13 22.65 19.21
N MET B 53 13.17 21.82 18.82
CA MET B 53 13.40 20.39 18.74
C MET B 53 14.40 20.04 17.63
N ARG B 54 14.31 20.74 16.50
CA ARG B 54 15.28 20.59 15.42
C ARG B 54 16.70 20.95 15.85
N ILE B 55 16.84 21.93 16.75
CA ILE B 55 18.17 22.31 17.23
C ILE B 55 18.70 21.31 18.24
N TYR B 56 17.87 20.91 19.20
CA TYR B 56 18.37 20.10 20.31
C TYR B 56 18.61 18.65 19.90
N HIS B 57 17.90 18.15 18.90
CA HIS B 57 18.06 16.78 18.44
C HIS B 57 18.27 16.79 16.94
N VAL B 58 19.19 15.96 16.47
CA VAL B 58 19.56 15.93 15.06
C VAL B 58 19.78 17.34 14.53
N VAL B 179 11.24 25.52 -3.52
CA VAL B 179 10.77 25.29 -2.17
C VAL B 179 9.88 26.42 -1.69
N LYS B 180 9.82 27.50 -2.47
CA LYS B 180 9.16 28.72 -1.99
C LYS B 180 7.65 28.54 -1.84
N THR B 181 7.08 27.50 -2.42
CA THR B 181 5.68 27.14 -2.22
C THR B 181 5.55 25.74 -1.64
N SER B 182 6.54 25.32 -0.84
CA SER B 182 6.51 23.98 -0.27
C SER B 182 5.21 23.73 0.47
N GLY B 183 4.52 22.66 0.09
CA GLY B 183 3.24 22.34 0.68
C GLY B 183 3.34 21.63 2.02
N ILE B 184 4.50 21.09 2.36
CA ILE B 184 4.68 20.38 3.61
C ILE B 184 6.13 20.50 4.04
N PHE B 185 6.34 20.46 5.36
CA PHE B 185 7.67 20.50 5.94
C PHE B 185 7.84 19.27 6.83
N GLU B 186 9.10 18.88 7.02
CA GLU B 186 9.40 17.70 7.81
C GLU B 186 10.58 18.03 8.71
N THR B 187 10.58 17.47 9.92
CA THR B 187 11.75 17.45 10.77
C THR B 187 12.00 16.05 11.30
N LYS B 188 13.26 15.67 11.37
CA LYS B 188 13.67 14.39 11.92
C LYS B 188 14.33 14.60 13.26
N PHE B 189 13.96 13.80 14.25
CA PHE B 189 14.66 13.81 15.52
C PHE B 189 14.67 12.37 16.06
N GLN B 190 15.56 12.13 17.01
CA GLN B 190 15.77 10.80 17.56
C GLN B 190 15.86 10.86 19.07
N VAL B 191 15.19 9.93 19.74
CA VAL B 191 15.26 9.79 21.19
C VAL B 191 15.45 8.33 21.52
N ASP B 192 16.42 8.04 22.40
CA ASP B 192 16.77 6.68 22.78
C ASP B 192 16.91 5.74 21.58
N LYS B 193 17.57 6.24 20.53
CA LYS B 193 17.77 5.51 19.29
C LYS B 193 16.47 5.16 18.57
N VAL B 194 15.37 5.81 18.89
CA VAL B 194 14.12 5.65 18.14
C VAL B 194 13.94 6.88 17.26
N ASN B 195 13.59 6.66 15.99
CA ASN B 195 13.51 7.75 15.01
C ASN B 195 12.08 8.23 14.85
N PHE B 196 11.90 9.55 14.87
CA PHE B 196 10.61 10.20 14.65
C PHE B 196 10.69 11.13 13.45
N HIS B 197 9.71 11.05 12.57
CA HIS B 197 9.47 12.05 11.54
C HIS B 197 8.22 12.83 11.91
N MET B 198 8.34 14.15 11.97
CA MET B 198 7.22 15.01 12.32
C MET B 198 6.92 15.96 11.17
N PHE B 199 5.66 16.02 10.77
CA PHE B 199 5.22 16.79 9.61
C PHE B 199 4.32 17.93 10.04
N ASP B 200 4.43 19.07 9.36
CA ASP B 200 3.38 20.08 9.43
C ASP B 200 3.18 20.69 8.05
N VAL B 201 1.93 21.00 7.74
CA VAL B 201 1.59 21.51 6.41
C VAL B 201 2.11 22.92 6.20
N GLY B 202 2.54 23.20 4.99
CA GLY B 202 3.00 24.51 4.58
C GLY B 202 1.90 25.31 3.93
N ALA B 203 2.02 25.54 2.63
CA ALA B 203 1.20 26.49 1.87
C ALA B 203 -0.25 26.05 1.65
N GLN B 204 -0.77 24.97 2.22
CA GLN B 204 -2.15 24.58 1.95
C GLN B 204 -3.13 25.68 2.35
N ARG B 205 -4.29 25.67 1.69
CA ARG B 205 -5.37 26.57 2.05
C ARG B 205 -5.96 26.20 3.41
N ASP B 206 -6.86 27.06 3.89
CA ASP B 206 -7.50 26.84 5.20
C ASP B 206 -8.48 25.68 5.21
N GLU B 207 -9.16 25.39 4.11
CA GLU B 207 -9.97 24.18 4.05
C GLU B 207 -9.08 22.94 4.05
N ARG B 208 -9.47 21.94 4.84
CA ARG B 208 -8.62 20.78 5.05
C ARG B 208 -9.35 19.44 5.07
N ARG B 209 -10.65 19.41 4.83
CA ARG B 209 -11.38 18.14 4.91
C ARG B 209 -10.86 17.09 3.94
N LYS B 210 -10.18 17.47 2.86
CA LYS B 210 -9.64 16.50 1.92
C LYS B 210 -8.21 16.06 2.25
N TRP B 211 -7.27 17.01 2.32
CA TRP B 211 -5.88 16.62 2.50
C TRP B 211 -5.62 15.95 3.84
N ILE B 212 -6.42 16.25 4.87
CA ILE B 212 -6.23 15.60 6.17
C ILE B 212 -6.37 14.09 6.10
N GLN B 213 -7.09 13.55 5.12
CA GLN B 213 -7.25 12.11 5.00
C GLN B 213 -5.96 11.36 4.70
N CYS B 214 -4.94 12.03 4.16
CA CYS B 214 -3.65 11.36 3.95
C CYS B 214 -3.06 10.81 5.23
N PHE B 215 -3.32 11.45 6.37
CA PHE B 215 -2.67 11.14 7.63
C PHE B 215 -3.41 10.10 8.45
N ASN B 216 -4.30 9.33 7.84
CA ASN B 216 -5.07 8.34 8.58
C ASN B 216 -4.25 7.25 9.25
N ASP B 217 -2.92 7.24 9.08
CA ASP B 217 -2.10 6.13 9.55
C ASP B 217 -0.85 6.58 10.28
N VAL B 218 -0.76 7.84 10.67
CA VAL B 218 0.31 8.28 11.56
C VAL B 218 0.16 7.61 12.93
N THR B 219 1.26 7.63 13.69
CA THR B 219 1.21 7.11 15.05
C THR B 219 0.43 8.02 15.99
N ALA B 220 0.60 9.33 15.89
CA ALA B 220 -0.15 10.24 16.73
C ALA B 220 -0.29 11.58 16.04
N ILE B 221 -1.29 12.35 16.47
CA ILE B 221 -1.42 13.76 16.14
C ILE B 221 -0.99 14.59 17.34
N ILE B 222 -0.12 15.56 17.12
CA ILE B 222 0.24 16.54 18.14
C ILE B 222 -0.56 17.80 17.90
N PHE B 223 -1.38 18.18 18.86
CA PHE B 223 -2.26 19.33 18.74
C PHE B 223 -1.81 20.39 19.73
N VAL B 224 -1.46 21.57 19.22
CA VAL B 224 -0.88 22.64 20.03
C VAL B 224 -1.88 23.78 20.15
N VAL B 225 -2.08 24.25 21.38
CA VAL B 225 -3.04 25.30 21.68
C VAL B 225 -2.36 26.42 22.44
N ASP B 226 -2.66 27.66 22.07
CA ASP B 226 -2.31 28.83 22.89
C ASP B 226 -3.34 28.99 24.00
N SER B 227 -2.99 28.55 25.21
CA SER B 227 -3.92 28.62 26.32
C SER B 227 -4.24 30.05 26.77
N SER B 228 -3.53 31.07 26.27
CA SER B 228 -3.80 32.43 26.73
C SER B 228 -4.89 33.17 25.94
N ASP B 229 -5.24 32.72 24.75
CA ASP B 229 -6.25 33.43 23.95
C ASP B 229 -7.67 33.00 24.26
N TYR B 230 -8.05 32.98 25.53
CA TYR B 230 -9.46 32.87 25.87
C TYR B 230 -10.17 34.17 25.55
N ARG B 232 -10.29 32.98 21.55
CA ARG B 232 -9.95 32.04 20.48
C ARG B 232 -10.09 30.60 20.91
N LEU B 233 -10.14 30.36 22.22
CA LEU B 233 -10.17 28.99 22.72
C LEU B 233 -11.31 28.20 22.11
N GLN B 234 -12.47 28.83 21.91
CA GLN B 234 -13.59 28.12 21.32
C GLN B 234 -13.25 27.62 19.92
N GLU B 235 -12.50 28.41 19.15
CA GLU B 235 -12.04 27.94 17.85
C GLU B 235 -11.16 26.71 17.96
N ALA B 236 -10.25 26.69 18.94
CA ALA B 236 -9.42 25.51 19.17
C ALA B 236 -10.23 24.31 19.60
N LEU B 237 -11.26 24.51 20.42
CA LEU B 237 -12.14 23.42 20.81
C LEU B 237 -12.86 22.82 19.62
N ASN B 238 -13.44 23.67 18.77
CA ASN B 238 -14.14 23.17 17.59
C ASN B 238 -13.20 22.42 16.65
N ASP B 239 -11.96 22.88 16.51
CA ASP B 239 -10.99 22.15 15.73
C ASP B 239 -10.72 20.77 16.30
N PHE B 240 -10.42 20.70 17.60
CA PHE B 240 -10.18 19.41 18.24
C PHE B 240 -11.37 18.48 18.10
N LYS B 241 -12.58 19.01 18.28
CA LYS B 241 -13.78 18.18 18.12
C LYS B 241 -13.90 17.59 16.72
N SER B 242 -13.51 18.34 15.69
CA SER B 242 -13.55 17.81 14.33
C SER B 242 -12.52 16.72 14.12
N ILE B 243 -11.30 16.94 14.56
CA ILE B 243 -10.25 15.93 14.45
C ILE B 243 -10.65 14.66 15.19
N TRP B 244 -11.20 14.80 16.39
CA TRP B 244 -11.49 13.64 17.21
C TRP B 244 -12.60 12.77 16.62
N ASN B 245 -13.61 13.39 16.03
CA ASN B 245 -14.78 12.67 15.54
C ASN B 245 -14.71 12.23 14.09
N ASN B 246 -13.69 12.65 13.34
CA ASN B 246 -13.67 12.33 11.92
C ASN B 246 -13.57 10.84 11.65
N ARG B 247 -14.30 10.40 10.63
CA ARG B 247 -14.40 8.98 10.27
C ARG B 247 -13.07 8.29 10.05
N TRP B 248 -12.08 9.00 9.52
CA TRP B 248 -10.79 8.42 9.19
C TRP B 248 -9.73 8.62 10.26
N LEU B 249 -9.79 9.71 11.00
CA LEU B 249 -8.80 9.97 12.03
C LEU B 249 -9.11 9.31 13.37
N ARG B 250 -10.35 8.92 13.62
CA ARG B 250 -10.61 8.09 14.79
C ARG B 250 -9.77 6.83 14.71
N THR B 251 -9.42 6.28 15.88
CA THR B 251 -8.33 5.34 16.10
C THR B 251 -6.94 5.95 16.05
N ILE B 252 -6.81 7.26 15.91
CA ILE B 252 -5.52 7.94 16.08
C ILE B 252 -5.58 8.73 17.39
N SER B 253 -4.59 8.50 18.26
CA SER B 253 -4.49 9.21 19.52
C SER B 253 -3.93 10.62 19.32
N VAL B 254 -4.33 11.52 20.19
CA VAL B 254 -3.93 12.93 20.12
C VAL B 254 -3.07 13.26 21.33
N ILE B 255 -1.89 13.83 21.09
CA ILE B 255 -1.05 14.39 22.13
C ILE B 255 -1.31 15.88 22.16
N LEU B 256 -1.74 16.41 23.30
CA LEU B 256 -2.28 17.76 23.39
C LEU B 256 -1.34 18.64 24.21
N PHE B 257 -0.72 19.62 23.56
CA PHE B 257 0.16 20.58 24.23
C PHE B 257 -0.59 21.87 24.49
N LEU B 258 -0.97 22.09 25.75
CA LEU B 258 -1.53 23.35 26.23
C LEU B 258 -0.36 24.31 26.47
N ASN B 259 -0.06 25.14 25.49
CA ASN B 259 1.17 25.91 25.45
C ASN B 259 0.98 27.33 25.98
N LYS B 260 2.12 28.02 26.14
CA LYS B 260 2.17 29.41 26.62
C LYS B 260 1.58 29.56 28.03
N GLN B 261 1.88 28.60 28.90
CA GLN B 261 1.38 28.64 30.27
C GLN B 261 1.92 29.83 31.06
N ASP B 262 3.13 30.29 30.76
CA ASP B 262 3.66 31.51 31.37
C ASP B 262 2.80 32.74 31.07
N LEU B 263 2.36 32.92 29.84
CA LEU B 263 1.46 34.02 29.53
C LEU B 263 0.13 33.90 30.26
N LEU B 264 -0.42 32.69 30.33
CA LEU B 264 -1.67 32.48 31.04
C LEU B 264 -1.56 32.88 32.51
N ALA B 265 -0.48 32.47 33.17
CA ALA B 265 -0.30 32.83 34.58
C ALA B 265 -0.31 34.34 34.80
N GLU B 266 0.51 35.06 34.03
CA GLU B 266 0.53 36.52 34.14
C GLU B 266 -0.83 37.15 33.84
N LYS B 267 -1.53 36.62 32.85
CA LYS B 267 -2.82 37.20 32.47
C LYS B 267 -3.86 37.07 33.57
N VAL B 268 -3.97 35.89 34.18
CA VAL B 268 -4.95 35.72 35.27
C VAL B 268 -4.51 36.43 36.53
N LEU B 269 -3.20 36.53 36.78
CA LEU B 269 -2.75 37.29 37.94
C LEU B 269 -3.01 38.78 37.78
N ALA B 270 -2.92 39.31 36.56
CA ALA B 270 -3.30 40.69 36.34
C ALA B 270 -4.80 40.95 36.51
N GLY B 271 -5.63 39.92 36.35
CA GLY B 271 -7.05 40.06 36.64
C GLY B 271 -7.83 40.94 35.70
N LYS B 272 -7.18 41.47 34.66
CA LYS B 272 -7.84 42.45 33.79
C LYS B 272 -8.94 41.83 32.94
N SER B 273 -8.85 40.53 32.62
CA SER B 273 -9.84 39.87 31.79
C SER B 273 -10.23 38.54 32.41
N LYS B 274 -11.52 38.23 32.31
CA LYS B 274 -12.14 37.15 33.08
C LYS B 274 -12.55 36.00 32.16
N ILE B 275 -12.13 34.80 32.51
CA ILE B 275 -12.48 33.61 31.74
C ILE B 275 -13.99 33.43 31.67
N GLU B 276 -14.70 33.74 32.75
CA GLU B 276 -16.15 33.61 32.80
C GLU B 276 -16.88 34.56 31.86
N ASP B 277 -16.18 35.54 31.27
CA ASP B 277 -16.80 36.29 30.17
C ASP B 277 -17.00 35.42 28.95
N TYR B 278 -16.24 34.35 28.82
CA TYR B 278 -16.27 33.46 27.67
C TYR B 278 -16.82 32.09 28.01
N PHE B 279 -16.55 31.58 29.21
CA PHE B 279 -17.02 30.27 29.65
C PHE B 279 -17.70 30.43 31.00
N PRO B 280 -18.95 30.87 31.01
CA PRO B 280 -19.61 31.22 32.28
C PRO B 280 -19.67 30.07 33.28
N GLU B 281 -19.64 28.82 32.83
CA GLU B 281 -19.56 27.68 33.75
C GLU B 281 -18.30 27.70 34.60
N PHE B 282 -17.29 28.48 34.22
CA PHE B 282 -16.11 28.64 35.07
C PHE B 282 -16.43 29.21 36.44
N ALA B 283 -17.56 29.89 36.61
CA ALA B 283 -17.98 30.32 37.93
C ALA B 283 -18.23 29.15 38.88
N ARG B 284 -18.62 27.99 38.35
CA ARG B 284 -18.93 26.82 39.15
C ARG B 284 -17.79 25.81 39.26
N TYR B 285 -16.83 25.86 38.35
CA TYR B 285 -15.74 24.88 38.35
C TYR B 285 -14.84 25.07 39.58
N THR B 286 -14.46 23.95 40.19
CA THR B 286 -13.54 23.92 41.32
C THR B 286 -12.37 22.98 41.03
N THR B 287 -11.20 23.35 41.53
CA THR B 287 -9.98 22.64 41.20
C THR B 287 -10.07 21.17 41.57
N PRO B 288 -9.75 20.25 40.66
CA PRO B 288 -9.85 18.83 40.99
C PRO B 288 -8.78 18.40 41.98
N GLU B 289 -9.11 17.38 42.76
CA GLU B 289 -8.20 16.86 43.78
C GLU B 289 -6.95 16.23 43.18
N ASP B 290 -6.95 15.93 41.88
CA ASP B 290 -5.74 15.48 41.19
C ASP B 290 -4.76 16.61 40.90
N ALA B 291 -5.17 17.87 41.05
CA ALA B 291 -4.32 18.98 40.64
C ALA B 291 -2.99 18.96 41.36
N THR B 292 -1.92 19.24 40.62
CA THR B 292 -0.54 19.14 41.09
C THR B 292 0.15 20.48 40.90
N PRO B 293 -0.04 21.42 41.82
CA PRO B 293 0.54 22.76 41.71
C PRO B 293 2.03 22.80 42.07
N GLU B 294 2.78 21.86 41.51
CA GLU B 294 4.16 21.62 41.89
C GLU B 294 5.05 22.87 41.84
N PRO B 295 4.82 23.80 40.92
CA PRO B 295 5.64 25.02 40.91
C PRO B 295 5.45 25.92 42.13
N GLY B 296 4.53 25.62 43.02
CA GLY B 296 4.12 26.60 44.01
C GLY B 296 3.29 27.71 43.41
N GLU B 297 2.59 27.42 42.31
CA GLU B 297 1.79 28.40 41.60
C GLU B 297 0.62 28.89 42.46
N ASP B 298 0.13 30.07 42.13
CA ASP B 298 -1.05 30.59 42.77
C ASP B 298 -2.27 29.74 42.43
N PRO B 299 -3.12 29.42 43.42
CA PRO B 299 -4.26 28.53 43.14
C PRO B 299 -5.23 29.05 42.10
N ARG B 300 -5.28 30.35 41.86
CA ARG B 300 -6.10 30.85 40.76
C ARG B 300 -5.54 30.39 39.42
N VAL B 301 -4.22 30.40 39.29
CA VAL B 301 -3.58 29.84 38.09
C VAL B 301 -3.91 28.36 37.94
N THR B 302 -3.82 27.62 39.04
CA THR B 302 -4.16 26.20 38.99
C THR B 302 -5.60 25.98 38.54
N ARG B 303 -6.55 26.69 39.13
CA ARG B 303 -7.94 26.50 38.76
C ARG B 303 -8.17 26.84 37.29
N ALA B 304 -7.54 27.91 36.81
CA ALA B 304 -7.61 28.26 35.39
C ALA B 304 -7.01 27.18 34.51
N LYS B 305 -5.80 26.73 34.82
CA LYS B 305 -5.16 25.71 33.99
C LYS B 305 -6.02 24.46 33.85
N TYR B 306 -6.47 23.90 34.97
CA TYR B 306 -7.21 22.65 34.92
C TYR B 306 -8.59 22.81 34.31
N PHE B 307 -9.21 23.98 34.43
CA PHE B 307 -10.44 24.23 33.69
C PHE B 307 -10.22 24.09 32.19
N ILE B 308 -9.23 24.78 31.66
CA ILE B 308 -8.99 24.74 30.20
C ILE B 308 -8.68 23.32 29.76
N ARG B 309 -7.80 22.63 30.47
CA ARG B 309 -7.54 21.22 30.21
C ARG B 309 -8.82 20.40 30.20
N ASP B 310 -9.67 20.58 31.20
CA ASP B 310 -10.86 19.76 31.31
C ASP B 310 -11.87 19.99 30.19
N GLU B 311 -11.86 21.18 29.58
CA GLU B 311 -12.73 21.39 28.43
C GLU B 311 -12.35 20.55 27.22
N PHE B 312 -11.07 20.27 27.02
CA PHE B 312 -10.69 19.31 25.99
C PHE B 312 -11.02 17.88 26.38
N LEU B 313 -10.78 17.51 27.63
CA LEU B 313 -11.11 16.17 28.10
C LEU B 313 -12.61 15.89 28.08
N ARG B 314 -13.44 16.91 28.28
CA ARG B 314 -14.88 16.75 28.11
C ARG B 314 -15.21 16.22 26.72
N ILE B 315 -14.58 16.78 25.69
CA ILE B 315 -14.78 16.29 24.33
C ILE B 315 -14.23 14.89 24.16
N SER B 316 -13.00 14.67 24.61
CA SER B 316 -12.34 13.38 24.39
C SER B 316 -13.10 12.22 24.99
N THR B 317 -13.54 12.36 26.24
CA THR B 317 -14.23 11.26 26.91
C THR B 317 -15.62 10.99 26.37
N ALA B 318 -16.19 11.91 25.59
CA ALA B 318 -17.55 11.72 25.10
C ALA B 318 -17.66 10.66 24.02
N SER B 319 -16.56 10.30 23.34
CA SER B 319 -16.70 9.38 22.20
C SER B 319 -15.48 8.51 21.96
N GLY B 320 -14.49 8.46 22.85
CA GLY B 320 -13.26 7.74 22.57
C GLY B 320 -13.45 6.25 22.42
N ASP B 321 -14.49 5.69 23.02
CA ASP B 321 -14.84 4.28 22.85
C ASP B 321 -13.67 3.34 23.15
N GLY B 322 -12.68 3.82 23.91
CA GLY B 322 -11.48 3.03 24.14
C GLY B 322 -10.59 2.77 22.95
N ARG B 323 -10.87 3.36 21.79
CA ARG B 323 -10.01 3.14 20.63
C ARG B 323 -8.87 4.14 20.54
N HIS B 324 -9.04 5.34 21.07
CA HIS B 324 -7.95 6.31 21.07
C HIS B 324 -8.09 7.22 22.28
N TYR B 325 -6.98 7.82 22.68
CA TYR B 325 -6.89 8.58 23.92
C TYR B 325 -6.20 9.90 23.68
N CYS B 326 -6.47 10.84 24.57
CA CYS B 326 -5.85 12.15 24.61
C CYS B 326 -4.86 12.24 25.76
N TYR B 327 -3.68 12.80 25.49
CA TYR B 327 -2.60 12.92 26.45
C TYR B 327 -2.27 14.40 26.67
N PRO B 328 -2.86 15.05 27.67
CA PRO B 328 -2.61 16.47 27.87
C PRO B 328 -1.25 16.73 28.50
N HIS B 329 -0.59 17.79 28.05
CA HIS B 329 0.61 18.27 28.72
C HIS B 329 0.61 19.78 28.79
N PHE B 330 0.95 20.32 29.96
CA PHE B 330 1.26 21.74 30.12
C PHE B 330 2.69 22.02 29.68
N THR B 331 2.87 23.03 28.84
CA THR B 331 4.16 23.25 28.19
C THR B 331 4.45 24.73 28.06
N CYS B 332 5.73 25.04 27.88
CA CYS B 332 6.21 26.37 27.54
C CYS B 332 7.15 26.26 26.35
N SER B 333 7.30 27.36 25.61
CA SER B 333 8.12 27.34 24.42
C SER B 333 9.58 26.99 24.73
N VAL B 334 10.08 27.45 25.88
CA VAL B 334 11.46 27.18 26.27
C VAL B 334 11.70 25.76 26.79
N ASP B 335 10.65 24.99 27.04
CA ASP B 335 10.81 23.74 27.77
C ASP B 335 11.53 22.69 26.91
N THR B 336 12.63 22.17 27.44
CA THR B 336 13.41 21.13 26.77
C THR B 336 12.73 19.76 26.80
N GLU B 337 11.85 19.54 27.77
CA GLU B 337 11.31 18.21 28.06
C GLU B 337 10.38 17.69 26.97
N ASN B 338 9.98 18.51 26.02
CA ASN B 338 8.93 18.13 25.08
C ASN B 338 9.27 16.89 24.28
N ALA B 339 10.55 16.69 23.94
CA ALA B 339 10.91 15.46 23.24
C ALA B 339 10.70 14.22 24.09
N ARG B 340 11.02 14.26 25.37
CA ARG B 340 10.71 13.15 26.27
C ARG B 340 9.21 12.90 26.38
N ARG B 341 8.42 13.95 26.49
CA ARG B 341 6.97 13.79 26.56
C ARG B 341 6.44 13.01 25.35
N ILE B 342 6.81 13.43 24.14
CA ILE B 342 6.35 12.73 22.96
C ILE B 342 6.80 11.27 22.96
N PHE B 343 8.04 11.02 23.34
CA PHE B 343 8.53 9.64 23.40
C PHE B 343 7.70 8.78 24.34
N ASN B 344 7.50 9.24 25.57
CA ASN B 344 6.74 8.45 26.54
C ASN B 344 5.32 8.17 26.10
N ASP B 345 4.65 9.16 25.50
CA ASP B 345 3.30 8.93 25.00
C ASP B 345 3.26 7.97 23.82
N CYS B 346 4.21 8.07 22.90
CA CYS B 346 4.25 7.10 21.81
C CYS B 346 4.50 5.69 22.32
N ARG B 347 5.33 5.54 23.35
CA ARG B 347 5.50 4.24 23.96
C ARG B 347 4.17 3.68 24.46
N ASP B 348 3.38 4.50 25.15
CA ASP B 348 2.10 4.03 25.65
C ASP B 348 1.12 3.72 24.53
N ILE B 349 1.13 4.52 23.48
CA ILE B 349 0.27 4.27 22.32
C ILE B 349 0.61 2.95 21.66
N ILE B 350 1.91 2.72 21.41
CA ILE B 350 2.32 1.47 20.77
C ILE B 350 2.11 0.27 21.67
N GLN B 351 2.31 0.41 22.97
CA GLN B 351 2.04 -0.71 23.87
C GLN B 351 0.58 -1.14 23.85
N ARG B 352 -0.35 -0.19 23.88
CA ARG B 352 -1.76 -0.55 23.76
C ARG B 352 -2.08 -1.21 22.43
N MET B 353 -1.44 -0.76 21.35
CA MET B 353 -1.65 -1.41 20.06
C MET B 353 -1.23 -2.88 20.08
N HIS B 354 -0.07 -3.19 20.68
CA HIS B 354 0.34 -4.59 20.79
C HIS B 354 -0.60 -5.40 21.67
N LEU B 355 -0.98 -4.87 22.83
CA LEU B 355 -1.95 -5.58 23.67
C LEU B 355 -3.23 -5.88 22.91
N ARG B 356 -3.63 -5.01 22.00
CA ARG B 356 -4.83 -5.28 21.21
C ARG B 356 -4.63 -6.44 20.25
N GLN B 357 -3.55 -6.42 19.46
CA GLN B 357 -3.35 -7.46 18.45
C GLN B 357 -2.84 -8.78 19.01
N TYR B 358 -2.18 -8.78 20.17
CA TYR B 358 -1.93 -10.04 20.86
C TYR B 358 -3.14 -10.56 21.62
N GLU B 359 -4.29 -9.90 21.47
CA GLU B 359 -5.54 -10.36 22.06
C GLU B 359 -5.49 -10.45 23.58
N LEU B 360 -4.55 -9.77 24.23
CA LEU B 360 -4.56 -9.74 25.68
C LEU B 360 -5.55 -8.73 26.21
N LEU B 361 -5.80 -7.66 25.46
CA LEU B 361 -6.69 -6.61 25.91
C LEU B 361 -8.14 -7.09 25.91
N GLU C 8 -23.35 48.92 -5.13
CA GLU C 8 -23.32 47.55 -4.55
C GLU C 8 -23.56 46.50 -5.62
N LEU C 9 -23.05 45.29 -5.38
CA LEU C 9 -23.11 44.22 -6.38
C LEU C 9 -24.50 43.64 -6.53
N ASP C 10 -25.49 44.10 -5.74
CA ASP C 10 -26.80 43.46 -5.75
C ASP C 10 -27.39 43.46 -7.15
N GLN C 11 -27.16 44.53 -7.92
CA GLN C 11 -27.60 44.54 -9.32
C GLN C 11 -26.87 43.48 -10.13
N LEU C 12 -25.57 43.30 -9.88
CA LEU C 12 -24.84 42.23 -10.55
C LEU C 12 -25.31 40.86 -10.08
N ARG C 13 -25.59 40.72 -8.78
CA ARG C 13 -26.22 39.50 -8.29
C ARG C 13 -27.57 39.26 -8.96
N GLN C 14 -28.40 40.29 -9.01
CA GLN C 14 -29.70 40.17 -9.67
C GLN C 14 -29.55 39.82 -11.14
N GLU C 15 -28.59 40.41 -11.83
CA GLU C 15 -28.31 40.03 -13.21
C GLU C 15 -27.82 38.59 -13.29
N ALA C 16 -26.95 38.18 -12.38
CA ALA C 16 -26.52 36.78 -12.33
C ALA C 16 -27.70 35.84 -12.06
N GLU C 17 -28.54 36.19 -11.08
CA GLU C 17 -29.73 35.38 -10.81
C GLU C 17 -30.69 35.38 -11.99
N GLN C 18 -30.84 36.52 -12.67
CA GLN C 18 -31.65 36.55 -13.89
C GLN C 18 -31.07 35.66 -14.98
N LEU C 19 -29.76 35.69 -15.16
CA LEU C 19 -29.13 34.78 -16.12
C LEU C 19 -29.28 33.32 -15.71
N LYS C 20 -29.13 33.02 -14.42
CA LYS C 20 -29.37 31.65 -13.97
C LYS C 20 -30.82 31.21 -14.22
N ASN C 21 -31.78 32.10 -13.96
CA ASN C 21 -33.17 31.78 -14.29
C ASN C 21 -33.34 31.53 -15.78
N GLN C 22 -32.72 32.35 -16.62
CA GLN C 22 -32.79 32.13 -18.06
C GLN C 22 -32.19 30.79 -18.46
N ILE C 23 -30.99 30.47 -17.96
CA ILE C 23 -30.37 29.19 -18.28
C ILE C 23 -31.19 28.02 -17.77
N ARG C 24 -31.70 28.13 -16.54
CA ARG C 24 -32.52 27.05 -15.98
C ARG C 24 -33.77 26.80 -16.82
N ASP C 25 -34.46 27.86 -17.24
CA ASP C 25 -35.63 27.70 -18.10
C ASP C 25 -35.28 27.11 -19.47
N ALA C 26 -34.17 27.54 -20.07
CA ALA C 26 -33.75 26.96 -21.34
C ALA C 26 -33.45 25.47 -21.21
N ARG C 27 -32.72 25.09 -20.17
CA ARG C 27 -32.46 23.67 -19.94
C ARG C 27 -33.74 22.89 -19.64
N LYS C 28 -34.64 23.48 -18.86
CA LYS C 28 -35.93 22.85 -18.60
C LYS C 28 -36.74 22.61 -19.88
N ALA C 29 -36.76 23.59 -20.78
CA ALA C 29 -37.50 23.41 -22.03
C ALA C 29 -36.97 22.26 -22.88
N CYS C 30 -35.68 21.95 -22.79
CA CYS C 30 -35.13 20.83 -23.55
C CYS C 30 -35.43 19.47 -22.96
N ALA C 31 -35.89 19.38 -21.71
CA ALA C 31 -36.06 18.08 -21.04
C ALA C 31 -37.36 17.41 -21.47
N ASP C 32 -37.46 17.18 -22.78
CA ASP C 32 -38.71 16.71 -23.37
C ASP C 32 -39.07 15.29 -22.93
N ALA C 33 -38.10 14.38 -22.90
CA ALA C 33 -38.32 13.07 -22.29
C ALA C 33 -37.01 12.54 -21.73
N THR C 34 -37.14 11.69 -20.70
CA THR C 34 -35.98 11.21 -19.96
C THR C 34 -35.34 9.99 -20.60
N LEU C 35 -34.07 9.80 -20.31
CA LEU C 35 -33.34 8.59 -20.69
C LEU C 35 -33.99 7.33 -20.14
N SER C 36 -34.55 7.40 -18.94
CA SER C 36 -35.23 6.26 -18.35
C SER C 36 -36.43 5.81 -19.16
N GLN C 37 -37.24 6.74 -19.65
CA GLN C 37 -38.36 6.36 -20.50
C GLN C 37 -37.89 5.69 -21.79
N ILE C 38 -36.88 6.25 -22.43
CA ILE C 38 -36.43 5.72 -23.72
C ILE C 38 -35.87 4.30 -23.57
N THR C 39 -35.07 4.05 -22.54
CA THR C 39 -34.43 2.75 -22.38
C THR C 39 -35.33 1.67 -21.77
N ASN C 40 -36.64 1.89 -21.65
CA ASN C 40 -37.54 0.79 -21.28
C ASN C 40 -37.64 -0.29 -22.34
N ASN C 41 -37.25 0.01 -23.58
CA ASN C 41 -37.24 -0.99 -24.64
C ASN C 41 -36.15 -2.04 -24.47
N ILE C 42 -34.94 -1.63 -24.13
CA ILE C 42 -33.80 -2.54 -24.23
C ILE C 42 -33.79 -3.58 -23.13
N ASP C 43 -33.21 -4.74 -23.48
CA ASP C 43 -32.98 -5.84 -22.56
C ASP C 43 -31.95 -5.45 -21.50
N PRO C 44 -32.19 -5.73 -20.22
CA PRO C 44 -31.14 -5.59 -19.22
C PRO C 44 -29.94 -6.50 -19.50
N VAL C 45 -28.79 -6.07 -18.96
CA VAL C 45 -27.54 -6.79 -19.11
C VAL C 45 -27.54 -8.15 -18.43
N GLY C 46 -28.37 -8.35 -17.41
CA GLY C 46 -28.27 -9.52 -16.58
C GLY C 46 -27.14 -9.46 -15.59
N ARG C 47 -26.99 -10.55 -14.83
CA ARG C 47 -25.97 -10.61 -13.80
C ARG C 47 -24.57 -10.63 -14.39
N ILE C 48 -23.71 -9.74 -13.90
CA ILE C 48 -22.30 -9.67 -14.28
C ILE C 48 -21.47 -10.24 -13.13
N GLN C 49 -20.57 -11.16 -13.44
CA GLN C 49 -19.70 -11.76 -12.43
C GLN C 49 -18.25 -11.68 -12.89
N MET C 50 -17.36 -11.29 -11.99
CA MET C 50 -15.95 -11.13 -12.29
C MET C 50 -15.12 -11.76 -11.18
N ARG C 51 -13.98 -12.32 -11.56
CA ARG C 51 -13.09 -13.03 -10.65
C ARG C 51 -11.74 -12.32 -10.58
N THR C 52 -11.11 -12.40 -9.42
CA THR C 52 -9.76 -11.87 -9.24
C THR C 52 -8.76 -12.73 -9.99
N ARG C 53 -8.29 -12.25 -11.14
CA ARG C 53 -7.34 -13.00 -11.95
C ARG C 53 -5.91 -12.82 -11.48
N ARG C 54 -5.58 -11.70 -10.87
CA ARG C 54 -4.26 -11.46 -10.31
C ARG C 54 -4.41 -10.65 -9.03
N THR C 55 -3.50 -10.87 -8.10
CA THR C 55 -3.24 -9.92 -7.02
C THR C 55 -1.81 -9.44 -7.09
N LEU C 56 -1.63 -8.13 -7.14
CA LEU C 56 -0.32 -7.52 -7.14
C LEU C 56 -0.05 -6.94 -5.77
N ARG C 57 1.07 -7.32 -5.17
CA ARG C 57 1.37 -6.90 -3.81
C ARG C 57 2.86 -6.66 -3.64
N GLY C 58 3.19 -5.68 -2.79
CA GLY C 58 4.54 -5.19 -2.67
C GLY C 58 4.60 -3.77 -2.13
N HIS C 59 3.57 -2.97 -2.34
CA HIS C 59 3.47 -1.69 -1.64
C HIS C 59 3.37 -1.91 -0.14
N LEU C 60 3.90 -0.93 0.62
CA LEU C 60 3.92 -1.01 2.07
C LEU C 60 2.72 -0.29 2.69
N ALA C 61 2.31 0.84 2.13
CA ALA C 61 1.22 1.64 2.66
C ALA C 61 0.04 1.62 1.70
N LYS C 62 -1.01 2.34 2.08
CA LYS C 62 -2.18 2.50 1.23
C LYS C 62 -1.82 2.98 -0.17
N ILE C 63 -2.46 2.37 -1.16
CA ILE C 63 -2.34 2.77 -2.55
C ILE C 63 -3.31 3.92 -2.83
N TYR C 64 -2.80 5.01 -3.38
CA TYR C 64 -3.61 6.19 -3.61
C TYR C 64 -4.07 6.37 -5.05
N ALA C 65 -3.31 5.88 -6.04
CA ALA C 65 -3.71 6.06 -7.43
C ALA C 65 -3.04 5.01 -8.29
N MET C 66 -3.57 4.84 -9.51
CA MET C 66 -2.97 3.95 -10.50
C MET C 66 -3.35 4.46 -11.89
N HIS C 67 -2.61 4.02 -12.89
CA HIS C 67 -2.98 4.31 -14.28
C HIS C 67 -2.48 3.20 -15.19
N TRP C 68 -3.29 2.79 -16.16
CA TRP C 68 -2.87 1.84 -17.18
C TRP C 68 -2.04 2.48 -18.27
N GLY C 69 -1.04 1.75 -18.74
CA GLY C 69 -0.42 2.08 -20.01
C GLY C 69 -1.32 1.82 -21.19
N THR C 70 -1.06 2.53 -22.28
CA THR C 70 -1.86 2.39 -23.50
C THR C 70 -1.72 1.03 -24.16
N ASP C 71 -0.72 0.23 -23.79
CA ASP C 71 -0.59 -1.12 -24.31
C ASP C 71 -1.52 -2.11 -23.62
N SER C 72 -2.30 -1.66 -22.64
CA SER C 72 -3.16 -2.52 -21.84
C SER C 72 -2.40 -3.61 -21.10
N ARG C 73 -1.11 -3.45 -20.89
CA ARG C 73 -0.37 -4.49 -20.19
C ARG C 73 0.51 -3.95 -19.08
N LEU C 74 1.16 -2.81 -19.27
CA LEU C 74 1.90 -2.16 -18.21
C LEU C 74 0.99 -1.28 -17.35
N LEU C 75 1.31 -1.23 -16.08
CA LEU C 75 0.50 -0.55 -15.07
C LEU C 75 1.42 0.16 -14.09
N VAL C 76 1.08 1.40 -13.75
CA VAL C 76 1.82 2.16 -12.75
C VAL C 76 0.95 2.39 -11.53
N SER C 77 1.58 2.40 -10.37
CA SER C 77 0.89 2.48 -9.09
C SER C 77 1.70 3.28 -8.09
N ALA C 78 1.02 4.07 -7.28
CA ALA C 78 1.67 4.95 -6.32
C ALA C 78 1.12 4.71 -4.92
N SER C 79 2.00 4.67 -3.93
CA SER C 79 1.59 4.48 -2.54
C SER C 79 2.30 5.49 -1.66
N GLN C 80 1.68 5.81 -0.53
CA GLN C 80 2.20 6.82 0.36
C GLN C 80 3.35 6.34 1.23
N ASP C 81 3.95 5.21 0.93
CA ASP C 81 5.27 4.92 1.46
C ASP C 81 6.38 5.53 0.64
N GLY C 82 6.03 6.11 -0.51
CA GLY C 82 6.97 6.81 -1.35
C GLY C 82 7.57 6.01 -2.47
N LYS C 83 7.09 4.80 -2.73
CA LYS C 83 7.43 4.08 -3.94
C LYS C 83 6.43 4.36 -5.05
N LEU C 84 6.94 4.38 -6.27
CA LEU C 84 6.14 4.29 -7.48
C LEU C 84 6.58 3.03 -8.21
N ILE C 85 5.66 2.10 -8.45
CA ILE C 85 5.99 0.80 -9.01
C ILE C 85 5.29 0.62 -10.35
N ILE C 86 6.02 0.04 -11.30
CA ILE C 86 5.49 -0.33 -12.61
C ILE C 86 5.42 -1.85 -12.69
N TRP C 87 4.26 -2.37 -13.04
CA TRP C 87 3.97 -3.80 -13.04
C TRP C 87 3.78 -4.30 -14.46
N ASP C 88 4.31 -5.47 -14.75
CA ASP C 88 3.86 -6.26 -15.89
C ASP C 88 2.60 -7.01 -15.47
N SER C 89 1.46 -6.61 -16.04
CA SER C 89 0.17 -7.16 -15.61
C SER C 89 0.03 -8.65 -15.88
N TYR C 90 0.61 -9.16 -16.96
CA TYR C 90 0.40 -10.57 -17.30
C TYR C 90 1.17 -11.49 -16.36
N THR C 91 2.44 -11.19 -16.12
CA THR C 91 3.28 -12.05 -15.30
C THR C 91 3.29 -11.66 -13.83
N THR C 92 2.83 -10.46 -13.50
CA THR C 92 3.01 -9.83 -12.19
C THR C 92 4.46 -9.47 -11.87
N ASN C 93 5.37 -9.56 -12.84
CA ASN C 93 6.73 -9.11 -12.61
C ASN C 93 6.74 -7.61 -12.33
N LYS C 94 7.60 -7.20 -11.40
CA LYS C 94 7.89 -5.79 -11.19
C LYS C 94 8.93 -5.31 -12.19
N VAL C 95 8.58 -4.31 -12.98
CA VAL C 95 9.46 -3.80 -14.02
C VAL C 95 10.39 -2.71 -13.49
N HIS C 96 9.85 -1.76 -12.73
CA HIS C 96 10.62 -0.70 -12.09
C HIS C 96 10.03 -0.42 -10.72
N ALA C 97 10.90 -0.04 -9.78
CA ALA C 97 10.47 0.58 -8.53
C ALA C 97 11.20 1.91 -8.36
N ILE C 98 10.45 2.99 -8.26
CA ILE C 98 10.99 4.34 -8.29
C ILE C 98 10.76 4.96 -6.90
N PRO C 99 11.81 5.36 -6.18
CA PRO C 99 11.63 6.06 -4.90
C PRO C 99 11.38 7.55 -5.11
N LEU C 100 10.25 8.04 -4.59
CA LEU C 100 9.88 9.44 -4.71
C LEU C 100 10.59 10.31 -3.67
N ARG C 101 10.72 11.60 -3.99
CA ARG C 101 11.30 12.56 -3.06
C ARG C 101 10.38 12.86 -1.88
N SER C 102 9.07 12.75 -2.05
CA SER C 102 8.12 13.02 -0.97
C SER C 102 7.13 11.87 -0.86
N SER C 103 6.89 11.44 0.37
CA SER C 103 6.01 10.30 0.62
C SER C 103 4.55 10.61 0.29
N TRP C 104 4.14 11.85 0.36
CA TRP C 104 2.72 12.19 0.32
C TRP C 104 2.20 12.32 -1.10
N VAL C 105 2.51 11.32 -1.92
CA VAL C 105 1.99 11.24 -3.28
C VAL C 105 0.49 11.03 -3.26
N MET C 106 -0.19 11.68 -4.20
CA MET C 106 -1.64 11.58 -4.34
C MET C 106 -2.11 11.33 -5.76
N THR C 107 -1.27 11.50 -6.77
CA THR C 107 -1.67 11.32 -8.16
C THR C 107 -0.54 10.69 -8.96
N CYS C 108 -0.89 10.18 -10.14
CA CYS C 108 -0.08 9.20 -10.86
C CYS C 108 -0.60 9.14 -12.29
N ALA C 109 0.32 9.17 -13.26
CA ALA C 109 -0.08 9.10 -14.66
C ALA C 109 1.01 8.43 -15.48
N TYR C 110 0.59 7.77 -16.56
CA TYR C 110 1.48 7.10 -17.50
C TYR C 110 1.37 7.78 -18.85
N ALA C 111 2.49 8.21 -19.42
CA ALA C 111 2.43 8.90 -20.70
C ALA C 111 1.92 7.97 -21.80
N PRO C 112 1.19 8.51 -22.78
CA PRO C 112 0.66 7.65 -23.85
C PRO C 112 1.73 6.91 -24.64
N SER C 113 2.94 7.48 -24.75
CA SER C 113 4.05 6.80 -25.39
C SER C 113 4.69 5.75 -24.50
N GLY C 114 4.44 5.81 -23.19
CA GLY C 114 5.19 5.03 -22.24
C GLY C 114 6.60 5.52 -21.97
N ASN C 115 6.96 6.69 -22.49
CA ASN C 115 8.27 7.24 -22.20
C ASN C 115 8.39 7.80 -20.78
N TYR C 116 7.29 8.23 -20.17
CA TYR C 116 7.35 8.97 -18.92
C TYR C 116 6.23 8.54 -17.98
N VAL C 117 6.46 8.75 -16.69
CA VAL C 117 5.40 8.78 -15.68
C VAL C 117 5.48 10.11 -14.94
N ALA C 118 4.34 10.58 -14.47
CA ALA C 118 4.23 11.79 -13.66
C ALA C 118 3.62 11.47 -12.30
N CYS C 119 3.97 12.29 -11.31
CA CYS C 119 3.65 12.02 -9.92
C CYS C 119 3.57 13.35 -9.17
N GLY C 120 2.80 13.37 -8.08
CA GLY C 120 2.74 14.56 -7.25
C GLY C 120 1.78 14.40 -6.09
N GLY C 121 1.79 15.38 -5.20
CA GLY C 121 0.88 15.39 -4.07
C GLY C 121 0.95 16.60 -3.17
N LEU C 122 1.08 16.40 -1.86
CA LEU C 122 1.13 17.51 -0.92
C LEU C 122 2.37 18.38 -1.06
N ASP C 123 3.36 17.97 -1.82
CA ASP C 123 4.50 18.83 -2.08
C ASP C 123 4.17 20.01 -2.97
N ASN C 124 2.98 20.03 -3.57
CA ASN C 124 2.59 21.02 -4.57
C ASN C 124 3.41 20.95 -5.85
N ILE C 125 4.12 19.86 -6.09
CA ILE C 125 5.03 19.76 -7.24
C ILE C 125 4.61 18.55 -8.06
N CYS C 126 4.69 18.69 -9.38
CA CYS C 126 4.51 17.57 -10.31
C CYS C 126 5.86 17.19 -10.90
N SER C 127 6.27 15.95 -10.66
CA SER C 127 7.58 15.45 -11.08
C SER C 127 7.42 14.48 -12.24
N ILE C 128 8.21 14.67 -13.29
CA ILE C 128 8.21 13.82 -14.47
C ILE C 128 9.45 12.94 -14.47
N TYR C 129 9.26 11.64 -14.59
CA TYR C 129 10.35 10.66 -14.61
C TYR C 129 10.55 10.11 -16.01
N ASN C 130 11.78 10.12 -16.50
CA ASN C 130 12.12 9.54 -17.78
C ASN C 130 12.42 8.05 -17.60
N LEU C 131 11.65 7.19 -18.27
CA LEU C 131 11.82 5.76 -18.14
C LEU C 131 12.85 5.16 -19.08
N LYS C 132 13.22 5.86 -20.15
CA LYS C 132 13.98 5.27 -21.26
C LYS C 132 15.19 6.14 -21.53
N THR C 133 16.33 5.77 -20.96
CA THR C 133 17.54 6.56 -21.05
C THR C 133 18.74 5.64 -21.27
N ARG C 134 19.86 6.23 -21.68
CA ARG C 134 21.04 5.44 -22.02
C ARG C 134 21.63 4.75 -20.81
N GLU C 135 21.39 5.26 -19.61
CA GLU C 135 21.72 4.58 -18.37
C GLU C 135 20.56 3.67 -17.98
N GLY C 136 20.85 2.73 -17.10
CA GLY C 136 19.85 1.75 -16.74
C GLY C 136 18.82 2.22 -15.73
N ASN C 137 18.90 3.46 -15.29
CA ASN C 137 18.14 3.94 -14.13
C ASN C 137 17.16 5.04 -14.53
N VAL C 138 16.01 5.04 -13.86
CA VAL C 138 15.04 6.12 -13.97
C VAL C 138 15.54 7.33 -13.18
N ARG C 139 15.34 8.52 -13.73
CA ARG C 139 15.67 9.75 -13.00
C ARG C 139 14.65 10.84 -13.33
N VAL C 140 14.60 11.83 -12.44
CA VAL C 140 13.70 12.98 -12.60
C VAL C 140 14.13 13.82 -13.79
N SER C 141 13.24 13.96 -14.77
CA SER C 141 13.48 14.86 -15.88
C SER C 141 13.17 16.31 -15.53
N ARG C 142 12.01 16.57 -14.95
CA ARG C 142 11.57 17.92 -14.65
C ARG C 142 10.71 17.93 -13.41
N GLU C 143 10.77 19.01 -12.65
CA GLU C 143 9.84 19.28 -11.56
C GLU C 143 9.10 20.58 -11.84
N LEU C 144 7.77 20.49 -11.89
CA LEU C 144 6.93 21.62 -12.23
C LEU C 144 6.37 22.22 -10.93
N ALA C 145 6.65 23.50 -10.69
CA ALA C 145 6.28 24.16 -9.45
C ALA C 145 5.63 25.49 -9.74
N GLY C 146 4.54 25.78 -9.01
CA GLY C 146 3.76 26.98 -9.28
C GLY C 146 2.33 26.89 -8.79
N HIS C 147 1.82 25.69 -8.60
CA HIS C 147 0.60 25.52 -7.82
C HIS C 147 0.83 25.86 -6.37
N THR C 148 -0.22 26.41 -5.73
CA THR C 148 -0.16 26.82 -4.35
C THR C 148 -0.71 25.78 -3.39
N GLY C 149 -1.61 24.89 -3.83
CA GLY C 149 -2.06 23.78 -3.03
C GLY C 149 -1.71 22.44 -3.64
N TYR C 150 -2.03 21.39 -2.89
CA TYR C 150 -1.65 20.03 -3.26
C TYR C 150 -2.15 19.66 -4.65
N LEU C 151 -1.36 18.83 -5.34
CA LEU C 151 -1.73 18.26 -6.64
C LEU C 151 -2.74 17.15 -6.48
N SER C 152 -3.90 17.28 -7.11
CA SER C 152 -4.94 16.25 -7.04
C SER C 152 -4.97 15.31 -8.24
N CYS C 153 -4.72 15.80 -9.46
CA CYS C 153 -4.71 14.94 -10.64
C CYS C 153 -3.74 15.49 -11.67
N CYS C 154 -3.23 14.61 -12.53
CA CYS C 154 -2.48 15.03 -13.71
C CYS C 154 -2.66 14.03 -14.84
N ARG C 155 -2.68 14.54 -16.08
CA ARG C 155 -2.78 13.72 -17.27
C ARG C 155 -1.96 14.30 -18.41
N PHE C 156 -1.17 13.45 -19.08
CA PHE C 156 -0.43 13.88 -20.27
C PHE C 156 -1.35 14.08 -21.46
N LEU C 157 -1.14 15.16 -22.20
CA LEU C 157 -1.69 15.24 -23.56
C LEU C 157 -0.75 14.57 -24.55
N ASP C 158 0.56 14.75 -24.35
CA ASP C 158 1.60 14.15 -25.17
C ASP C 158 2.87 14.21 -24.34
N ASP C 159 3.99 13.82 -24.95
CA ASP C 159 5.24 13.80 -24.21
C ASP C 159 5.72 15.17 -23.77
N ASN C 160 5.14 16.26 -24.27
CA ASN C 160 5.58 17.60 -23.91
C ASN C 160 4.56 18.42 -23.12
N GLN C 161 3.27 18.10 -23.21
CA GLN C 161 2.21 18.83 -22.53
C GLN C 161 1.55 17.96 -21.46
N ILE C 162 1.37 18.52 -20.26
CA ILE C 162 0.66 17.86 -19.17
C ILE C 162 -0.31 18.84 -18.53
N VAL C 163 -1.50 18.34 -18.16
CA VAL C 163 -2.51 19.12 -17.46
C VAL C 163 -2.60 18.67 -16.01
N THR C 164 -2.66 19.64 -15.09
CA THR C 164 -2.74 19.39 -13.66
C THR C 164 -3.88 20.17 -13.03
N SER C 165 -4.36 19.64 -11.90
CA SER C 165 -5.34 20.31 -11.05
C SER C 165 -4.90 20.21 -9.60
N SER C 166 -5.36 21.11 -8.74
CA SER C 166 -4.79 21.19 -7.40
C SER C 166 -5.81 21.69 -6.39
N GLY C 167 -5.34 21.83 -5.14
CA GLY C 167 -6.14 22.38 -4.05
C GLY C 167 -6.33 23.87 -4.01
N ASP C 168 -5.46 24.65 -4.63
CA ASP C 168 -5.92 25.93 -5.11
C ASP C 168 -6.94 25.67 -6.21
N THR C 169 -7.89 26.56 -6.34
CA THR C 169 -9.10 26.28 -7.10
C THR C 169 -8.86 26.44 -8.61
N THR C 170 -7.91 25.68 -9.12
CA THR C 170 -7.29 26.03 -10.39
C THR C 170 -6.77 24.76 -11.07
N CYS C 171 -6.78 24.79 -12.41
CA CYS C 171 -6.04 23.86 -13.25
C CYS C 171 -5.02 24.64 -14.06
N ALA C 172 -3.97 23.95 -14.49
CA ALA C 172 -2.95 24.57 -15.33
C ALA C 172 -2.49 23.61 -16.41
N LEU C 173 -2.13 24.17 -17.55
CA LEU C 173 -1.51 23.45 -18.65
C LEU C 173 -0.05 23.85 -18.73
N TRP C 174 0.85 22.88 -18.78
CA TRP C 174 2.28 23.12 -18.70
C TRP C 174 2.96 22.71 -19.99
N ASP C 175 3.98 23.48 -20.39
CA ASP C 175 5.08 22.95 -21.16
C ASP C 175 5.96 22.12 -20.23
N ILE C 176 6.61 21.10 -20.78
CA ILE C 176 7.56 20.33 -19.97
C ILE C 176 8.99 20.70 -20.31
N GLU C 177 9.24 21.13 -21.55
CA GLU C 177 10.61 21.48 -21.93
C GLU C 177 11.08 22.70 -21.17
N THR C 178 10.25 23.74 -21.12
CA THR C 178 10.32 24.77 -20.10
C THR C 178 9.23 24.52 -19.07
N GLY C 179 9.58 24.67 -17.79
CA GLY C 179 8.66 24.37 -16.73
C GLY C 179 7.58 25.42 -16.54
N GLN C 180 6.98 25.88 -17.63
CA GLN C 180 6.16 27.08 -17.62
C GLN C 180 4.69 26.70 -17.79
N GLN C 181 3.84 27.32 -16.99
CA GLN C 181 2.39 27.24 -17.21
C GLN C 181 2.04 27.95 -18.51
N THR C 182 1.65 27.18 -19.52
CA THR C 182 1.20 27.76 -20.77
C THR C 182 -0.21 28.33 -20.66
N THR C 183 -1.05 27.77 -19.80
CA THR C 183 -2.38 28.31 -19.56
C THR C 183 -2.83 27.95 -18.16
N THR C 184 -3.66 28.80 -17.59
CA THR C 184 -4.26 28.53 -16.28
C THR C 184 -5.77 28.69 -16.36
N PHE C 185 -6.49 27.77 -15.74
CA PHE C 185 -7.93 27.69 -15.81
C PHE C 185 -8.50 27.98 -14.43
N THR C 186 -9.30 29.03 -14.32
CA THR C 186 -9.78 29.53 -13.04
C THR C 186 -11.28 29.75 -13.11
N GLY C 187 -11.96 29.46 -12.01
CA GLY C 187 -13.41 29.59 -11.96
C GLY C 187 -14.07 28.69 -10.94
N HIS C 188 -13.45 27.55 -10.63
CA HIS C 188 -13.87 26.77 -9.48
C HIS C 188 -13.64 27.55 -8.19
N THR C 189 -14.46 27.27 -7.19
CA THR C 189 -14.36 27.91 -5.89
C THR C 189 -13.97 26.95 -4.78
N GLY C 190 -13.82 25.65 -5.08
CA GLY C 190 -13.28 24.71 -4.13
C GLY C 190 -12.09 23.97 -4.71
N ASP C 191 -11.54 23.08 -3.90
CA ASP C 191 -10.48 22.20 -4.37
C ASP C 191 -10.92 21.44 -5.61
N VAL C 192 -10.12 21.49 -6.66
CA VAL C 192 -10.38 20.67 -7.84
C VAL C 192 -9.85 19.27 -7.56
N MET C 193 -10.74 18.29 -7.56
CA MET C 193 -10.40 16.96 -7.08
C MET C 193 -10.04 15.98 -8.19
N SER C 194 -10.60 16.12 -9.39
CA SER C 194 -10.36 15.14 -10.43
C SER C 194 -10.56 15.76 -11.79
N LEU C 195 -9.99 15.10 -12.80
CA LEU C 195 -9.84 15.65 -14.13
C LEU C 195 -9.84 14.48 -15.11
N SER C 196 -10.42 14.66 -16.30
CA SER C 196 -10.22 13.69 -17.36
C SER C 196 -10.29 14.35 -18.72
N LEU C 197 -9.49 13.83 -19.64
CA LEU C 197 -9.37 14.35 -20.99
C LEU C 197 -10.38 13.69 -21.91
N ALA C 198 -10.97 14.48 -22.80
CA ALA C 198 -11.78 13.91 -23.86
C ALA C 198 -10.89 13.07 -24.78
N PRO C 199 -11.45 12.06 -25.44
CA PRO C 199 -10.67 11.37 -26.48
C PRO C 199 -10.17 12.32 -27.56
N ASP C 200 -10.98 13.29 -27.95
CA ASP C 200 -10.55 14.34 -28.87
C ASP C 200 -9.40 15.16 -28.31
N THR C 201 -9.16 15.10 -27.00
CA THR C 201 -8.04 15.79 -26.37
C THR C 201 -8.14 17.31 -26.44
N ARG C 202 -9.01 17.86 -27.29
CA ARG C 202 -9.22 19.30 -27.27
C ARG C 202 -9.98 19.78 -26.02
N LEU C 203 -10.72 18.90 -25.36
CA LEU C 203 -11.55 19.26 -24.21
C LEU C 203 -11.18 18.41 -23.00
N PHE C 204 -11.37 18.97 -21.81
CA PHE C 204 -11.35 18.18 -20.59
C PHE C 204 -12.38 18.73 -19.61
N VAL C 205 -12.78 17.89 -18.66
CA VAL C 205 -13.70 18.26 -17.59
C VAL C 205 -13.01 18.08 -16.24
N SER C 206 -13.36 18.96 -15.30
CA SER C 206 -12.88 18.89 -13.93
C SER C 206 -14.05 18.95 -12.97
N GLY C 207 -13.90 18.26 -11.85
CA GLY C 207 -14.89 18.29 -10.76
C GLY C 207 -14.24 18.73 -9.47
N ALA C 208 -14.97 19.49 -8.66
CA ALA C 208 -14.39 20.17 -7.52
C ALA C 208 -15.30 20.05 -6.30
N CYS C 209 -14.73 20.40 -5.15
CA CYS C 209 -15.44 20.48 -3.87
C CYS C 209 -16.39 21.66 -3.76
N ASP C 210 -16.99 22.06 -4.87
CA ASP C 210 -18.08 23.03 -4.85
C ASP C 210 -19.36 22.41 -5.40
N ALA C 211 -19.39 21.09 -5.53
CA ALA C 211 -20.50 20.37 -6.15
C ALA C 211 -20.75 20.79 -7.60
N SER C 212 -19.73 21.30 -8.28
CA SER C 212 -19.89 21.72 -9.67
C SER C 212 -18.85 21.03 -10.53
N ALA C 213 -19.20 20.82 -11.79
CA ALA C 213 -18.28 20.35 -12.82
C ALA C 213 -18.22 21.38 -13.94
N LYS C 214 -17.05 21.52 -14.54
CA LYS C 214 -16.85 22.51 -15.58
C LYS C 214 -16.20 21.88 -16.80
N LEU C 215 -16.58 22.37 -17.97
CA LEU C 215 -16.00 21.96 -19.24
C LEU C 215 -15.05 23.04 -19.74
N TRP C 216 -13.82 22.64 -20.07
CA TRP C 216 -12.78 23.58 -20.48
C TRP C 216 -12.31 23.27 -21.89
N ASP C 217 -11.86 24.32 -22.57
CA ASP C 217 -11.21 24.20 -23.87
C ASP C 217 -9.72 24.47 -23.66
N VAL C 218 -8.88 23.49 -23.97
CA VAL C 218 -7.46 23.62 -23.70
C VAL C 218 -6.80 24.65 -24.59
N ARG C 219 -7.39 24.95 -25.74
CA ARG C 219 -6.82 25.92 -26.66
C ARG C 219 -7.29 27.33 -26.36
N GLU C 220 -8.61 27.50 -26.16
CA GLU C 220 -9.17 28.81 -25.85
C GLU C 220 -8.93 29.22 -24.40
N GLY C 221 -8.70 28.27 -23.51
CA GLY C 221 -8.38 28.63 -22.13
C GLY C 221 -9.53 29.17 -21.32
N MET C 222 -10.75 28.68 -21.55
CA MET C 222 -11.94 29.27 -20.96
C MET C 222 -12.96 28.19 -20.63
N CYS C 223 -13.82 28.50 -19.67
CA CYS C 223 -14.92 27.62 -19.29
C CYS C 223 -16.04 27.67 -20.32
N ARG C 224 -16.34 26.53 -20.93
CA ARG C 224 -17.45 26.43 -21.87
C ARG C 224 -18.79 26.31 -21.16
N GLN C 225 -18.90 25.41 -20.19
CA GLN C 225 -20.17 25.06 -19.59
C GLN C 225 -19.98 24.63 -18.15
N THR C 226 -21.05 24.72 -17.37
CA THR C 226 -21.04 24.36 -15.96
C THR C 226 -22.23 23.46 -15.65
N PHE C 227 -21.98 22.42 -14.87
CA PHE C 227 -22.98 21.42 -14.51
C PHE C 227 -23.03 21.30 -12.99
N THR C 228 -24.24 21.13 -12.43
CA THR C 228 -24.42 21.47 -11.01
C THR C 228 -25.41 20.56 -10.27
N GLY C 229 -25.70 19.36 -10.76
CA GLY C 229 -26.73 18.56 -10.13
C GLY C 229 -26.38 18.00 -8.76
N HIS C 230 -25.10 17.78 -8.49
CA HIS C 230 -24.71 17.13 -7.24
C HIS C 230 -24.92 18.01 -6.01
N GLU C 231 -25.08 17.34 -4.88
CA GLU C 231 -25.30 17.96 -3.58
C GLU C 231 -24.04 18.08 -2.72
N SER C 232 -22.92 17.52 -3.14
CA SER C 232 -21.74 17.54 -2.29
C SER C 232 -20.50 17.41 -3.16
N ASP C 233 -19.34 17.29 -2.50
CA ASP C 233 -18.06 17.29 -3.20
C ASP C 233 -18.00 16.19 -4.24
N ILE C 234 -17.55 16.54 -5.45
CA ILE C 234 -17.34 15.58 -6.52
C ILE C 234 -15.94 15.00 -6.39
N ASN C 235 -15.84 13.70 -6.18
CA ASN C 235 -14.54 13.06 -6.01
C ASN C 235 -13.95 12.49 -7.30
N ALA C 236 -14.79 12.13 -8.28
CA ALA C 236 -14.29 11.41 -9.44
C ALA C 236 -15.10 11.80 -10.66
N ILE C 237 -14.45 11.76 -11.82
CA ILE C 237 -15.08 12.13 -13.08
C ILE C 237 -14.47 11.30 -14.20
N CYS C 238 -15.26 11.01 -15.23
CA CYS C 238 -14.80 10.19 -16.33
C CYS C 238 -15.62 10.49 -17.58
N PHE C 239 -14.96 10.69 -18.72
CA PHE C 239 -15.65 10.79 -20.00
C PHE C 239 -16.26 9.47 -20.43
N PHE C 240 -17.45 9.56 -21.00
CA PHE C 240 -18.06 8.46 -21.74
C PHE C 240 -17.32 8.28 -23.07
N PRO C 241 -17.20 7.03 -23.55
CA PRO C 241 -16.29 6.79 -24.69
C PRO C 241 -16.63 7.58 -25.93
N ASN C 242 -17.90 7.96 -26.12
CA ASN C 242 -18.27 8.80 -27.25
C ASN C 242 -17.78 10.22 -27.10
N GLY C 243 -17.42 10.65 -25.89
CA GLY C 243 -17.00 12.00 -25.64
C GLY C 243 -18.12 13.00 -25.52
N ASN C 244 -19.37 12.60 -25.75
CA ASN C 244 -20.50 13.49 -25.63
C ASN C 244 -21.11 13.52 -24.23
N ALA C 245 -20.66 12.67 -23.32
CA ALA C 245 -21.21 12.61 -21.98
C ALA C 245 -20.11 12.25 -21.00
N PHE C 246 -20.37 12.53 -19.72
CA PHE C 246 -19.43 12.17 -18.66
C PHE C 246 -20.21 11.84 -17.39
N ALA C 247 -19.56 11.10 -16.50
CA ALA C 247 -20.11 10.69 -15.23
C ALA C 247 -19.31 11.25 -14.07
N THR C 248 -19.97 11.48 -12.94
CA THR C 248 -19.35 12.05 -11.76
C THR C 248 -19.84 11.33 -10.51
N GLY C 249 -18.95 11.18 -9.54
CA GLY C 249 -19.30 10.54 -8.27
C GLY C 249 -18.93 11.41 -7.09
N SER C 250 -19.77 11.38 -6.06
CA SER C 250 -19.77 12.40 -5.02
C SER C 250 -19.87 11.74 -3.64
N ASP C 251 -19.61 12.56 -2.62
CA ASP C 251 -19.90 12.19 -1.23
C ASP C 251 -21.38 12.13 -0.93
N ASP C 252 -22.24 12.65 -1.78
CA ASP C 252 -23.67 12.43 -1.58
C ASP C 252 -24.11 11.00 -1.92
N ALA C 253 -23.15 10.12 -2.18
CA ALA C 253 -23.38 8.71 -2.51
C ALA C 253 -24.14 8.48 -3.81
N THR C 254 -24.10 9.41 -4.76
CA THR C 254 -24.71 9.17 -6.06
C THR C 254 -23.65 9.32 -7.15
N CYS C 255 -23.85 8.60 -8.26
CA CYS C 255 -23.31 8.98 -9.56
C CYS C 255 -24.36 9.73 -10.37
N ARG C 256 -23.88 10.54 -11.31
CA ARG C 256 -24.75 11.21 -12.26
C ARG C 256 -24.11 11.23 -13.63
N LEU C 257 -24.94 11.18 -14.66
CA LEU C 257 -24.52 11.23 -16.05
C LEU C 257 -25.00 12.55 -16.65
N PHE C 258 -24.09 13.27 -17.29
CA PHE C 258 -24.38 14.54 -17.94
C PHE C 258 -24.06 14.42 -19.42
N ASP C 259 -24.89 15.05 -20.25
CA ASP C 259 -24.61 15.18 -21.68
C ASP C 259 -24.23 16.60 -22.03
N LEU C 260 -23.17 16.74 -22.84
CA LEU C 260 -22.59 18.05 -23.11
C LEU C 260 -23.47 18.93 -23.98
N ARG C 261 -24.50 18.37 -24.61
CA ARG C 261 -25.29 19.10 -25.60
C ARG C 261 -26.72 19.31 -25.17
N ALA C 262 -27.31 18.37 -24.44
CA ALA C 262 -28.51 18.66 -23.65
C ALA C 262 -28.17 19.57 -22.47
N ASP C 263 -26.89 19.66 -22.13
CA ASP C 263 -26.39 20.58 -21.11
C ASP C 263 -26.89 20.27 -19.71
N GLN C 264 -27.32 19.04 -19.43
CA GLN C 264 -28.03 18.78 -18.19
C GLN C 264 -27.84 17.31 -17.80
N GLU C 265 -28.22 17.01 -16.56
CA GLU C 265 -28.19 15.64 -16.04
C GLU C 265 -29.19 14.75 -16.77
N LEU C 266 -28.68 13.66 -17.36
CA LEU C 266 -29.56 12.64 -17.92
C LEU C 266 -30.09 11.66 -16.89
N MET C 267 -29.27 11.24 -15.94
CA MET C 267 -29.63 10.10 -15.11
C MET C 267 -28.82 10.12 -13.82
N THR C 268 -29.34 9.45 -12.81
CA THR C 268 -28.64 9.26 -11.54
C THR C 268 -28.68 7.82 -11.09
N TYR C 269 -27.57 7.37 -10.49
CA TYR C 269 -27.41 6.00 -10.01
C TYR C 269 -27.26 6.03 -8.50
N SER C 270 -28.21 5.45 -7.78
CA SER C 270 -28.19 5.48 -6.33
C SER C 270 -29.11 4.39 -5.82
N HIS C 271 -28.90 4.00 -4.56
CA HIS C 271 -29.75 3.01 -3.94
C HIS C 271 -29.80 3.30 -2.44
N ASP C 272 -30.95 2.99 -1.84
CA ASP C 272 -31.18 3.33 -0.44
C ASP C 272 -30.22 2.62 0.50
N ASN C 273 -29.70 1.46 0.10
CA ASN C 273 -28.72 0.75 0.91
C ASN C 273 -27.34 1.38 0.89
N ILE C 274 -27.09 2.34 0.00
CA ILE C 274 -25.77 2.92 -0.20
C ILE C 274 -25.77 4.31 0.40
N ILE C 275 -24.88 4.53 1.37
CA ILE C 275 -24.88 5.77 2.13
C ILE C 275 -23.45 6.26 2.36
N CYS C 276 -22.52 5.87 1.49
CA CYS C 276 -21.14 6.28 1.62
C CYS C 276 -20.63 6.82 0.29
N GLY C 277 -19.55 7.60 0.38
CA GLY C 277 -19.06 8.33 -0.77
C GLY C 277 -18.48 7.44 -1.85
N ILE C 278 -18.51 7.97 -3.07
CA ILE C 278 -17.94 7.31 -4.24
C ILE C 278 -16.55 7.87 -4.51
N THR C 279 -15.56 6.99 -4.60
CA THR C 279 -14.17 7.42 -4.71
C THR C 279 -13.68 7.50 -6.16
N SER C 280 -14.26 6.74 -7.07
CA SER C 280 -13.63 6.49 -8.36
C SER C 280 -14.67 5.93 -9.32
N VAL C 281 -14.53 6.27 -10.60
CA VAL C 281 -15.54 5.94 -11.60
C VAL C 281 -14.83 5.61 -12.92
N SER C 282 -15.35 4.63 -13.64
CA SER C 282 -14.93 4.38 -15.01
C SER C 282 -16.02 3.66 -15.79
N PHE C 283 -16.06 3.89 -17.10
CA PHE C 283 -16.85 3.10 -18.02
C PHE C 283 -16.09 1.87 -18.52
N SER C 284 -16.84 0.89 -19.03
CA SER C 284 -16.31 -0.14 -19.90
C SER C 284 -16.16 0.36 -21.33
N LYS C 285 -15.49 -0.46 -22.15
CA LYS C 285 -15.15 -0.03 -23.50
C LYS C 285 -16.37 0.31 -24.35
N SER C 286 -17.46 -0.43 -24.18
CA SER C 286 -18.69 -0.07 -24.88
C SER C 286 -19.40 1.13 -24.26
N GLY C 287 -19.07 1.47 -23.02
CA GLY C 287 -19.85 2.42 -22.26
C GLY C 287 -21.07 1.85 -21.58
N ARG C 288 -21.42 0.59 -21.80
CA ARG C 288 -22.65 0.05 -21.24
C ARG C 288 -22.54 -0.19 -19.74
N LEU C 289 -21.35 -0.46 -19.22
CA LEU C 289 -21.14 -0.62 -17.79
C LEU C 289 -20.47 0.61 -17.20
N LEU C 290 -21.00 1.09 -16.08
CA LEU C 290 -20.34 2.08 -15.24
C LEU C 290 -19.89 1.42 -13.95
N LEU C 291 -18.60 1.53 -13.65
CA LEU C 291 -18.00 0.95 -12.45
C LEU C 291 -17.71 2.07 -11.46
N ALA C 292 -18.09 1.87 -10.21
CA ALA C 292 -17.83 2.85 -9.17
C ALA C 292 -17.29 2.21 -7.90
N GLY C 293 -16.26 2.81 -7.34
CA GLY C 293 -15.67 2.36 -6.08
C GLY C 293 -16.15 3.18 -4.90
N TYR C 294 -16.36 2.50 -3.77
CA TYR C 294 -17.04 3.09 -2.62
C TYR C 294 -16.18 3.03 -1.37
N ASP C 295 -16.46 3.95 -0.45
CA ASP C 295 -15.81 3.97 0.87
C ASP C 295 -16.08 2.71 1.68
N ASP C 296 -17.18 2.00 1.44
CA ASP C 296 -17.37 0.73 2.11
C ASP C 296 -16.56 -0.40 1.47
N PHE C 297 -15.72 -0.06 0.48
CA PHE C 297 -14.78 -0.98 -0.16
C PHE C 297 -15.42 -2.18 -0.86
N ASN C 298 -16.58 -1.95 -1.47
CA ASN C 298 -16.98 -2.73 -2.63
C ASN C 298 -16.86 -1.85 -3.87
N CYS C 299 -16.89 -2.45 -5.04
CA CYS C 299 -17.27 -1.76 -6.27
C CYS C 299 -18.60 -2.29 -6.77
N ASN C 300 -19.45 -1.39 -7.23
CA ASN C 300 -20.72 -1.74 -7.85
C ASN C 300 -20.63 -1.51 -9.35
N VAL C 301 -21.23 -2.42 -10.10
CA VAL C 301 -21.31 -2.31 -11.55
C VAL C 301 -22.73 -1.91 -11.90
N TRP C 302 -22.89 -0.82 -12.63
CA TRP C 302 -24.19 -0.27 -12.98
C TRP C 302 -24.42 -0.43 -14.47
N ASP C 303 -25.64 -0.83 -14.82
CA ASP C 303 -26.13 -0.68 -16.19
C ASP C 303 -26.28 0.80 -16.49
N ALA C 304 -25.38 1.34 -17.31
CA ALA C 304 -25.35 2.78 -17.52
C ALA C 304 -26.60 3.29 -18.21
N LEU C 305 -27.33 2.45 -18.95
CA LEU C 305 -28.53 2.91 -19.61
C LEU C 305 -29.78 2.75 -18.75
N LYS C 306 -29.90 1.67 -17.99
CA LYS C 306 -31.10 1.41 -17.20
C LYS C 306 -30.95 1.84 -15.75
N ALA C 307 -29.74 2.12 -15.28
CA ALA C 307 -29.45 2.45 -13.89
C ALA C 307 -29.77 1.33 -12.91
N ASP C 308 -30.02 0.12 -13.38
CA ASP C 308 -30.05 -1.02 -12.47
C ASP C 308 -28.64 -1.35 -12.04
N ARG C 309 -28.47 -1.66 -10.76
CA ARG C 309 -27.23 -2.29 -10.31
C ARG C 309 -27.15 -3.73 -10.80
N ALA C 310 -25.99 -4.10 -11.34
CA ALA C 310 -25.86 -5.35 -12.08
C ALA C 310 -24.76 -6.26 -11.59
N GLY C 311 -23.92 -5.85 -10.66
CA GLY C 311 -22.88 -6.74 -10.15
C GLY C 311 -22.09 -6.05 -9.07
N VAL C 312 -21.26 -6.84 -8.39
CA VAL C 312 -20.44 -6.35 -7.30
C VAL C 312 -19.07 -6.99 -7.36
N LEU C 313 -18.04 -6.20 -7.10
CA LEU C 313 -16.69 -6.68 -6.87
C LEU C 313 -16.42 -6.50 -5.38
N ALA C 314 -15.99 -7.56 -4.71
CA ALA C 314 -16.09 -7.58 -3.25
C ALA C 314 -14.88 -8.20 -2.59
N GLY C 315 -13.69 -7.97 -3.14
CA GLY C 315 -12.52 -8.62 -2.60
C GLY C 315 -11.69 -7.80 -1.63
N HIS C 316 -11.84 -6.47 -1.65
CA HIS C 316 -10.98 -5.61 -0.87
C HIS C 316 -11.39 -5.49 0.60
N ASP C 317 -10.38 -5.31 1.43
CA ASP C 317 -10.51 -5.24 2.88
C ASP C 317 -10.62 -3.81 3.41
N ASN C 318 -10.40 -2.81 2.58
CA ASN C 318 -10.39 -1.43 3.02
C ASN C 318 -10.69 -0.53 1.83
N ARG C 319 -10.95 0.74 2.12
CA ARG C 319 -11.38 1.72 1.13
C ARG C 319 -10.81 1.49 -0.26
N VAL C 320 -11.69 1.37 -1.26
CA VAL C 320 -11.27 1.33 -2.66
C VAL C 320 -10.87 2.73 -3.10
N SER C 321 -9.58 2.94 -3.36
CA SER C 321 -9.11 4.28 -3.67
C SER C 321 -9.11 4.60 -5.16
N CYS C 322 -8.91 3.63 -6.03
CA CYS C 322 -8.80 3.90 -7.46
C CYS C 322 -9.20 2.68 -8.26
N LEU C 323 -9.66 2.91 -9.49
CA LEU C 323 -9.87 1.83 -10.44
C LEU C 323 -9.68 2.35 -11.86
N GLY C 324 -9.40 1.43 -12.78
CA GLY C 324 -9.22 1.80 -14.18
C GLY C 324 -9.41 0.61 -15.10
N VAL C 325 -9.95 0.88 -16.28
CA VAL C 325 -10.24 -0.12 -17.29
C VAL C 325 -9.24 0.00 -18.43
N THR C 326 -8.70 -1.14 -18.87
CA THR C 326 -7.72 -1.15 -19.95
C THR C 326 -8.34 -0.61 -21.24
N ASP C 327 -7.49 -0.02 -22.08
CA ASP C 327 -7.98 0.63 -23.29
C ASP C 327 -8.60 -0.37 -24.27
N ASP C 328 -8.20 -1.63 -24.22
CA ASP C 328 -8.87 -2.68 -24.98
C ASP C 328 -10.07 -3.26 -24.25
N GLY C 329 -10.38 -2.78 -23.05
CA GLY C 329 -11.54 -3.25 -22.32
C GLY C 329 -11.40 -4.63 -21.72
N MET C 330 -10.21 -5.20 -21.73
CA MET C 330 -10.05 -6.60 -21.35
C MET C 330 -10.11 -6.81 -19.85
N ALA C 331 -9.77 -5.82 -19.03
CA ALA C 331 -9.74 -6.04 -17.59
C ALA C 331 -10.00 -4.75 -16.83
N VAL C 332 -10.38 -4.91 -15.57
CA VAL C 332 -10.48 -3.84 -14.58
C VAL C 332 -9.41 -4.05 -13.52
N ALA C 333 -8.76 -2.96 -13.11
CA ALA C 333 -7.91 -2.99 -11.93
C ALA C 333 -8.44 -2.06 -10.86
N THR C 334 -8.32 -2.49 -9.61
CA THR C 334 -8.76 -1.72 -8.44
C THR C 334 -7.65 -1.67 -7.42
N GLY C 335 -7.45 -0.51 -6.81
CA GLY C 335 -6.48 -0.34 -5.75
C GLY C 335 -7.13 0.08 -4.45
N SER C 336 -6.49 -0.17 -3.32
CA SER C 336 -7.15 0.00 -2.03
C SER C 336 -6.16 0.46 -0.99
N TRP C 337 -6.69 1.07 0.07
CA TRP C 337 -5.91 1.33 1.27
C TRP C 337 -5.44 0.07 1.97
N ASP C 338 -5.89 -1.12 1.57
CA ASP C 338 -5.29 -2.34 2.07
C ASP C 338 -3.91 -2.60 1.49
N SER C 339 -3.47 -1.79 0.52
CA SER C 339 -2.18 -1.87 -0.15
C SER C 339 -2.06 -2.97 -1.20
N PHE C 340 -3.15 -3.53 -1.71
CA PHE C 340 -3.09 -4.47 -2.82
C PHE C 340 -3.78 -3.89 -4.04
N LEU C 341 -3.30 -4.28 -5.22
CA LEU C 341 -4.06 -4.15 -6.46
C LEU C 341 -4.63 -5.50 -6.83
N LYS C 342 -5.87 -5.51 -7.29
CA LYS C 342 -6.50 -6.70 -7.82
C LYS C 342 -6.94 -6.45 -9.25
N ILE C 343 -6.79 -7.47 -10.09
CA ILE C 343 -7.18 -7.42 -11.49
C ILE C 343 -8.33 -8.38 -11.69
N TRP C 344 -9.38 -7.92 -12.36
CA TRP C 344 -10.66 -8.59 -12.44
C TRP C 344 -11.00 -8.82 -13.90
N ASN C 345 -11.59 -9.97 -14.20
CA ASN C 345 -12.10 -10.24 -15.53
C ASN C 345 -13.30 -11.17 -15.43
N GLY C 346 -14.14 -11.14 -16.45
CA GLY C 346 -15.26 -12.04 -16.50
C GLY C 346 -14.85 -13.47 -16.82
N SER C 347 -15.87 -14.27 -17.11
CA SER C 347 -15.66 -15.65 -17.55
C SER C 347 -16.79 -16.04 -18.48
N SER C 348 -16.50 -16.96 -19.39
CA SER C 348 -17.49 -17.36 -20.39
C SER C 348 -18.61 -18.17 -19.75
N THR D 6 -13.96 48.79 -4.21
CA THR D 6 -14.19 47.36 -3.82
C THR D 6 -14.04 46.45 -5.03
N ALA D 7 -13.05 45.56 -4.97
CA ALA D 7 -12.69 44.76 -6.13
C ALA D 7 -13.73 43.70 -6.45
N SER D 8 -14.55 43.30 -5.46
CA SER D 8 -15.47 42.18 -5.64
C SER D 8 -16.37 42.37 -6.84
N ILE D 9 -16.69 43.62 -7.19
CA ILE D 9 -17.50 43.88 -8.38
C ILE D 9 -16.83 43.33 -9.63
N ALA D 10 -15.50 43.24 -9.64
CA ALA D 10 -14.81 42.62 -10.77
C ALA D 10 -15.13 41.14 -10.88
N GLN D 11 -15.15 40.43 -9.76
CA GLN D 11 -15.56 39.03 -9.77
C GLN D 11 -17.02 38.88 -10.22
N ALA D 12 -17.89 39.75 -9.73
CA ALA D 12 -19.28 39.72 -10.19
C ALA D 12 -19.40 40.00 -11.68
N ARG D 13 -18.64 40.97 -12.18
CA ARG D 13 -18.57 41.19 -13.62
C ARG D 13 -18.07 39.96 -14.36
N LYS D 14 -16.97 39.36 -13.88
CA LYS D 14 -16.46 38.15 -14.52
C LYS D 14 -17.47 37.00 -14.47
N LEU D 15 -18.15 36.83 -13.35
CA LEU D 15 -19.20 35.81 -13.25
C LEU D 15 -20.34 36.09 -14.23
N VAL D 16 -20.85 37.31 -14.24
CA VAL D 16 -21.91 37.70 -15.17
C VAL D 16 -21.47 37.47 -16.62
N GLU D 17 -20.23 37.81 -16.96
CA GLU D 17 -19.74 37.56 -18.31
C GLU D 17 -19.70 36.07 -18.65
N GLN D 18 -19.23 35.24 -17.71
CA GLN D 18 -19.22 33.80 -17.95
C GLN D 18 -20.63 33.21 -18.05
N LEU D 19 -21.57 33.71 -17.24
CA LEU D 19 -22.96 33.30 -17.39
C LEU D 19 -23.55 33.70 -18.75
N LYS D 20 -23.16 34.85 -19.28
CA LYS D 20 -23.57 35.20 -20.63
C LYS D 20 -23.06 34.21 -21.68
N MET D 21 -21.78 33.86 -21.60
CA MET D 21 -21.24 32.84 -22.51
C MET D 21 -22.01 31.52 -22.41
N GLU D 22 -22.33 31.08 -21.19
CA GLU D 22 -23.04 29.83 -21.00
C GLU D 22 -24.50 29.89 -21.45
N ALA D 23 -25.12 31.06 -21.40
CA ALA D 23 -26.47 31.21 -21.96
C ALA D 23 -26.50 31.16 -23.48
N ASN D 24 -25.45 31.64 -24.15
CA ASN D 24 -25.49 31.73 -25.61
C ASN D 24 -25.46 30.39 -26.33
N ILE D 25 -25.00 29.30 -25.69
CA ILE D 25 -24.84 28.05 -26.43
C ILE D 25 -26.19 27.50 -26.86
N ASP D 26 -26.19 26.80 -28.01
CA ASP D 26 -27.32 26.01 -28.50
C ASP D 26 -27.42 24.66 -27.79
N ARG D 27 -28.66 24.18 -27.66
CA ARG D 27 -28.93 22.93 -26.96
C ARG D 27 -29.87 22.05 -27.77
N ILE D 28 -29.56 20.76 -27.82
CA ILE D 28 -30.44 19.75 -28.41
C ILE D 28 -31.40 19.24 -27.35
N LYS D 29 -32.54 18.70 -27.78
CA LYS D 29 -33.47 18.07 -26.86
C LYS D 29 -32.93 16.72 -26.36
N VAL D 30 -33.28 16.40 -25.11
CA VAL D 30 -32.70 15.26 -24.42
C VAL D 30 -32.98 13.95 -25.16
N SER D 31 -34.13 13.83 -25.79
CA SER D 31 -34.43 12.61 -26.54
C SER D 31 -33.41 12.37 -27.65
N LYS D 32 -32.90 13.43 -28.27
CA LYS D 32 -31.84 13.25 -29.25
C LYS D 32 -30.56 12.78 -28.59
N ALA D 33 -30.18 13.41 -27.47
CA ALA D 33 -29.01 12.97 -26.72
C ALA D 33 -29.12 11.53 -26.25
N ALA D 34 -30.25 11.17 -25.64
CA ALA D 34 -30.45 9.79 -25.19
C ALA D 34 -30.37 8.78 -26.33
N ALA D 35 -30.98 9.09 -27.47
CA ALA D 35 -30.90 8.19 -28.61
C ALA D 35 -29.47 7.97 -29.09
N ASP D 36 -28.65 9.02 -29.09
CA ASP D 36 -27.25 8.87 -29.48
C ASP D 36 -26.49 7.92 -28.56
N LEU D 37 -26.65 8.08 -27.25
CA LEU D 37 -25.96 7.20 -26.32
C LEU D 37 -26.40 5.75 -26.47
N MET D 38 -27.70 5.52 -26.62
CA MET D 38 -28.20 4.16 -26.85
C MET D 38 -27.64 3.56 -28.13
N ALA D 39 -27.66 4.32 -29.23
CA ALA D 39 -27.13 3.84 -30.50
C ALA D 39 -25.64 3.53 -30.43
N TYR D 40 -24.86 4.31 -29.71
CA TYR D 40 -23.44 3.99 -29.55
C TYR D 40 -23.23 2.68 -28.80
N CYS D 41 -23.93 2.48 -27.68
CA CYS D 41 -23.70 1.27 -26.89
C CYS D 41 -24.00 -0.01 -27.67
N GLU D 42 -25.10 -0.04 -28.41
CA GLU D 42 -25.45 -1.23 -29.19
C GLU D 42 -24.52 -1.46 -30.38
N ALA D 43 -24.04 -0.39 -31.01
CA ALA D 43 -23.12 -0.55 -32.13
C ALA D 43 -21.78 -1.16 -31.71
N HIS D 44 -21.36 -0.97 -30.47
CA HIS D 44 -20.09 -1.49 -29.98
C HIS D 44 -20.24 -2.62 -28.98
N ALA D 45 -21.45 -3.17 -28.82
CA ALA D 45 -21.70 -4.18 -27.80
C ALA D 45 -20.89 -5.45 -28.02
N LYS D 46 -20.66 -5.83 -29.27
CA LYS D 46 -20.03 -7.10 -29.60
C LYS D 46 -18.56 -7.18 -29.24
N GLU D 47 -17.93 -6.06 -28.90
CA GLU D 47 -16.48 -5.97 -28.74
C GLU D 47 -16.10 -5.40 -27.39
N ASP D 48 -16.95 -5.60 -26.39
CA ASP D 48 -16.64 -5.25 -25.00
C ASP D 48 -16.45 -6.52 -24.19
N PRO D 49 -15.22 -6.91 -23.88
CA PRO D 49 -14.98 -8.16 -23.14
C PRO D 49 -15.57 -8.22 -21.74
N LEU D 50 -15.97 -7.10 -21.14
CA LEU D 50 -16.61 -7.16 -19.84
C LEU D 50 -18.11 -7.36 -19.93
N LEU D 51 -18.75 -6.69 -20.89
CA LEU D 51 -20.16 -6.94 -21.13
C LEU D 51 -20.39 -8.35 -21.66
N THR D 52 -19.50 -8.85 -22.50
CA THR D 52 -19.62 -10.17 -23.13
C THR D 52 -18.30 -10.90 -23.04
N PRO D 53 -18.12 -11.74 -22.02
CA PRO D 53 -16.81 -12.38 -21.80
C PRO D 53 -16.37 -13.23 -22.98
N VAL D 54 -15.07 -13.21 -23.25
CA VAL D 54 -14.45 -13.98 -24.31
C VAL D 54 -14.04 -15.36 -23.79
N PRO D 55 -13.88 -16.36 -24.66
CA PRO D 55 -13.36 -17.65 -24.22
C PRO D 55 -11.97 -17.58 -23.63
N ALA D 56 -11.70 -18.49 -22.70
CA ALA D 56 -10.41 -18.53 -22.01
C ALA D 56 -9.23 -18.71 -22.96
N SER D 57 -9.46 -19.31 -24.12
CA SER D 57 -8.42 -19.40 -25.14
C SER D 57 -7.89 -18.05 -25.60
N GLU D 58 -8.60 -16.96 -25.33
CA GLU D 58 -8.12 -15.63 -25.71
C GLU D 58 -8.27 -14.61 -24.59
N ASN D 59 -8.45 -15.07 -23.36
CA ASN D 59 -8.34 -14.19 -22.20
C ASN D 59 -6.90 -14.22 -21.70
N PRO D 60 -6.14 -13.12 -21.84
CA PRO D 60 -4.74 -13.15 -21.39
C PRO D 60 -4.56 -13.35 -19.90
N PHE D 61 -5.58 -13.08 -19.11
CA PHE D 61 -5.48 -13.12 -17.65
C PHE D 61 -5.96 -14.44 -17.07
N ARG D 62 -6.30 -15.41 -17.92
CA ARG D 62 -6.72 -16.72 -17.44
C ARG D 62 -5.70 -17.29 -16.46
N GLU D 63 -6.19 -18.15 -15.57
CA GLU D 63 -5.37 -18.88 -14.63
C GLU D 63 -4.36 -17.96 -13.95
N GLN E 3 -29.25 23.76 -7.82
CA GLN E 3 -27.96 23.77 -7.07
C GLN E 3 -28.20 24.03 -5.58
N VAL E 4 -27.23 23.65 -4.75
CA VAL E 4 -27.27 23.98 -3.34
C VAL E 4 -27.31 25.49 -3.17
N GLN E 5 -28.31 26.00 -2.49
CA GLN E 5 -28.33 27.41 -2.13
C GLN E 5 -29.02 27.59 -0.79
N LEU E 6 -28.56 28.58 -0.05
CA LEU E 6 -29.08 28.94 1.26
C LEU E 6 -29.37 30.42 1.29
N GLN E 7 -30.50 30.83 1.85
CA GLN E 7 -30.85 32.24 1.89
C GLN E 7 -31.45 32.61 3.23
N GLU E 8 -30.73 33.43 3.99
CA GLU E 8 -31.15 33.89 5.30
C GLU E 8 -32.06 35.11 5.18
N SER E 9 -32.94 35.27 6.17
CA SER E 9 -33.82 36.43 6.21
C SER E 9 -34.21 36.71 7.66
N GLY E 10 -34.84 37.87 7.86
CA GLY E 10 -35.33 38.28 9.15
C GLY E 10 -34.33 39.08 9.97
N GLY E 11 -33.12 39.26 9.47
CA GLY E 11 -32.16 40.14 10.12
C GLY E 11 -32.52 41.60 9.96
N GLY E 12 -31.93 42.42 10.84
CA GLY E 12 -32.16 43.85 10.79
C GLY E 12 -31.62 44.52 12.04
N LEU E 13 -32.02 45.78 12.20
CA LEU E 13 -31.76 46.51 13.44
C LEU E 13 -32.69 46.06 14.56
N VAL E 14 -32.15 45.97 15.76
CA VAL E 14 -32.93 45.76 16.97
C VAL E 14 -32.23 46.45 18.12
N GLN E 15 -33.01 46.86 19.13
CA GLN E 15 -32.45 47.43 20.33
C GLN E 15 -31.76 46.37 21.19
N PRO E 16 -30.73 46.75 21.94
CA PRO E 16 -30.26 45.89 23.04
C PRO E 16 -31.41 45.53 23.97
N GLY E 17 -31.44 44.28 24.40
CA GLY E 17 -32.57 43.74 25.11
C GLY E 17 -33.73 43.32 24.23
N GLY E 18 -33.70 43.65 22.94
CA GLY E 18 -34.74 43.25 22.03
C GLY E 18 -34.54 41.84 21.54
N SER E 19 -35.36 41.45 20.57
CA SER E 19 -35.37 40.09 20.07
C SER E 19 -35.47 40.10 18.54
N LEU E 20 -34.94 39.04 17.93
CA LEU E 20 -35.11 38.80 16.51
C LEU E 20 -35.26 37.30 16.29
N ARG E 21 -35.89 36.93 15.17
CA ARG E 21 -35.79 35.59 14.61
C ARG E 21 -35.12 35.66 13.25
N LEU E 22 -33.97 35.00 13.14
CA LEU E 22 -33.39 34.69 11.84
C LEU E 22 -34.03 33.44 11.26
N SER E 23 -34.20 33.43 9.94
CA SER E 23 -34.71 32.28 9.22
C SER E 23 -33.76 31.96 8.06
N CYS E 24 -33.59 30.66 7.79
CA CYS E 24 -32.81 30.21 6.65
C CYS E 24 -33.65 29.21 5.86
N ALA E 25 -33.80 29.46 4.56
CA ALA E 25 -34.47 28.54 3.65
C ALA E 25 -33.45 27.80 2.82
N ALA E 26 -33.57 26.49 2.77
CA ALA E 26 -32.59 25.62 2.11
C ALA E 26 -33.23 24.93 0.91
N SER E 27 -32.44 24.77 -0.15
CA SER E 27 -32.94 24.13 -1.36
C SER E 27 -31.79 23.42 -2.06
N GLY E 28 -32.15 22.42 -2.86
CA GLY E 28 -31.18 21.70 -3.66
C GLY E 28 -30.46 20.57 -2.95
N PHE E 29 -30.87 20.23 -1.73
CA PHE E 29 -30.32 19.08 -1.03
C PHE E 29 -31.39 18.53 -0.10
N THR E 30 -31.20 17.27 0.30
CA THR E 30 -32.12 16.60 1.24
C THR E 30 -31.85 17.11 2.65
N PHE E 31 -32.53 18.20 2.98
CA PHE E 31 -32.29 18.95 4.20
C PHE E 31 -32.17 18.04 5.42
N SER E 32 -33.00 17.01 5.49
CA SER E 32 -33.02 16.11 6.65
C SER E 32 -31.71 15.37 6.89
N ASN E 33 -30.83 15.23 5.91
CA ASN E 33 -29.65 14.42 6.10
C ASN E 33 -28.45 15.15 6.66
N TYR E 34 -28.50 16.47 6.82
CA TYR E 34 -27.33 17.25 7.17
C TYR E 34 -27.49 17.92 8.53
N LYS E 35 -26.43 17.89 9.32
CA LYS E 35 -26.27 18.82 10.41
C LYS E 35 -26.08 20.23 9.88
N MET E 36 -26.60 21.22 10.61
CA MET E 36 -26.52 22.61 10.19
C MET E 36 -26.09 23.52 11.33
N ASN E 37 -25.58 24.69 10.97
CA ASN E 37 -24.88 25.59 11.87
C ASN E 37 -25.32 27.01 11.59
N TRP E 38 -25.19 27.87 12.59
CA TRP E 38 -25.11 29.31 12.40
C TRP E 38 -23.70 29.84 12.63
N VAL E 39 -23.28 30.74 11.75
CA VAL E 39 -21.97 31.38 11.79
C VAL E 39 -22.20 32.87 11.68
N ARG E 40 -21.34 33.65 12.32
CA ARG E 40 -21.44 35.11 12.25
C ARG E 40 -20.06 35.72 12.08
N GLN E 41 -20.06 36.99 11.67
CA GLN E 41 -18.83 37.76 11.51
C GLN E 41 -19.05 39.16 12.05
N ALA E 42 -18.47 39.46 13.20
CA ALA E 42 -18.44 40.82 13.68
C ALA E 42 -17.50 41.66 12.81
N PRO E 43 -17.74 42.96 12.71
CA PRO E 43 -17.08 43.73 11.64
C PRO E 43 -15.57 43.70 11.70
N GLY E 44 -14.98 43.51 12.88
CA GLY E 44 -13.54 43.57 13.03
C GLY E 44 -12.80 42.25 12.94
N LYS E 45 -13.47 41.12 12.73
CA LYS E 45 -12.83 39.83 12.92
C LYS E 45 -13.36 38.84 11.89
N GLY E 46 -12.73 37.66 11.87
CA GLY E 46 -13.15 36.58 11.02
C GLY E 46 -14.43 35.91 11.47
N LEU E 47 -14.82 34.87 10.73
CA LEU E 47 -15.97 34.07 11.09
C LEU E 47 -15.76 33.43 12.46
N GLU E 48 -16.84 33.37 13.23
CA GLU E 48 -16.89 32.58 14.45
C GLU E 48 -18.15 31.73 14.44
N TRP E 49 -18.00 30.49 14.89
CA TRP E 49 -19.14 29.59 15.03
C TRP E 49 -20.02 29.99 16.20
N VAL E 50 -21.34 29.85 16.02
CA VAL E 50 -22.32 30.25 17.03
C VAL E 50 -23.07 29.06 17.60
N SER E 51 -23.61 28.20 16.73
CA SER E 51 -24.41 27.08 17.20
C SER E 51 -24.57 26.06 16.09
N ASP E 52 -25.00 24.86 16.49
CA ASP E 52 -25.28 23.78 15.54
C ASP E 52 -26.47 22.97 16.03
N ILE E 53 -27.06 22.20 15.12
CA ILE E 53 -28.19 21.33 15.43
C ILE E 53 -28.08 20.07 14.58
N SER E 54 -28.25 18.92 15.22
CA SER E 54 -28.12 17.64 14.54
C SER E 54 -29.29 17.37 13.60
N GLN E 55 -29.18 16.27 12.85
CA GLN E 55 -30.19 15.90 11.87
C GLN E 55 -31.59 15.90 12.47
N SER E 56 -31.74 15.22 13.60
CA SER E 56 -33.04 15.05 14.25
C SER E 56 -33.49 16.27 15.04
N GLY E 57 -32.62 17.25 15.26
CA GLY E 57 -32.89 18.29 16.22
C GLY E 57 -32.65 17.88 17.66
N ALA E 58 -32.12 16.69 17.89
CA ALA E 58 -31.86 16.20 19.23
C ALA E 58 -30.68 16.92 19.88
N SER E 59 -29.49 16.72 19.33
CA SER E 59 -28.28 17.35 19.86
C SER E 59 -28.17 18.81 19.43
N ILE E 60 -27.81 19.66 20.40
CA ILE E 60 -27.72 21.10 20.20
C ILE E 60 -26.51 21.59 20.98
N SER E 61 -25.88 22.66 20.48
CA SER E 61 -24.81 23.29 21.25
C SER E 61 -24.69 24.76 20.90
N TYR E 62 -23.99 25.49 21.77
CA TYR E 62 -23.83 26.93 21.65
C TYR E 62 -22.43 27.31 22.12
N THR E 63 -21.96 28.47 21.69
CA THR E 63 -20.84 29.11 22.35
C THR E 63 -21.28 29.77 23.67
N GLY E 64 -20.32 29.89 24.59
CA GLY E 64 -20.62 30.48 25.88
C GLY E 64 -21.15 31.90 25.83
N SER E 65 -20.73 32.67 24.83
CA SER E 65 -21.19 34.04 24.69
C SER E 65 -22.69 34.16 24.45
N VAL E 66 -23.34 33.08 24.01
CA VAL E 66 -24.77 33.07 23.72
C VAL E 66 -25.52 32.02 24.52
N LYS E 67 -24.83 31.27 25.38
CA LYS E 67 -25.32 29.98 25.84
C LYS E 67 -26.75 30.04 26.37
N GLY E 68 -27.10 31.10 27.10
CA GLY E 68 -28.48 31.24 27.57
C GLY E 68 -29.42 32.10 26.75
N ARG E 69 -28.88 32.86 25.80
CA ARG E 69 -29.62 33.93 25.15
C ARG E 69 -30.27 33.53 23.82
N PHE E 70 -29.68 32.61 23.07
CA PHE E 70 -30.20 32.20 21.76
C PHE E 70 -30.66 30.75 21.81
N THR E 71 -31.63 30.42 20.97
CA THR E 71 -32.00 29.03 20.73
C THR E 71 -32.14 28.75 19.24
N ILE E 72 -31.53 27.65 18.81
CA ILE E 72 -31.58 27.15 17.43
C ILE E 72 -32.69 26.12 17.30
N SER E 73 -33.34 26.08 16.14
CA SER E 73 -34.30 25.03 15.86
C SER E 73 -34.39 24.83 14.35
N ARG E 74 -34.95 23.68 13.96
CA ARG E 74 -35.08 23.31 12.56
C ARG E 74 -36.45 22.68 12.33
N ASP E 75 -36.90 22.73 11.08
CA ASP E 75 -38.15 22.09 10.65
C ASP E 75 -37.87 21.25 9.40
N ASN E 76 -37.63 19.96 9.60
CA ASN E 76 -37.30 19.07 8.49
C ASN E 76 -38.46 18.87 7.53
N ALA E 77 -39.68 19.21 7.91
CA ALA E 77 -40.80 19.18 6.99
C ALA E 77 -40.86 20.39 6.07
N LYS E 78 -40.09 21.43 6.36
CA LYS E 78 -40.23 22.71 5.69
C LYS E 78 -38.90 23.20 5.15
N ASN E 79 -37.81 22.45 5.34
CA ASN E 79 -36.49 22.85 4.87
C ASN E 79 -36.13 24.26 5.33
N THR E 80 -36.22 24.48 6.64
CA THR E 80 -35.95 25.81 7.18
C THR E 80 -35.32 25.68 8.55
N LEU E 81 -34.50 26.66 8.88
CA LEU E 81 -33.70 26.67 10.10
C LEU E 81 -33.92 28.02 10.78
N TYR E 82 -34.03 28.01 12.11
CA TYR E 82 -34.33 29.23 12.85
C TYR E 82 -33.27 29.50 13.91
N LEU E 83 -33.10 30.79 14.24
CA LEU E 83 -32.39 31.22 15.44
C LEU E 83 -33.23 32.28 16.14
N GLN E 84 -33.86 31.92 17.26
CA GLN E 84 -34.47 32.90 18.15
C GLN E 84 -33.37 33.59 18.96
N MET E 85 -33.26 34.90 18.83
CA MET E 85 -32.29 35.71 19.56
C MET E 85 -33.02 36.61 20.54
N ASN E 86 -32.67 36.51 21.83
CA ASN E 86 -33.24 37.35 22.87
C ASN E 86 -32.14 38.05 23.65
N SER E 87 -32.51 39.17 24.28
CA SER E 87 -31.58 39.97 25.09
C SER E 87 -30.33 40.31 24.30
N LEU E 88 -30.53 40.78 23.07
CA LEU E 88 -29.39 41.11 22.22
C LEU E 88 -28.59 42.26 22.80
N LYS E 89 -27.31 42.28 22.48
CA LYS E 89 -26.34 43.22 23.00
C LYS E 89 -25.57 43.85 21.84
N PRO E 90 -25.00 45.03 22.04
CA PRO E 90 -24.22 45.66 20.96
C PRO E 90 -23.16 44.76 20.35
N GLU E 91 -22.49 43.93 21.16
CA GLU E 91 -21.49 43.00 20.65
C GLU E 91 -22.07 41.93 19.73
N ASP E 92 -23.38 41.73 19.72
CA ASP E 92 -24.01 40.79 18.81
C ASP E 92 -24.18 41.32 17.40
N THR E 93 -23.85 42.58 17.13
CA THR E 93 -23.94 43.08 15.76
C THR E 93 -22.94 42.38 14.85
N ALA E 94 -23.45 41.77 13.78
CA ALA E 94 -22.65 40.97 12.87
C ALA E 94 -23.49 40.67 11.64
N VAL E 95 -22.82 40.24 10.58
CA VAL E 95 -23.47 39.41 9.56
C VAL E 95 -23.60 37.99 10.10
N TYR E 96 -24.81 37.45 10.02
CA TYR E 96 -25.09 36.06 10.39
C TYR E 96 -25.29 35.21 9.15
N TYR E 97 -24.65 34.03 9.13
CA TYR E 97 -24.70 33.12 7.99
C TYR E 97 -25.25 31.77 8.40
N CYS E 98 -25.98 31.16 7.47
CA CYS E 98 -26.48 29.80 7.59
C CYS E 98 -25.54 28.88 6.84
N ALA E 99 -25.08 27.81 7.48
CA ALA E 99 -23.99 27.02 6.91
C ALA E 99 -24.18 25.53 7.14
N ARG E 100 -24.20 24.76 6.05
CA ARG E 100 -24.39 23.32 6.10
C ARG E 100 -23.07 22.61 6.34
N CYS E 101 -23.14 21.45 7.00
CA CYS E 101 -21.99 20.55 7.02
C CYS E 101 -21.73 19.99 5.62
N PRO E 102 -20.47 19.64 5.33
CA PRO E 102 -20.14 19.29 3.95
C PRO E 102 -20.74 17.98 3.46
N ALA E 103 -20.72 16.92 4.28
CA ALA E 103 -21.22 15.62 3.87
C ALA E 103 -22.35 15.15 4.78
N PRO E 104 -23.29 14.37 4.26
CA PRO E 104 -24.40 13.89 5.08
C PRO E 104 -23.96 12.80 6.06
N PHE E 105 -24.86 12.52 7.01
CA PHE E 105 -24.73 11.35 7.90
C PHE E 105 -23.42 11.33 8.69
N THR E 106 -22.88 12.47 9.10
CA THR E 106 -21.61 12.45 9.81
C THR E 106 -21.62 13.40 10.99
N ARG E 107 -20.73 13.10 11.94
CA ARG E 107 -20.62 13.86 13.19
C ARG E 107 -19.79 15.13 13.04
N ASP E 108 -18.76 15.09 12.21
CA ASP E 108 -17.80 16.17 12.05
C ASP E 108 -18.24 17.17 10.99
N CYS E 109 -17.67 18.37 11.08
CA CYS E 109 -17.73 19.32 9.96
C CYS E 109 -16.56 20.29 10.09
N PHE E 110 -15.58 20.14 9.20
CA PHE E 110 -14.33 20.89 9.32
C PHE E 110 -14.45 22.34 8.90
N ASP E 111 -14.99 22.61 7.73
CA ASP E 111 -14.68 23.82 6.99
C ASP E 111 -15.72 24.91 7.12
N VAL E 112 -16.75 24.70 7.93
CA VAL E 112 -17.92 25.57 7.92
C VAL E 112 -17.56 27.01 8.25
N THR E 113 -16.49 27.24 8.98
CA THR E 113 -16.04 28.60 9.30
C THR E 113 -14.92 29.11 8.41
N SER E 114 -14.51 28.37 7.39
CA SER E 114 -13.47 28.82 6.49
C SER E 114 -13.91 30.05 5.69
N THR E 115 -12.91 30.79 5.21
CA THR E 115 -13.11 32.09 4.59
C THR E 115 -13.86 32.02 3.26
N THR E 116 -13.92 30.85 2.62
CA THR E 116 -14.56 30.74 1.31
C THR E 116 -15.32 29.43 1.16
N TYR E 117 -15.86 28.91 2.26
CA TYR E 117 -16.60 27.66 2.22
C TYR E 117 -17.77 27.78 1.25
N ALA E 118 -18.03 26.69 0.53
CA ALA E 118 -18.98 26.72 -0.58
C ALA E 118 -20.43 26.64 -0.15
N TYR E 119 -20.73 25.88 0.90
CA TYR E 119 -22.10 25.55 1.29
C TYR E 119 -22.60 26.46 2.40
N ARG E 120 -22.45 27.77 2.20
CA ARG E 120 -22.82 28.75 3.20
C ARG E 120 -23.57 29.87 2.52
N GLY E 121 -24.59 30.40 3.20
CA GLY E 121 -25.46 31.39 2.61
C GLY E 121 -24.82 32.75 2.42
N GLN E 122 -25.63 33.67 1.89
CA GLN E 122 -25.18 35.03 1.65
C GLN E 122 -25.07 35.86 2.92
N GLY E 123 -25.77 35.46 3.98
CA GLY E 123 -25.73 36.16 5.26
C GLY E 123 -26.70 37.33 5.32
N THR E 124 -27.06 37.69 6.56
CA THR E 124 -27.95 38.81 6.84
C THR E 124 -27.37 39.68 7.94
N GLN E 125 -27.45 41.00 7.75
CA GLN E 125 -26.91 41.94 8.72
C GLN E 125 -27.84 42.09 9.92
N VAL E 126 -27.25 42.13 11.10
CA VAL E 126 -27.96 42.45 12.34
C VAL E 126 -27.20 43.57 13.04
N THR E 127 -27.90 44.63 13.40
CA THR E 127 -27.31 45.78 14.08
C THR E 127 -28.02 46.04 15.39
N VAL E 128 -27.26 46.45 16.40
CA VAL E 128 -27.76 46.49 17.76
C VAL E 128 -27.26 47.75 18.46
N VAL F 1 28.29 6.70 -21.82
CA VAL F 1 28.46 5.23 -21.62
C VAL F 1 29.72 4.78 -22.34
N GLN F 2 30.62 4.11 -21.63
CA GLN F 2 31.71 3.42 -22.31
C GLN F 2 32.11 2.18 -21.53
N LEU F 3 32.67 1.23 -22.25
CA LEU F 3 33.33 0.04 -21.72
C LEU F 3 34.72 0.00 -22.29
N VAL F 4 35.72 -0.39 -21.50
CA VAL F 4 37.06 -0.56 -22.03
C VAL F 4 37.71 -1.79 -21.42
N GLU F 5 38.01 -2.77 -22.27
CA GLU F 5 38.68 -4.00 -21.87
C GLU F 5 40.18 -3.80 -21.78
N SER F 6 40.81 -4.49 -20.84
CA SER F 6 42.25 -4.40 -20.66
C SER F 6 42.80 -5.73 -20.17
N GLY F 7 44.10 -5.90 -20.36
CA GLY F 7 44.73 -7.21 -20.29
C GLY F 7 45.15 -7.72 -21.65
N GLY F 8 44.89 -9.00 -21.95
CA GLY F 8 45.25 -9.48 -23.26
C GLY F 8 46.75 -9.64 -23.45
N GLY F 9 47.20 -9.45 -24.69
CA GLY F 9 48.58 -9.62 -25.05
C GLY F 9 48.92 -11.05 -25.43
N LEU F 10 50.22 -11.35 -25.42
CA LEU F 10 50.75 -12.63 -25.85
C LEU F 10 51.00 -13.55 -24.66
N VAL F 11 50.51 -14.79 -24.77
CA VAL F 11 50.57 -15.76 -23.69
C VAL F 11 50.98 -17.11 -24.25
N GLN F 12 51.77 -17.85 -23.47
CA GLN F 12 52.18 -19.20 -23.86
C GLN F 12 51.05 -20.20 -23.63
N PRO F 13 50.96 -21.24 -24.45
CA PRO F 13 49.98 -22.30 -24.20
C PRO F 13 50.11 -22.84 -22.78
N GLY F 14 48.97 -23.21 -22.20
CA GLY F 14 48.91 -23.62 -20.82
C GLY F 14 49.02 -22.49 -19.82
N GLY F 15 49.33 -21.28 -20.24
CA GLY F 15 49.39 -20.15 -19.34
C GLY F 15 48.02 -19.71 -18.87
N SER F 16 48.01 -18.65 -18.08
CA SER F 16 46.80 -18.08 -17.53
C SER F 16 46.85 -16.57 -17.64
N ARG F 17 45.67 -15.97 -17.86
CA ARG F 17 45.57 -14.53 -18.02
C ARG F 17 44.21 -14.06 -17.54
N LYS F 18 44.17 -12.86 -16.97
CA LYS F 18 42.93 -12.23 -16.55
C LYS F 18 42.61 -11.06 -17.47
N LEU F 19 41.41 -11.07 -18.02
CA LEU F 19 40.83 -9.89 -18.66
C LEU F 19 40.00 -9.11 -17.66
N SER F 20 39.99 -7.78 -17.82
CA SER F 20 39.14 -6.91 -17.02
C SER F 20 38.45 -5.89 -17.92
N CYS F 21 37.16 -5.69 -17.69
CA CYS F 21 36.34 -4.69 -18.38
C CYS F 21 35.82 -3.72 -17.34
N SER F 22 36.16 -2.44 -17.47
CA SER F 22 35.73 -1.41 -16.53
C SER F 22 34.62 -0.55 -17.14
N ALA F 23 33.50 -0.47 -16.45
CA ALA F 23 32.36 0.32 -16.89
C ALA F 23 32.40 1.73 -16.34
N SER F 24 31.89 2.68 -17.13
CA SER F 24 31.63 4.01 -16.59
C SER F 24 30.48 4.65 -17.34
N GLY F 25 29.80 5.57 -16.66
CA GLY F 25 28.67 6.30 -17.24
C GLY F 25 27.36 5.57 -17.30
N PHE F 26 27.19 4.46 -16.59
CA PHE F 26 25.88 3.81 -16.53
C PHE F 26 25.77 2.99 -15.24
N ALA F 27 24.53 2.63 -14.91
CA ALA F 27 24.22 1.90 -13.69
C ALA F 27 24.67 0.44 -13.74
N PHE F 28 25.99 0.25 -13.76
CA PHE F 28 26.59 -1.05 -14.04
C PHE F 28 25.98 -2.19 -13.23
N SER F 29 25.68 -1.96 -11.95
CA SER F 29 25.13 -3.04 -11.13
C SER F 29 23.82 -3.60 -11.67
N SER F 30 23.05 -2.81 -12.40
CA SER F 30 21.76 -3.26 -12.91
C SER F 30 21.84 -4.02 -14.24
N PHE F 31 22.98 -4.07 -14.89
CA PHE F 31 23.14 -4.78 -16.15
C PHE F 31 23.76 -6.16 -15.96
N GLY F 32 23.22 -7.15 -16.67
CA GLY F 32 23.98 -8.35 -16.97
C GLY F 32 25.05 -8.08 -18.00
N MET F 33 26.11 -8.88 -17.95
CA MET F 33 27.26 -8.72 -18.84
C MET F 33 27.59 -10.02 -19.54
N HIS F 34 28.01 -9.91 -20.81
CA HIS F 34 28.42 -11.03 -21.64
C HIS F 34 29.84 -10.81 -22.11
N TRP F 35 30.58 -11.89 -22.30
CA TRP F 35 31.80 -11.88 -23.09
C TRP F 35 31.55 -12.55 -24.44
N VAL F 36 32.01 -11.91 -25.50
CA VAL F 36 31.93 -12.44 -26.86
C VAL F 36 33.31 -12.31 -27.48
N ARG F 37 33.71 -13.31 -28.26
CA ARG F 37 35.02 -13.30 -28.90
C ARG F 37 34.91 -13.52 -30.39
N GLN F 38 35.96 -13.11 -31.09
CA GLN F 38 36.02 -13.15 -32.55
C GLN F 38 37.42 -13.59 -32.95
N ALA F 39 37.55 -14.82 -33.43
CA ALA F 39 38.82 -15.26 -33.95
C ALA F 39 39.19 -14.45 -35.18
N PRO F 40 40.50 -14.32 -35.48
CA PRO F 40 40.97 -13.14 -36.23
C PRO F 40 40.33 -12.96 -37.60
N GLU F 41 39.82 -14.01 -38.22
CA GLU F 41 39.15 -13.89 -39.52
C GLU F 41 37.80 -14.59 -39.53
N LYS F 42 37.13 -14.67 -38.39
CA LYS F 42 35.97 -15.53 -38.24
C LYS F 42 34.81 -14.75 -37.66
N GLY F 43 33.65 -15.40 -37.62
CA GLY F 43 32.47 -14.83 -36.99
C GLY F 43 32.55 -14.81 -35.48
N LEU F 44 31.51 -14.21 -34.90
CA LEU F 44 31.41 -14.06 -33.47
C LEU F 44 31.08 -15.38 -32.79
N GLU F 45 31.48 -15.50 -31.53
CA GLU F 45 31.28 -16.69 -30.72
C GLU F 45 31.01 -16.25 -29.29
N TRP F 46 29.84 -16.58 -28.76
CA TRP F 46 29.52 -16.27 -27.38
C TRP F 46 30.35 -17.12 -26.42
N VAL F 47 30.85 -16.49 -25.35
CA VAL F 47 31.77 -17.13 -24.41
C VAL F 47 31.13 -17.37 -23.05
N ALA F 48 30.60 -16.33 -22.41
CA ALA F 48 30.13 -16.48 -21.04
C ALA F 48 29.13 -15.38 -20.72
N TYR F 49 28.36 -15.60 -19.65
CA TYR F 49 27.37 -14.64 -19.18
C TYR F 49 27.37 -14.62 -17.65
N ILE F 50 27.29 -13.43 -17.08
CA ILE F 50 27.10 -13.24 -15.64
C ILE F 50 25.90 -12.34 -15.44
N SER F 51 24.95 -12.80 -14.63
CA SER F 51 23.72 -12.06 -14.42
C SER F 51 23.94 -10.85 -13.53
N SER F 52 22.95 -9.97 -13.52
CA SER F 52 22.87 -8.92 -12.52
C SER F 52 22.67 -9.55 -11.14
N GLY F 53 23.42 -9.08 -10.15
CA GLY F 53 23.43 -9.71 -8.86
C GLY F 53 24.11 -11.06 -8.80
N SER F 54 24.82 -11.46 -9.86
CA SER F 54 25.63 -12.67 -9.91
C SER F 54 24.84 -13.94 -9.67
N GLY F 55 23.52 -13.89 -9.68
CA GLY F 55 22.74 -15.07 -9.32
C GLY F 55 22.75 -16.17 -10.36
N THR F 56 23.17 -15.88 -11.59
CA THR F 56 23.17 -16.85 -12.67
C THR F 56 24.44 -16.72 -13.50
N ILE F 57 25.02 -17.84 -13.88
CA ILE F 57 26.20 -17.89 -14.73
C ILE F 57 26.02 -18.98 -15.76
N TYR F 58 26.50 -18.74 -16.97
CA TYR F 58 26.56 -19.76 -18.01
C TYR F 58 27.88 -19.65 -18.77
N TYR F 59 28.27 -20.76 -19.39
CA TYR F 59 29.48 -20.82 -20.20
C TYR F 59 29.22 -21.59 -21.47
N ALA F 60 30.04 -21.32 -22.49
CA ALA F 60 30.13 -22.19 -23.64
C ALA F 60 30.94 -23.44 -23.30
N ASP F 61 30.57 -24.56 -23.92
CA ASP F 61 31.20 -25.83 -23.58
C ASP F 61 32.68 -25.85 -23.88
N THR F 62 33.14 -25.03 -24.82
CA THR F 62 34.56 -24.93 -25.12
C THR F 62 35.37 -24.29 -23.99
N VAL F 63 34.73 -23.68 -23.02
CA VAL F 63 35.42 -22.99 -21.93
C VAL F 63 34.93 -23.44 -20.57
N LYS F 64 33.89 -24.27 -20.56
CA LYS F 64 33.13 -24.51 -19.34
C LYS F 64 34.02 -24.96 -18.17
N GLY F 65 35.04 -25.77 -18.44
CA GLY F 65 35.94 -26.15 -17.39
C GLY F 65 37.13 -25.22 -17.17
N ARG F 66 37.34 -24.28 -18.08
CA ARG F 66 38.62 -23.59 -18.23
C ARG F 66 38.58 -22.14 -17.79
N PHE F 67 37.45 -21.46 -17.96
CA PHE F 67 37.30 -20.04 -17.68
C PHE F 67 36.33 -19.82 -16.55
N THR F 68 36.49 -18.71 -15.82
CA THR F 68 35.50 -18.29 -14.85
C THR F 68 35.26 -16.79 -14.95
N ILE F 69 33.99 -16.41 -14.81
CA ILE F 69 33.53 -15.04 -14.95
C ILE F 69 33.13 -14.49 -13.59
N SER F 70 33.50 -13.24 -13.32
CA SER F 70 33.13 -12.61 -12.07
C SER F 70 33.04 -11.11 -12.27
N ARG F 71 32.40 -10.44 -11.32
CA ARG F 71 32.17 -9.00 -11.38
C ARG F 71 32.35 -8.40 -9.99
N ASP F 72 32.75 -7.13 -9.96
CA ASP F 72 32.77 -6.34 -8.73
C ASP F 72 32.01 -5.04 -8.97
N ASP F 73 30.78 -4.98 -8.49
CA ASP F 73 29.93 -3.82 -8.70
C ASP F 73 30.42 -2.56 -8.00
N PRO F 74 30.95 -2.66 -6.77
CA PRO F 74 31.53 -1.45 -6.16
C PRO F 74 32.63 -0.80 -6.98
N LYS F 75 33.45 -1.57 -7.69
CA LYS F 75 34.46 -1.01 -8.57
C LYS F 75 34.03 -0.96 -10.03
N ASN F 76 32.76 -1.22 -10.32
CA ASN F 76 32.24 -1.15 -11.69
C ASN F 76 33.13 -1.90 -12.68
N THR F 77 33.51 -3.12 -12.34
CA THR F 77 34.51 -3.82 -13.12
C THR F 77 34.12 -5.28 -13.26
N LEU F 78 34.50 -5.87 -14.39
CA LEU F 78 34.14 -7.22 -14.78
C LEU F 78 35.41 -7.97 -15.12
N PHE F 79 35.51 -9.23 -14.69
CA PHE F 79 36.71 -10.03 -14.92
C PHE F 79 36.36 -11.33 -15.64
N LEU F 80 37.23 -11.75 -16.54
CA LEU F 80 37.30 -13.12 -17.04
C LEU F 80 38.67 -13.68 -16.71
N GLN F 81 38.70 -14.76 -15.93
CA GLN F 81 39.94 -15.48 -15.64
C GLN F 81 40.05 -16.70 -16.55
N MET F 82 41.10 -16.73 -17.37
CA MET F 82 41.34 -17.81 -18.31
C MET F 82 42.49 -18.70 -17.83
N THR F 83 42.33 -20.00 -17.98
CA THR F 83 43.36 -20.97 -17.63
C THR F 83 43.43 -22.06 -18.69
N SER F 84 44.58 -22.72 -18.77
CA SER F 84 44.82 -23.77 -19.76
C SER F 84 44.60 -23.26 -21.18
N LEU F 85 45.16 -22.09 -21.46
CA LEU F 85 44.95 -21.44 -22.74
C LEU F 85 45.40 -22.33 -23.90
N ARG F 86 44.67 -22.22 -25.01
CA ARG F 86 44.91 -23.00 -26.22
C ARG F 86 45.08 -22.05 -27.39
N SER F 87 45.71 -22.54 -28.46
CA SER F 87 45.72 -21.80 -29.72
C SER F 87 44.30 -21.42 -30.16
N GLU F 88 43.34 -22.30 -29.91
CA GLU F 88 41.93 -22.03 -30.18
C GLU F 88 41.43 -20.74 -29.52
N ASP F 89 42.04 -20.30 -28.43
CA ASP F 89 41.60 -19.10 -27.73
C ASP F 89 42.14 -17.79 -28.31
N THR F 90 42.99 -17.83 -29.34
CA THR F 90 43.48 -16.61 -29.95
C THR F 90 42.36 -15.80 -30.60
N ALA F 91 41.99 -14.66 -30.02
CA ALA F 91 40.84 -13.91 -30.52
C ALA F 91 40.84 -12.50 -29.95
N MET F 92 40.05 -11.63 -30.57
CA MET F 92 39.53 -10.42 -29.96
C MET F 92 38.38 -10.75 -29.01
N TYR F 93 38.44 -10.23 -27.80
CA TYR F 93 37.39 -10.42 -26.80
C TYR F 93 36.66 -9.11 -26.55
N TYR F 94 35.32 -9.12 -26.71
CA TYR F 94 34.47 -7.97 -26.47
C TYR F 94 33.63 -8.13 -25.21
N CYS F 95 33.48 -7.02 -24.51
CA CYS F 95 32.63 -6.91 -23.32
C CYS F 95 31.30 -6.27 -23.73
N VAL F 96 30.18 -6.91 -23.36
CA VAL F 96 28.86 -6.50 -23.84
C VAL F 96 27.88 -6.47 -22.68
N ARG F 97 27.12 -5.38 -22.58
CA ARG F 97 26.10 -5.25 -21.54
C ARG F 97 24.75 -5.76 -22.03
N SER F 98 23.91 -6.17 -21.09
CA SER F 98 22.52 -6.47 -21.41
C SER F 98 21.64 -6.29 -20.19
N ILE F 99 20.41 -5.87 -20.42
CA ILE F 99 19.41 -5.70 -19.37
C ILE F 99 18.10 -6.29 -19.84
N TYR F 100 17.42 -7.04 -18.96
CA TYR F 100 16.28 -7.84 -19.34
C TYR F 100 15.06 -7.44 -18.52
N TYR F 101 14.06 -6.88 -19.19
CA TYR F 101 12.73 -6.66 -18.64
C TYR F 101 11.83 -6.45 -19.85
N TYR F 102 10.53 -6.48 -19.61
CA TYR F 102 9.58 -6.34 -20.70
C TYR F 102 9.85 -5.08 -21.51
N GLY F 103 10.16 -5.26 -22.79
CA GLY F 103 10.47 -4.17 -23.69
C GLY F 103 11.92 -3.70 -23.71
N SER F 104 12.79 -4.27 -22.88
CA SER F 104 14.20 -3.94 -22.92
C SER F 104 14.84 -4.38 -24.24
N SER F 105 16.01 -3.82 -24.51
CA SER F 105 16.82 -4.19 -25.68
C SER F 105 18.16 -4.73 -25.21
N PRO F 106 18.32 -6.04 -25.05
CA PRO F 106 19.62 -6.62 -24.78
C PRO F 106 20.68 -6.34 -25.83
N PHE F 107 21.94 -6.55 -25.43
CA PHE F 107 23.12 -6.44 -26.29
C PHE F 107 23.28 -5.07 -26.93
N ASP F 108 22.74 -4.03 -26.32
CA ASP F 108 22.67 -2.72 -26.95
C ASP F 108 24.00 -1.97 -27.00
N PHE F 109 25.01 -2.35 -26.22
CA PHE F 109 26.28 -1.65 -26.24
C PHE F 109 27.47 -2.59 -26.09
N TRP F 110 28.50 -2.38 -26.91
CA TRP F 110 29.67 -3.23 -26.99
C TRP F 110 30.94 -2.42 -26.74
N GLY F 111 31.87 -2.99 -26.00
CA GLY F 111 33.18 -2.39 -25.81
C GLY F 111 34.02 -2.41 -27.08
N GLN F 112 35.28 -2.02 -26.92
CA GLN F 112 36.24 -1.98 -28.03
C GLN F 112 37.05 -3.26 -28.17
N GLY F 113 37.16 -4.05 -27.11
CA GLY F 113 37.79 -5.36 -27.10
C GLY F 113 39.29 -5.31 -26.90
N THR F 114 39.80 -6.38 -26.29
CA THR F 114 41.24 -6.65 -26.17
C THR F 114 41.60 -7.82 -27.06
N THR F 115 42.63 -7.65 -27.88
CA THR F 115 43.21 -8.79 -28.59
C THR F 115 44.04 -9.65 -27.64
N LEU F 116 43.89 -10.97 -27.78
CA LEU F 116 44.68 -11.95 -27.05
C LEU F 116 45.31 -12.91 -28.06
N THR F 117 46.61 -13.11 -27.95
CA THR F 117 47.34 -14.05 -28.81
C THR F 117 47.93 -15.16 -27.96
N VAL F 118 47.72 -16.40 -28.36
CA VAL F 118 48.31 -17.57 -27.73
C VAL F 118 49.34 -18.16 -28.67
N SER F 119 50.57 -18.30 -28.17
CA SER F 119 51.70 -18.63 -29.02
C SER F 119 51.49 -19.99 -29.70
N ALA F 120 52.11 -20.16 -30.85
CA ALA F 120 52.07 -21.43 -31.56
C ALA F 120 53.31 -21.61 -32.41
N SER F 135 26.31 -29.45 -30.15
CA SER F 135 25.40 -30.58 -30.14
C SER F 135 23.96 -30.14 -30.35
N ALA F 136 23.23 -29.99 -29.24
CA ALA F 136 21.83 -29.57 -29.30
C ALA F 136 21.72 -28.08 -29.57
N ASP F 137 22.85 -27.45 -29.90
CA ASP F 137 22.88 -26.03 -30.19
C ASP F 137 22.12 -25.72 -31.47
N ILE F 138 21.35 -24.63 -31.43
CA ILE F 138 20.71 -24.12 -32.64
C ILE F 138 21.78 -23.57 -33.56
N VAL F 139 21.76 -24.00 -34.82
CA VAL F 139 22.71 -23.51 -35.81
C VAL F 139 22.03 -22.47 -36.69
N MET F 140 22.71 -21.35 -36.90
CA MET F 140 22.21 -20.24 -37.69
C MET F 140 22.96 -20.23 -39.02
N THR F 141 22.23 -20.20 -40.12
CA THR F 141 22.83 -20.19 -41.45
C THR F 141 22.48 -18.89 -42.15
N GLN F 142 23.49 -18.21 -42.68
CA GLN F 142 23.28 -17.07 -43.56
C GLN F 142 23.64 -17.45 -44.99
N ALA F 143 22.71 -17.20 -45.91
CA ALA F 143 22.74 -17.82 -47.22
C ALA F 143 23.90 -17.36 -48.09
N THR F 144 24.49 -16.20 -47.84
CA THR F 144 25.63 -15.75 -48.61
C THR F 144 26.72 -15.19 -47.70
N SER F 145 27.97 -15.47 -48.05
CA SER F 145 29.10 -14.86 -47.39
C SER F 145 29.32 -13.42 -47.82
N SER F 146 28.97 -13.07 -49.06
CA SER F 146 29.09 -11.70 -49.52
C SER F 146 28.04 -11.37 -50.56
N VAL F 147 27.67 -10.09 -50.63
CA VAL F 147 26.84 -9.55 -51.70
C VAL F 147 27.44 -8.24 -52.21
N PRO F 148 27.60 -8.07 -53.52
CA PRO F 148 28.01 -6.76 -54.04
C PRO F 148 26.83 -5.81 -54.18
N VAL F 149 27.03 -4.57 -53.73
CA VAL F 149 25.96 -3.59 -53.63
C VAL F 149 26.47 -2.23 -54.07
N THR F 150 25.53 -1.32 -54.30
CA THR F 150 25.81 0.04 -54.75
C THR F 150 25.01 1.03 -53.92
N PRO F 151 25.47 2.28 -53.82
CA PRO F 151 24.71 3.29 -53.07
C PRO F 151 23.34 3.51 -53.71
N GLY F 152 22.37 3.85 -52.88
CA GLY F 152 21.01 4.05 -53.34
C GLY F 152 20.26 2.77 -53.65
N GLU F 153 20.97 1.63 -53.70
CA GLU F 153 20.34 0.35 -53.95
C GLU F 153 19.58 -0.13 -52.71
N SER F 154 18.58 -0.96 -52.95
CA SER F 154 17.88 -1.67 -51.90
C SER F 154 18.32 -3.13 -51.88
N VAL F 155 18.64 -3.63 -50.69
CA VAL F 155 19.32 -4.92 -50.54
C VAL F 155 18.69 -5.63 -49.35
N SER F 156 18.69 -6.97 -49.42
CA SER F 156 18.13 -7.79 -48.36
C SER F 156 19.07 -8.93 -48.01
N ILE F 157 19.22 -9.15 -46.71
CA ILE F 157 20.07 -10.20 -46.14
C ILE F 157 19.17 -11.22 -45.46
N SER F 158 19.47 -12.50 -45.65
CA SER F 158 18.62 -13.57 -45.12
C SER F 158 19.40 -14.44 -44.15
N CYS F 159 18.66 -14.99 -43.20
CA CYS F 159 19.19 -15.83 -42.12
C CYS F 159 18.18 -16.94 -41.90
N ARG F 160 18.67 -18.10 -41.47
CA ARG F 160 17.80 -19.26 -41.31
C ARG F 160 18.24 -20.09 -40.12
N SER F 161 17.27 -20.71 -39.46
CA SER F 161 17.49 -21.40 -38.19
C SER F 161 17.07 -22.85 -38.27
N SER F 162 17.82 -23.71 -37.60
CA SER F 162 17.50 -25.13 -37.52
C SER F 162 16.29 -25.41 -36.64
N LYS F 163 15.79 -24.40 -35.92
CA LYS F 163 14.64 -24.56 -35.04
C LYS F 163 13.80 -23.30 -35.12
N SER F 164 12.50 -23.45 -34.86
CA SER F 164 11.62 -22.29 -34.82
C SER F 164 11.95 -21.42 -33.62
N LEU F 165 12.24 -20.14 -33.88
CA LEU F 165 12.52 -19.15 -32.86
C LEU F 165 11.28 -18.48 -32.30
N LEU F 166 10.10 -18.76 -32.84
CA LEU F 166 8.84 -18.28 -32.26
C LEU F 166 8.51 -19.09 -31.01
N HIS F 167 8.61 -18.43 -29.85
CA HIS F 167 8.22 -19.03 -28.59
C HIS F 167 6.71 -18.90 -28.42
N SER F 168 6.15 -19.74 -27.54
CA SER F 168 4.71 -19.70 -27.31
C SER F 168 4.20 -18.40 -26.69
N ASN F 169 5.06 -17.61 -26.06
CA ASN F 169 4.65 -16.28 -25.62
C ASN F 169 4.50 -15.29 -26.77
N GLY F 170 4.87 -15.68 -27.99
CA GLY F 170 4.66 -14.85 -29.16
C GLY F 170 5.84 -13.99 -29.59
N ASN F 171 6.93 -13.97 -28.84
CA ASN F 171 8.13 -13.28 -29.30
C ASN F 171 8.93 -14.15 -30.26
N THR F 172 9.58 -13.51 -31.23
CA THR F 172 10.60 -14.15 -32.06
C THR F 172 11.97 -13.61 -31.69
N TYR F 173 12.77 -14.44 -31.03
CA TYR F 173 14.04 -14.02 -30.41
C TYR F 173 15.20 -13.99 -31.42
N LEU F 174 15.05 -13.17 -32.46
CA LEU F 174 16.12 -12.97 -33.43
C LEU F 174 16.69 -11.55 -33.30
N TYR F 175 18.01 -11.45 -33.38
CA TYR F 175 18.73 -10.18 -33.34
C TYR F 175 19.59 -10.01 -34.59
N TRP F 176 19.80 -8.76 -35.01
CA TRP F 176 20.71 -8.44 -36.10
C TRP F 176 21.76 -7.45 -35.64
N PHE F 177 23.02 -7.70 -35.98
CA PHE F 177 24.13 -6.80 -35.68
C PHE F 177 24.86 -6.41 -36.96
N LEU F 178 25.39 -5.20 -36.99
CA LEU F 178 26.32 -4.75 -38.01
C LEU F 178 27.68 -4.50 -37.37
N GLN F 179 28.73 -5.06 -37.96
CA GLN F 179 30.10 -4.67 -37.66
C GLN F 179 30.71 -3.92 -38.83
N ARG F 180 31.06 -2.67 -38.60
CA ARG F 180 31.85 -1.91 -39.56
C ARG F 180 33.32 -2.24 -39.42
N PRO F 181 34.10 -2.10 -40.49
CA PRO F 181 35.44 -2.72 -40.52
C PRO F 181 36.39 -2.19 -39.47
N GLY F 182 36.15 -1.01 -38.90
CA GLY F 182 37.00 -0.46 -37.87
C GLY F 182 36.41 -0.42 -36.47
N GLN F 183 35.29 -1.10 -36.23
CA GLN F 183 34.49 -0.87 -35.04
C GLN F 183 34.07 -2.21 -34.45
N SER F 184 33.63 -2.17 -33.20
CA SER F 184 32.89 -3.26 -32.61
C SER F 184 31.46 -3.30 -33.15
N PRO F 185 30.78 -4.44 -33.03
CA PRO F 185 29.43 -4.56 -33.57
C PRO F 185 28.47 -3.54 -32.99
N GLN F 186 27.42 -3.27 -33.75
CA GLN F 186 26.33 -2.41 -33.33
C GLN F 186 25.00 -3.14 -33.49
N LEU F 187 24.14 -3.03 -32.48
CA LEU F 187 22.81 -3.61 -32.58
C LEU F 187 21.96 -2.83 -33.57
N LEU F 188 21.35 -3.53 -34.52
CA LEU F 188 20.39 -2.93 -35.45
C LEU F 188 18.95 -3.22 -35.07
N ILE F 189 18.62 -4.49 -34.84
CA ILE F 189 17.24 -4.91 -34.65
C ILE F 189 17.19 -5.96 -33.56
N TYR F 190 16.17 -5.88 -32.71
CA TYR F 190 15.98 -6.85 -31.66
C TYR F 190 14.58 -7.46 -31.73
N ARG F 191 14.51 -8.73 -31.40
CA ARG F 191 13.31 -9.57 -31.53
C ARG F 191 12.63 -9.40 -32.88
N MET F 192 13.42 -9.66 -33.92
CA MET F 192 13.01 -9.66 -35.32
C MET F 192 12.56 -8.33 -35.91
N SER F 193 11.81 -7.52 -35.17
CA SER F 193 11.11 -6.39 -35.77
C SER F 193 11.39 -5.05 -35.14
N ASN F 194 11.85 -4.99 -33.90
CA ASN F 194 12.00 -3.72 -33.21
C ASN F 194 13.29 -3.04 -33.64
N LEU F 195 13.15 -1.85 -34.20
CA LEU F 195 14.31 -1.07 -34.61
C LEU F 195 15.03 -0.54 -33.38
N ALA F 196 16.36 -0.66 -33.37
CA ALA F 196 17.16 -0.12 -32.28
C ALA F 196 17.01 1.40 -32.22
N SER F 197 17.38 1.95 -31.06
CA SER F 197 17.12 3.36 -30.78
C SER F 197 17.89 4.29 -31.69
N GLY F 198 19.16 3.97 -31.96
CA GLY F 198 20.02 4.89 -32.68
C GLY F 198 20.01 4.79 -34.19
N VAL F 199 19.47 3.72 -34.74
CA VAL F 199 19.66 3.42 -36.16
C VAL F 199 18.65 4.14 -37.04
N PRO F 200 19.00 4.46 -38.28
CA PRO F 200 18.04 5.05 -39.22
C PRO F 200 16.86 4.11 -39.49
N ASP F 201 15.73 4.72 -39.80
CA ASP F 201 14.52 3.98 -40.18
C ASP F 201 14.59 3.37 -41.58
N ARG F 202 15.79 3.28 -42.17
CA ARG F 202 15.96 2.60 -43.45
C ARG F 202 16.01 1.09 -43.30
N PHE F 203 16.33 0.59 -42.12
CA PHE F 203 16.37 -0.84 -41.85
C PHE F 203 14.99 -1.37 -41.45
N SER F 204 14.71 -2.60 -41.84
CA SER F 204 13.47 -3.28 -41.45
C SER F 204 13.72 -4.78 -41.37
N GLY F 205 12.95 -5.45 -40.54
CA GLY F 205 13.13 -6.88 -40.30
C GLY F 205 11.83 -7.64 -40.31
N SER F 206 11.88 -8.85 -40.85
CA SER F 206 10.70 -9.68 -41.01
C SER F 206 11.12 -11.15 -40.96
N GLY F 207 10.17 -12.03 -40.69
CA GLY F 207 10.46 -13.45 -40.79
C GLY F 207 9.29 -14.31 -40.38
N SER F 208 9.44 -15.61 -40.65
CA SER F 208 8.41 -16.62 -40.43
C SER F 208 8.48 -17.30 -39.07
N GLY F 209 9.58 -17.15 -38.34
CA GLY F 209 9.89 -17.99 -37.20
C GLY F 209 10.99 -19.00 -37.46
N THR F 210 11.23 -19.34 -38.72
CA THR F 210 12.37 -20.18 -39.09
C THR F 210 13.25 -19.55 -40.16
N ALA F 211 12.74 -18.61 -40.93
CA ALA F 211 13.52 -17.86 -41.91
C ALA F 211 13.20 -16.38 -41.81
N PHE F 212 14.21 -15.54 -41.98
CA PHE F 212 14.12 -14.14 -41.60
C PHE F 212 14.91 -13.32 -42.61
N THR F 213 14.52 -12.05 -42.75
CA THR F 213 15.20 -11.15 -43.67
C THR F 213 15.42 -9.79 -43.00
N LEU F 214 16.62 -9.25 -43.19
CA LEU F 214 16.92 -7.84 -42.97
C LEU F 214 16.97 -7.16 -44.33
N THR F 215 16.33 -5.99 -44.43
CA THR F 215 16.31 -5.24 -45.68
C THR F 215 16.66 -3.78 -45.44
N ILE F 216 17.36 -3.20 -46.41
CA ILE F 216 17.79 -1.82 -46.39
C ILE F 216 17.08 -1.08 -47.52
N SER F 217 16.31 -0.05 -47.16
CA SER F 217 15.55 0.69 -48.17
C SER F 217 16.43 1.53 -49.07
N ARG F 218 17.57 2.02 -48.58
CA ARG F 218 18.44 2.86 -49.39
C ARG F 218 19.85 2.78 -48.80
N LEU F 219 20.75 2.10 -49.51
CA LEU F 219 22.11 1.94 -49.01
C LEU F 219 22.89 3.24 -49.03
N GLU F 220 23.75 3.40 -48.03
CA GLU F 220 24.67 4.52 -47.94
C GLU F 220 26.02 4.00 -47.48
N ALA F 221 27.04 4.84 -47.64
CA ALA F 221 28.42 4.39 -47.48
C ALA F 221 28.68 3.81 -46.09
N GLU F 222 27.96 4.25 -45.06
CA GLU F 222 28.12 3.68 -43.73
C GLU F 222 27.50 2.30 -43.57
N ASP F 223 26.76 1.80 -44.55
CA ASP F 223 26.12 0.49 -44.42
C ASP F 223 27.03 -0.67 -44.79
N VAL F 224 28.22 -0.39 -45.32
CA VAL F 224 29.19 -1.41 -45.63
C VAL F 224 29.73 -2.07 -44.36
N GLY F 225 29.83 -3.40 -44.39
CA GLY F 225 30.28 -4.17 -43.24
C GLY F 225 29.74 -5.58 -43.30
N VAL F 226 29.88 -6.28 -42.18
CA VAL F 226 29.39 -7.64 -42.02
C VAL F 226 28.18 -7.67 -41.10
N TYR F 227 27.12 -8.33 -41.54
CA TYR F 227 25.87 -8.44 -40.79
C TYR F 227 25.76 -9.83 -40.19
N TYR F 228 25.57 -9.90 -38.87
CA TYR F 228 25.42 -11.16 -38.15
C TYR F 228 24.03 -11.25 -37.56
N CYS F 229 23.33 -12.35 -37.82
CA CYS F 229 22.15 -12.71 -37.04
C CYS F 229 22.54 -13.52 -35.81
N MET F 230 21.72 -13.41 -34.76
CA MET F 230 21.90 -14.19 -33.55
C MET F 230 20.55 -14.62 -33.02
N GLN F 231 20.48 -15.85 -32.50
CA GLN F 231 19.32 -16.31 -31.76
C GLN F 231 19.52 -16.09 -30.27
N HIS F 232 18.43 -15.81 -29.57
CA HIS F 232 18.45 -15.70 -28.11
C HIS F 232 17.39 -16.57 -27.46
N LEU F 233 16.92 -17.61 -28.15
CA LEU F 233 15.93 -18.52 -27.57
C LEU F 233 16.52 -19.37 -26.46
N GLU F 234 17.76 -19.83 -26.63
CA GLU F 234 18.36 -20.77 -25.69
C GLU F 234 19.84 -20.47 -25.55
N TYR F 235 20.37 -20.74 -24.38
CA TYR F 235 21.81 -20.84 -24.22
C TYR F 235 22.29 -22.23 -24.67
N PRO F 236 23.45 -22.32 -25.33
CA PRO F 236 24.35 -21.26 -25.78
C PRO F 236 23.78 -20.35 -26.86
N LEU F 237 24.08 -19.05 -26.75
CA LEU F 237 23.80 -18.14 -27.84
C LEU F 237 24.67 -18.48 -29.04
N THR F 238 24.11 -18.36 -30.24
CA THR F 238 24.82 -18.73 -31.45
C THR F 238 24.64 -17.67 -32.52
N PHE F 239 25.73 -17.32 -33.19
CA PHE F 239 25.72 -16.34 -34.27
C PHE F 239 25.75 -17.04 -35.62
N GLY F 240 25.22 -16.35 -36.63
CA GLY F 240 25.48 -16.72 -38.00
C GLY F 240 26.92 -16.46 -38.40
N ALA F 241 27.30 -17.04 -39.54
CA ALA F 241 28.64 -16.83 -40.07
C ALA F 241 28.87 -15.41 -40.55
N GLY F 242 27.81 -14.64 -40.74
CA GLY F 242 27.93 -13.26 -41.19
C GLY F 242 27.91 -13.11 -42.71
N THR F 243 27.27 -12.05 -43.18
CA THR F 243 27.23 -11.71 -44.61
C THR F 243 27.90 -10.36 -44.82
N LYS F 244 28.94 -10.34 -45.63
CA LYS F 244 29.57 -9.09 -46.03
C LYS F 244 28.74 -8.36 -47.07
N LEU F 245 28.71 -7.04 -46.99
CA LEU F 245 28.39 -6.18 -48.11
C LEU F 245 29.66 -5.55 -48.66
N GLU F 246 29.84 -5.65 -49.97
CA GLU F 246 30.99 -5.07 -50.65
C GLU F 246 30.57 -3.83 -51.42
N LEU F 247 31.25 -2.72 -51.15
CA LEU F 247 30.81 -1.42 -51.65
C LEU F 247 32.02 -0.56 -51.98
N CYS G 1 9.25 -46.45 25.67
CA CYS G 1 10.08 -45.57 26.53
C CYS G 1 11.15 -44.94 25.65
N TYR G 2 11.20 -43.61 25.70
CA TYR G 2 11.68 -42.82 24.57
C TYR G 2 13.18 -42.61 24.55
N PHE G 3 13.83 -42.57 25.72
CA PHE G 3 15.27 -42.36 25.79
C PHE G 3 15.91 -43.36 26.74
N GLN G 4 15.16 -44.38 27.14
CA GLN G 4 15.59 -45.35 28.13
C GLN G 4 14.84 -46.64 27.82
N ASN G 5 15.46 -47.78 28.12
CA ASN G 5 14.79 -49.05 27.88
C ASN G 5 13.55 -49.18 28.74
N CYS G 6 12.48 -49.69 28.13
CA CYS G 6 11.28 -50.00 28.88
C CYS G 6 11.52 -51.15 29.86
N PRO G 7 10.67 -51.29 30.87
CA PRO G 7 10.86 -52.38 31.84
C PRO G 7 10.64 -53.77 31.26
N ARG G 8 9.94 -53.90 30.14
CA ARG G 8 9.46 -55.20 29.68
C ARG G 8 9.67 -55.33 28.19
N GLY G 9 9.62 -56.56 27.71
CA GLY G 9 9.71 -56.84 26.29
C GLY G 9 9.46 -58.31 25.96
#